data_5CU8
# 
_entry.id   5CU8 
# 
_audit_conform.dict_name       mmcif_pdbx.dic 
_audit_conform.dict_version    5.391 
_audit_conform.dict_location   http://mmcif.pdb.org/dictionaries/ascii/mmcif_pdbx.dic 
# 
loop_
_database_2.database_id 
_database_2.database_code 
_database_2.pdbx_database_accession 
_database_2.pdbx_DOI 
PDB   5CU8         pdb_00005cu8 10.2210/pdb5cu8/pdb 
WWPDB D_1000212198 ?            ?                   
# 
loop_
_pdbx_audit_revision_history.ordinal 
_pdbx_audit_revision_history.data_content_type 
_pdbx_audit_revision_history.major_revision 
_pdbx_audit_revision_history.minor_revision 
_pdbx_audit_revision_history.revision_date 
1 'Structure model' 1 0 2015-09-09 
2 'Structure model' 2 0 2024-05-08 
# 
_pdbx_audit_revision_details.ordinal             1 
_pdbx_audit_revision_details.revision_ordinal    1 
_pdbx_audit_revision_details.data_content_type   'Structure model' 
_pdbx_audit_revision_details.provider            repository 
_pdbx_audit_revision_details.type                'Initial release' 
_pdbx_audit_revision_details.description         ? 
_pdbx_audit_revision_details.details             ? 
# 
loop_
_pdbx_audit_revision_group.ordinal 
_pdbx_audit_revision_group.revision_ordinal 
_pdbx_audit_revision_group.data_content_type 
_pdbx_audit_revision_group.group 
1 2 'Structure model' 'Atomic model'        
2 2 'Structure model' 'Data collection'     
3 2 'Structure model' 'Database references' 
# 
loop_
_pdbx_audit_revision_category.ordinal 
_pdbx_audit_revision_category.revision_ordinal 
_pdbx_audit_revision_category.data_content_type 
_pdbx_audit_revision_category.category 
1 2 'Structure model' atom_site                   
2 2 'Structure model' chem_comp_atom              
3 2 'Structure model' chem_comp_bond              
4 2 'Structure model' database_2                  
5 2 'Structure model' diffrn_radiation_wavelength 
# 
loop_
_pdbx_audit_revision_item.ordinal 
_pdbx_audit_revision_item.revision_ordinal 
_pdbx_audit_revision_item.data_content_type 
_pdbx_audit_revision_item.item 
1 2 'Structure model' '_atom_site.occupancy'                
2 2 'Structure model' '_database_2.pdbx_DOI'                
3 2 'Structure model' '_database_2.pdbx_database_accession' 
# 
_pdbx_database_status.status_code                     REL 
_pdbx_database_status.status_code_sf                  REL 
_pdbx_database_status.status_code_mr                  ? 
_pdbx_database_status.entry_id                        5CU8 
_pdbx_database_status.recvd_initial_deposition_date   2015-07-24 
_pdbx_database_status.SG_entry                        Y 
_pdbx_database_status.deposit_site                    RCSB 
_pdbx_database_status.process_site                    PDBE 
_pdbx_database_status.status_code_cs                  ? 
_pdbx_database_status.methods_development_category    ? 
_pdbx_database_status.pdb_format_compatible           Y 
_pdbx_database_status.status_code_nmr_data            ? 
# 
loop_
_audit_author.name 
_audit_author.pdbx_ordinal 
'Bradley, A.'                          1  
'Pearce, N.'                           2  
'Krojer, T.'                           3  
'Ng, J.'                               4  
'Talon, R.'                            5  
'Vollmar, M.'                          6  
'Jose, B.'                             7  
'von Delft, F.'                        8  
'Bountra, C.'                          9  
'Arrowsmith, C.H.'                     10 
'Edwards, A.'                          11 
'Knapp, S.'                            12 
'Structural Genomics Consortium (SGC)' 13 
# 
_citation.abstract                  ? 
_citation.abstract_id_CAS           ? 
_citation.book_id_ISBN              ? 
_citation.book_publisher            ? 
_citation.book_publisher_city       ? 
_citation.book_title                ? 
_citation.coordinate_linkage        ? 
_citation.country                   ? 
_citation.database_id_Medline       ? 
_citation.details                   ? 
_citation.id                        primary 
_citation.journal_abbrev            'To be published' 
_citation.journal_id_ASTM           ? 
_citation.journal_id_CSD            0353 
_citation.journal_id_ISSN           ? 
_citation.journal_full              ? 
_citation.journal_issue             ? 
_citation.journal_volume            ? 
_citation.language                  ? 
_citation.page_first                ? 
_citation.page_last                 ? 
_citation.title                     
;Crystal structure of the second bromodomain of bromodomain adjancent to zinc finger domain protein 2B (BAZ2B) in complex with 2-Amino-6-chlorobenzothiazole (SGC - Diamond I04-1 fragment screening)
;
_citation.year                      ? 
_citation.database_id_CSD           ? 
_citation.pdbx_database_id_DOI      ? 
_citation.pdbx_database_id_PubMed   ? 
_citation.unpublished_flag          ? 
# 
loop_
_citation_author.citation_id 
_citation_author.name 
_citation_author.ordinal 
_citation_author.identifier_ORCID 
primary 'Bradley, A.'                          1  ? 
primary 'Pearce, N.'                           2  ? 
primary 'Krojer, T.'                           3  ? 
primary 'Ng, J.'                               4  ? 
primary 'Talon, R.'                            5  ? 
primary 'Vollmar, M.'                          6  ? 
primary 'Jose, B.'                             7  ? 
primary 'von Delft, F.'                        8  ? 
primary 'Bountra, C.'                          9  ? 
primary 'Arrowsmith, C.H.'                     10 ? 
primary 'Edwards, A.'                          11 ? 
primary 'Knapp, S.'                            12 ? 
primary 'Structural Genomics Consortium (SGC)' 13 ? 
# 
loop_
_entity.id 
_entity.type 
_entity.src_method 
_entity.pdbx_description 
_entity.formula_weight 
_entity.pdbx_number_of_molecules 
_entity.pdbx_ec 
_entity.pdbx_mutation 
_entity.pdbx_fragment 
_entity.details 
1 polymer     man 'Bromodomain adjacent to zinc finger domain protein 2B' 13432.443 1   ? ? 'Bromodomain, UNP residues 1858-1970' 
? 
2 non-polymer syn 6-chloro-1,3-benzothiazol-2-amine                       184.646   2   ? ? ?                                     
? 
3 non-polymer syn 1,2-ETHANEDIOL                                          62.068    1   ? ? ?                                     
? 
4 water       nat water                                                   18.015    163 ? ? ?                                     
? 
# 
_entity_name_com.entity_id   1 
_entity_name_com.name        hWALp4 
# 
_entity_poly.entity_id                      1 
_entity_poly.type                           'polypeptide(L)' 
_entity_poly.nstd_linkage                   no 
_entity_poly.nstd_monomer                   no 
_entity_poly.pdbx_seq_one_letter_code       
;SMSVKKPKRDDSKDLALCSMILTEMETHEDAWPFLLPVNLKLVPGYKKVIKKPMDFSTIREKLSSGQYPNLETFALDVRL
VFDNCETFNEDDSDIGRAGHNMRKYFEKKWTDTFK
;
_entity_poly.pdbx_seq_one_letter_code_can   
;SMSVKKPKRDDSKDLALCSMILTEMETHEDAWPFLLPVNLKLVPGYKKVIKKPMDFSTIREKLSSGQYPNLETFALDVRL
VFDNCETFNEDDSDIGRAGHNMRKYFEKKWTDTFK
;
_entity_poly.pdbx_strand_id                 A 
_entity_poly.pdbx_target_identifier         ? 
# 
loop_
_pdbx_entity_nonpoly.entity_id 
_pdbx_entity_nonpoly.name 
_pdbx_entity_nonpoly.comp_id 
2 6-chloro-1,3-benzothiazol-2-amine 54T 
3 1,2-ETHANEDIOL                    EDO 
4 water                             HOH 
# 
loop_
_entity_poly_seq.entity_id 
_entity_poly_seq.num 
_entity_poly_seq.mon_id 
_entity_poly_seq.hetero 
1 1   SER n 
1 2   MET n 
1 3   SER n 
1 4   VAL n 
1 5   LYS n 
1 6   LYS n 
1 7   PRO n 
1 8   LYS n 
1 9   ARG n 
1 10  ASP n 
1 11  ASP n 
1 12  SER n 
1 13  LYS n 
1 14  ASP n 
1 15  LEU n 
1 16  ALA n 
1 17  LEU n 
1 18  CYS n 
1 19  SER n 
1 20  MET n 
1 21  ILE n 
1 22  LEU n 
1 23  THR n 
1 24  GLU n 
1 25  MET n 
1 26  GLU n 
1 27  THR n 
1 28  HIS n 
1 29  GLU n 
1 30  ASP n 
1 31  ALA n 
1 32  TRP n 
1 33  PRO n 
1 34  PHE n 
1 35  LEU n 
1 36  LEU n 
1 37  PRO n 
1 38  VAL n 
1 39  ASN n 
1 40  LEU n 
1 41  LYS n 
1 42  LEU n 
1 43  VAL n 
1 44  PRO n 
1 45  GLY n 
1 46  TYR n 
1 47  LYS n 
1 48  LYS n 
1 49  VAL n 
1 50  ILE n 
1 51  LYS n 
1 52  LYS n 
1 53  PRO n 
1 54  MET n 
1 55  ASP n 
1 56  PHE n 
1 57  SER n 
1 58  THR n 
1 59  ILE n 
1 60  ARG n 
1 61  GLU n 
1 62  LYS n 
1 63  LEU n 
1 64  SER n 
1 65  SER n 
1 66  GLY n 
1 67  GLN n 
1 68  TYR n 
1 69  PRO n 
1 70  ASN n 
1 71  LEU n 
1 72  GLU n 
1 73  THR n 
1 74  PHE n 
1 75  ALA n 
1 76  LEU n 
1 77  ASP n 
1 78  VAL n 
1 79  ARG n 
1 80  LEU n 
1 81  VAL n 
1 82  PHE n 
1 83  ASP n 
1 84  ASN n 
1 85  CYS n 
1 86  GLU n 
1 87  THR n 
1 88  PHE n 
1 89  ASN n 
1 90  GLU n 
1 91  ASP n 
1 92  ASP n 
1 93  SER n 
1 94  ASP n 
1 95  ILE n 
1 96  GLY n 
1 97  ARG n 
1 98  ALA n 
1 99  GLY n 
1 100 HIS n 
1 101 ASN n 
1 102 MET n 
1 103 ARG n 
1 104 LYS n 
1 105 TYR n 
1 106 PHE n 
1 107 GLU n 
1 108 LYS n 
1 109 LYS n 
1 110 TRP n 
1 111 THR n 
1 112 ASP n 
1 113 THR n 
1 114 PHE n 
1 115 LYS n 
# 
_entity_src_gen.entity_id                          1 
_entity_src_gen.pdbx_src_id                        1 
_entity_src_gen.pdbx_alt_source_flag               sample 
_entity_src_gen.pdbx_seq_type                      'Biological sequence' 
_entity_src_gen.pdbx_beg_seq_num                   1 
_entity_src_gen.pdbx_end_seq_num                   115 
_entity_src_gen.gene_src_common_name               Human 
_entity_src_gen.gene_src_genus                     ? 
_entity_src_gen.pdbx_gene_src_gene                 'BAZ2B, KIAA1476' 
_entity_src_gen.gene_src_species                   ? 
_entity_src_gen.gene_src_strain                    ? 
_entity_src_gen.gene_src_tissue                    ? 
_entity_src_gen.gene_src_tissue_fraction           ? 
_entity_src_gen.gene_src_details                   ? 
_entity_src_gen.pdbx_gene_src_fragment             ? 
_entity_src_gen.pdbx_gene_src_scientific_name      'Homo sapiens' 
_entity_src_gen.pdbx_gene_src_ncbi_taxonomy_id     9606 
_entity_src_gen.pdbx_gene_src_variant              ? 
_entity_src_gen.pdbx_gene_src_cell_line            ? 
_entity_src_gen.pdbx_gene_src_atcc                 ? 
_entity_src_gen.pdbx_gene_src_organ                ? 
_entity_src_gen.pdbx_gene_src_organelle            ? 
_entity_src_gen.pdbx_gene_src_cell                 ? 
_entity_src_gen.pdbx_gene_src_cellular_location    ? 
_entity_src_gen.host_org_common_name               ? 
_entity_src_gen.pdbx_host_org_scientific_name      'Escherichia coli' 
_entity_src_gen.pdbx_host_org_ncbi_taxonomy_id     562 
_entity_src_gen.host_org_genus                     ? 
_entity_src_gen.pdbx_host_org_gene                 ? 
_entity_src_gen.pdbx_host_org_organ                ? 
_entity_src_gen.host_org_species                   ? 
_entity_src_gen.pdbx_host_org_tissue               ? 
_entity_src_gen.pdbx_host_org_tissue_fraction      ? 
_entity_src_gen.pdbx_host_org_strain               ? 
_entity_src_gen.pdbx_host_org_variant              ? 
_entity_src_gen.pdbx_host_org_cell_line            ? 
_entity_src_gen.pdbx_host_org_atcc                 ? 
_entity_src_gen.pdbx_host_org_culture_collection   ? 
_entity_src_gen.pdbx_host_org_cell                 ? 
_entity_src_gen.pdbx_host_org_organelle            ? 
_entity_src_gen.pdbx_host_org_cellular_location    ? 
_entity_src_gen.pdbx_host_org_vector_type          ? 
_entity_src_gen.pdbx_host_org_vector               ? 
_entity_src_gen.host_org_details                   ? 
_entity_src_gen.expression_system_id               ? 
_entity_src_gen.plasmid_name                       pNIC28 
_entity_src_gen.plasmid_details                    ? 
_entity_src_gen.pdbx_description                   ? 
# 
loop_
_chem_comp.id 
_chem_comp.type 
_chem_comp.mon_nstd_flag 
_chem_comp.name 
_chem_comp.pdbx_synonyms 
_chem_comp.formula 
_chem_comp.formula_weight 
54T non-polymer         . 6-chloro-1,3-benzothiazol-2-amine ?                 'C7 H5 Cl N2 S'  184.646 
ALA 'L-peptide linking' y ALANINE                           ?                 'C3 H7 N O2'     89.093  
ARG 'L-peptide linking' y ARGININE                          ?                 'C6 H15 N4 O2 1' 175.209 
ASN 'L-peptide linking' y ASPARAGINE                        ?                 'C4 H8 N2 O3'    132.118 
ASP 'L-peptide linking' y 'ASPARTIC ACID'                   ?                 'C4 H7 N O4'     133.103 
CYS 'L-peptide linking' y CYSTEINE                          ?                 'C3 H7 N O2 S'   121.158 
EDO non-polymer         . 1,2-ETHANEDIOL                    'ETHYLENE GLYCOL' 'C2 H6 O2'       62.068  
GLN 'L-peptide linking' y GLUTAMINE                         ?                 'C5 H10 N2 O3'   146.144 
GLU 'L-peptide linking' y 'GLUTAMIC ACID'                   ?                 'C5 H9 N O4'     147.129 
GLY 'peptide linking'   y GLYCINE                           ?                 'C2 H5 N O2'     75.067  
HIS 'L-peptide linking' y HISTIDINE                         ?                 'C6 H10 N3 O2 1' 156.162 
HOH non-polymer         . WATER                             ?                 'H2 O'           18.015  
ILE 'L-peptide linking' y ISOLEUCINE                        ?                 'C6 H13 N O2'    131.173 
LEU 'L-peptide linking' y LEUCINE                           ?                 'C6 H13 N O2'    131.173 
LYS 'L-peptide linking' y LYSINE                            ?                 'C6 H15 N2 O2 1' 147.195 
MET 'L-peptide linking' y METHIONINE                        ?                 'C5 H11 N O2 S'  149.211 
PHE 'L-peptide linking' y PHENYLALANINE                     ?                 'C9 H11 N O2'    165.189 
PRO 'L-peptide linking' y PROLINE                           ?                 'C5 H9 N O2'     115.130 
SER 'L-peptide linking' y SERINE                            ?                 'C3 H7 N O3'     105.093 
THR 'L-peptide linking' y THREONINE                         ?                 'C4 H9 N O3'     119.119 
TRP 'L-peptide linking' y TRYPTOPHAN                        ?                 'C11 H12 N2 O2'  204.225 
TYR 'L-peptide linking' y TYROSINE                          ?                 'C9 H11 N O3'    181.189 
VAL 'L-peptide linking' y VALINE                            ?                 'C5 H11 N O2'    117.146 
# 
loop_
_pdbx_poly_seq_scheme.asym_id 
_pdbx_poly_seq_scheme.entity_id 
_pdbx_poly_seq_scheme.seq_id 
_pdbx_poly_seq_scheme.mon_id 
_pdbx_poly_seq_scheme.ndb_seq_num 
_pdbx_poly_seq_scheme.pdb_seq_num 
_pdbx_poly_seq_scheme.auth_seq_num 
_pdbx_poly_seq_scheme.pdb_mon_id 
_pdbx_poly_seq_scheme.auth_mon_id 
_pdbx_poly_seq_scheme.pdb_strand_id 
_pdbx_poly_seq_scheme.pdb_ins_code 
_pdbx_poly_seq_scheme.hetero 
A 1 1   SER 1   1856 1856 SER SER A . n 
A 1 2   MET 2   1857 1857 MET MET A . n 
A 1 3   SER 3   1858 1858 SER SER A . n 
A 1 4   VAL 4   1859 1859 VAL VAL A . n 
A 1 5   LYS 5   1860 1860 LYS LYS A . n 
A 1 6   LYS 6   1861 1861 LYS LYS A . n 
A 1 7   PRO 7   1862 1862 PRO PRO A . n 
A 1 8   LYS 8   1863 1863 LYS LYS A . n 
A 1 9   ARG 9   1864 1864 ARG ARG A . n 
A 1 10  ASP 10  1865 1865 ASP ASP A . n 
A 1 11  ASP 11  1866 1866 ASP ASP A . n 
A 1 12  SER 12  1867 1867 SER SER A . n 
A 1 13  LYS 13  1868 1868 LYS LYS A . n 
A 1 14  ASP 14  1869 1869 ASP ASP A . n 
A 1 15  LEU 15  1870 1870 LEU LEU A . n 
A 1 16  ALA 16  1871 1871 ALA ALA A . n 
A 1 17  LEU 17  1872 1872 LEU LEU A . n 
A 1 18  CYS 18  1873 1873 CYS CYS A . n 
A 1 19  SER 19  1874 1874 SER SER A . n 
A 1 20  MET 20  1875 1875 MET MET A . n 
A 1 21  ILE 21  1876 1876 ILE ILE A . n 
A 1 22  LEU 22  1877 1877 LEU LEU A . n 
A 1 23  THR 23  1878 1878 THR THR A . n 
A 1 24  GLU 24  1879 1879 GLU GLU A . n 
A 1 25  MET 25  1880 1880 MET MET A . n 
A 1 26  GLU 26  1881 1881 GLU GLU A . n 
A 1 27  THR 27  1882 1882 THR THR A . n 
A 1 28  HIS 28  1883 1883 HIS HIS A . n 
A 1 29  GLU 29  1884 1884 GLU GLU A . n 
A 1 30  ASP 30  1885 1885 ASP ASP A . n 
A 1 31  ALA 31  1886 1886 ALA ALA A . n 
A 1 32  TRP 32  1887 1887 TRP TRP A . n 
A 1 33  PRO 33  1888 1888 PRO PRO A . n 
A 1 34  PHE 34  1889 1889 PHE PHE A . n 
A 1 35  LEU 35  1890 1890 LEU LEU A . n 
A 1 36  LEU 36  1891 1891 LEU LEU A . n 
A 1 37  PRO 37  1892 1892 PRO PRO A . n 
A 1 38  VAL 38  1893 1893 VAL VAL A . n 
A 1 39  ASN 39  1894 1894 ASN ASN A . n 
A 1 40  LEU 40  1895 1895 LEU LEU A . n 
A 1 41  LYS 41  1896 1896 LYS LYS A . n 
A 1 42  LEU 42  1897 1897 LEU LEU A . n 
A 1 43  VAL 43  1898 1898 VAL VAL A . n 
A 1 44  PRO 44  1899 1899 PRO PRO A . n 
A 1 45  GLY 45  1900 1900 GLY GLY A . n 
A 1 46  TYR 46  1901 1901 TYR TYR A . n 
A 1 47  LYS 47  1902 1902 LYS LYS A . n 
A 1 48  LYS 48  1903 1903 LYS LYS A . n 
A 1 49  VAL 49  1904 1904 VAL VAL A . n 
A 1 50  ILE 50  1905 1905 ILE ILE A . n 
A 1 51  LYS 51  1906 1906 LYS LYS A . n 
A 1 52  LYS 52  1907 1907 LYS LYS A . n 
A 1 53  PRO 53  1908 1908 PRO PRO A . n 
A 1 54  MET 54  1909 1909 MET MET A . n 
A 1 55  ASP 55  1910 1910 ASP ASP A . n 
A 1 56  PHE 56  1911 1911 PHE PHE A . n 
A 1 57  SER 57  1912 1912 SER SER A . n 
A 1 58  THR 58  1913 1913 THR THR A . n 
A 1 59  ILE 59  1914 1914 ILE ILE A . n 
A 1 60  ARG 60  1915 1915 ARG ARG A . n 
A 1 61  GLU 61  1916 1916 GLU GLU A . n 
A 1 62  LYS 62  1917 1917 LYS LYS A . n 
A 1 63  LEU 63  1918 1918 LEU LEU A . n 
A 1 64  SER 64  1919 1919 SER SER A . n 
A 1 65  SER 65  1920 1920 SER SER A . n 
A 1 66  GLY 66  1921 1921 GLY GLY A . n 
A 1 67  GLN 67  1922 1922 GLN GLN A . n 
A 1 68  TYR 68  1923 1923 TYR TYR A . n 
A 1 69  PRO 69  1924 1924 PRO PRO A . n 
A 1 70  ASN 70  1925 1925 ASN ASN A . n 
A 1 71  LEU 71  1926 1926 LEU LEU A . n 
A 1 72  GLU 72  1927 1927 GLU GLU A . n 
A 1 73  THR 73  1928 1928 THR THR A . n 
A 1 74  PHE 74  1929 1929 PHE PHE A . n 
A 1 75  ALA 75  1930 1930 ALA ALA A . n 
A 1 76  LEU 76  1931 1931 LEU LEU A . n 
A 1 77  ASP 77  1932 1932 ASP ASP A . n 
A 1 78  VAL 78  1933 1933 VAL VAL A . n 
A 1 79  ARG 79  1934 1934 ARG ARG A . n 
A 1 80  LEU 80  1935 1935 LEU LEU A . n 
A 1 81  VAL 81  1936 1936 VAL VAL A . n 
A 1 82  PHE 82  1937 1937 PHE PHE A . n 
A 1 83  ASP 83  1938 1938 ASP ASP A . n 
A 1 84  ASN 84  1939 1939 ASN ASN A . n 
A 1 85  CYS 85  1940 1940 CYS CYS A . n 
A 1 86  GLU 86  1941 1941 GLU GLU A . n 
A 1 87  THR 87  1942 1942 THR THR A . n 
A 1 88  PHE 88  1943 1943 PHE PHE A . n 
A 1 89  ASN 89  1944 1944 ASN ASN A . n 
A 1 90  GLU 90  1945 1945 GLU GLU A . n 
A 1 91  ASP 91  1946 1946 ASP ASP A . n 
A 1 92  ASP 92  1947 1947 ASP ASP A . n 
A 1 93  SER 93  1948 1948 SER SER A . n 
A 1 94  ASP 94  1949 1949 ASP ASP A . n 
A 1 95  ILE 95  1950 1950 ILE ILE A . n 
A 1 96  GLY 96  1951 1951 GLY GLY A . n 
A 1 97  ARG 97  1952 1952 ARG ARG A . n 
A 1 98  ALA 98  1953 1953 ALA ALA A . n 
A 1 99  GLY 99  1954 1954 GLY GLY A . n 
A 1 100 HIS 100 1955 1955 HIS HIS A . n 
A 1 101 ASN 101 1956 1956 ASN ASN A . n 
A 1 102 MET 102 1957 1957 MET MET A . n 
A 1 103 ARG 103 1958 1958 ARG ARG A . n 
A 1 104 LYS 104 1959 1959 LYS LYS A . n 
A 1 105 TYR 105 1960 1960 TYR TYR A . n 
A 1 106 PHE 106 1961 1961 PHE PHE A . n 
A 1 107 GLU 107 1962 1962 GLU GLU A . n 
A 1 108 LYS 108 1963 1963 LYS LYS A . n 
A 1 109 LYS 109 1964 1964 LYS LYS A . n 
A 1 110 TRP 110 1965 1965 TRP TRP A . n 
A 1 111 THR 111 1966 1966 THR THR A . n 
A 1 112 ASP 112 1967 1967 ASP ASP A . n 
A 1 113 THR 113 1968 1968 THR THR A . n 
A 1 114 PHE 114 1969 1969 PHE PHE A . n 
A 1 115 LYS 115 1970 1970 LYS LYS A . n 
# 
loop_
_pdbx_nonpoly_scheme.asym_id 
_pdbx_nonpoly_scheme.entity_id 
_pdbx_nonpoly_scheme.mon_id 
_pdbx_nonpoly_scheme.ndb_seq_num 
_pdbx_nonpoly_scheme.pdb_seq_num 
_pdbx_nonpoly_scheme.auth_seq_num 
_pdbx_nonpoly_scheme.pdb_mon_id 
_pdbx_nonpoly_scheme.auth_mon_id 
_pdbx_nonpoly_scheme.pdb_strand_id 
_pdbx_nonpoly_scheme.pdb_ins_code 
B 2 54T 1   2001 1   54T LIG A . 
C 2 54T 1   2002 2   54T LIG A . 
D 3 EDO 1   2003 1   EDO EDO A . 
E 4 HOH 1   2101 91  HOH HOH A . 
E 4 HOH 2   2102 37  HOH HOH A . 
E 4 HOH 3   2103 156 HOH HOH A . 
E 4 HOH 4   2104 123 HOH HOH A . 
E 4 HOH 5   2105 74  HOH HOH A . 
E 4 HOH 6   2106 151 HOH HOH A . 
E 4 HOH 7   2107 135 HOH HOH A . 
E 4 HOH 8   2108 149 HOH HOH A . 
E 4 HOH 9   2109 40  HOH HOH A . 
E 4 HOH 10  2110 87  HOH HOH A . 
E 4 HOH 11  2111 38  HOH HOH A . 
E 4 HOH 12  2112 57  HOH HOH A . 
E 4 HOH 13  2113 23  HOH HOH A . 
E 4 HOH 14  2114 147 HOH HOH A . 
E 4 HOH 15  2115 21  HOH HOH A . 
E 4 HOH 16  2116 59  HOH HOH A . 
E 4 HOH 17  2117 39  HOH HOH A . 
E 4 HOH 18  2118 104 HOH HOH A . 
E 4 HOH 19  2119 25  HOH HOH A . 
E 4 HOH 20  2120 69  HOH HOH A . 
E 4 HOH 21  2121 47  HOH HOH A . 
E 4 HOH 22  2122 44  HOH HOH A . 
E 4 HOH 23  2123 80  HOH HOH A . 
E 4 HOH 24  2124 16  HOH HOH A . 
E 4 HOH 25  2125 65  HOH HOH A . 
E 4 HOH 26  2126 60  HOH HOH A . 
E 4 HOH 27  2127 72  HOH HOH A . 
E 4 HOH 28  2128 46  HOH HOH A . 
E 4 HOH 29  2129 2   HOH HOH A . 
E 4 HOH 30  2130 5   HOH HOH A . 
E 4 HOH 31  2131 29  HOH HOH A . 
E 4 HOH 32  2132 41  HOH HOH A . 
E 4 HOH 33  2133 163 HOH HOH A . 
E 4 HOH 34  2134 35  HOH HOH A . 
E 4 HOH 35  2135 14  HOH HOH A . 
E 4 HOH 36  2136 93  HOH HOH A . 
E 4 HOH 37  2137 6   HOH HOH A . 
E 4 HOH 38  2138 52  HOH HOH A . 
E 4 HOH 39  2139 121 HOH HOH A . 
E 4 HOH 40  2140 31  HOH HOH A . 
E 4 HOH 41  2141 15  HOH HOH A . 
E 4 HOH 42  2142 67  HOH HOH A . 
E 4 HOH 43  2143 50  HOH HOH A . 
E 4 HOH 44  2144 70  HOH HOH A . 
E 4 HOH 45  2145 4   HOH HOH A . 
E 4 HOH 46  2146 124 HOH HOH A . 
E 4 HOH 47  2147 137 HOH HOH A . 
E 4 HOH 48  2148 42  HOH HOH A . 
E 4 HOH 49  2149 45  HOH HOH A . 
E 4 HOH 50  2150 34  HOH HOH A . 
E 4 HOH 51  2151 26  HOH HOH A . 
E 4 HOH 52  2152 136 HOH HOH A . 
E 4 HOH 53  2153 22  HOH HOH A . 
E 4 HOH 54  2154 158 HOH HOH A . 
E 4 HOH 55  2155 24  HOH HOH A . 
E 4 HOH 56  2156 7   HOH HOH A . 
E 4 HOH 57  2157 88  HOH HOH A . 
E 4 HOH 58  2158 92  HOH HOH A . 
E 4 HOH 59  2159 20  HOH HOH A . 
E 4 HOH 60  2160 89  HOH HOH A . 
E 4 HOH 61  2161 10  HOH HOH A . 
E 4 HOH 62  2162 1   HOH HOH A . 
E 4 HOH 63  2163 62  HOH HOH A . 
E 4 HOH 64  2164 51  HOH HOH A . 
E 4 HOH 65  2165 140 HOH HOH A . 
E 4 HOH 66  2166 17  HOH HOH A . 
E 4 HOH 67  2167 49  HOH HOH A . 
E 4 HOH 68  2168 86  HOH HOH A . 
E 4 HOH 69  2169 36  HOH HOH A . 
E 4 HOH 70  2170 79  HOH HOH A . 
E 4 HOH 71  2171 85  HOH HOH A . 
E 4 HOH 72  2172 82  HOH HOH A . 
E 4 HOH 73  2173 19  HOH HOH A . 
E 4 HOH 74  2174 33  HOH HOH A . 
E 4 HOH 75  2175 71  HOH HOH A . 
E 4 HOH 76  2176 73  HOH HOH A . 
E 4 HOH 77  2177 95  HOH HOH A . 
E 4 HOH 78  2178 133 HOH HOH A . 
E 4 HOH 79  2179 12  HOH HOH A . 
E 4 HOH 80  2180 78  HOH HOH A . 
E 4 HOH 81  2181 9   HOH HOH A . 
E 4 HOH 82  2182 61  HOH HOH A . 
E 4 HOH 83  2183 118 HOH HOH A . 
E 4 HOH 84  2184 77  HOH HOH A . 
E 4 HOH 85  2185 106 HOH HOH A . 
E 4 HOH 86  2186 63  HOH HOH A . 
E 4 HOH 87  2187 18  HOH HOH A . 
E 4 HOH 88  2188 129 HOH HOH A . 
E 4 HOH 89  2189 103 HOH HOH A . 
E 4 HOH 90  2190 84  HOH HOH A . 
E 4 HOH 91  2191 27  HOH HOH A . 
E 4 HOH 92  2192 55  HOH HOH A . 
E 4 HOH 93  2193 8   HOH HOH A . 
E 4 HOH 94  2194 54  HOH HOH A . 
E 4 HOH 95  2195 132 HOH HOH A . 
E 4 HOH 96  2196 13  HOH HOH A . 
E 4 HOH 97  2197 3   HOH HOH A . 
E 4 HOH 98  2198 11  HOH HOH A . 
E 4 HOH 99  2199 130 HOH HOH A . 
E 4 HOH 100 2200 144 HOH HOH A . 
E 4 HOH 101 2201 28  HOH HOH A . 
E 4 HOH 102 2202 30  HOH HOH A . 
E 4 HOH 103 2203 139 HOH HOH A . 
E 4 HOH 104 2204 153 HOH HOH A . 
E 4 HOH 105 2205 152 HOH HOH A . 
E 4 HOH 106 2206 90  HOH HOH A . 
E 4 HOH 107 2207 98  HOH HOH A . 
E 4 HOH 108 2208 143 HOH HOH A . 
E 4 HOH 109 2209 160 HOH HOH A . 
E 4 HOH 110 2210 161 HOH HOH A . 
E 4 HOH 111 2211 164 HOH HOH A . 
E 4 HOH 112 2212 142 HOH HOH A . 
E 4 HOH 113 2213 145 HOH HOH A . 
E 4 HOH 114 2214 66  HOH HOH A . 
E 4 HOH 115 2215 154 HOH HOH A . 
E 4 HOH 116 2216 134 HOH HOH A . 
E 4 HOH 117 2217 105 HOH HOH A . 
E 4 HOH 118 2218 159 HOH HOH A . 
E 4 HOH 119 2219 157 HOH HOH A . 
E 4 HOH 120 2220 114 HOH HOH A . 
E 4 HOH 121 2221 112 HOH HOH A . 
E 4 HOH 122 2222 115 HOH HOH A . 
E 4 HOH 123 2223 96  HOH HOH A . 
E 4 HOH 124 2224 155 HOH HOH A . 
E 4 HOH 125 2225 125 HOH HOH A . 
E 4 HOH 126 2226 110 HOH HOH A . 
E 4 HOH 127 2227 122 HOH HOH A . 
E 4 HOH 128 2228 138 HOH HOH A . 
E 4 HOH 129 2229 32  HOH HOH A . 
E 4 HOH 130 2230 100 HOH HOH A . 
E 4 HOH 131 2231 101 HOH HOH A . 
E 4 HOH 132 2232 48  HOH HOH A . 
E 4 HOH 133 2233 119 HOH HOH A . 
E 4 HOH 134 2234 58  HOH HOH A . 
E 4 HOH 135 2235 108 HOH HOH A . 
E 4 HOH 136 2236 127 HOH HOH A . 
E 4 HOH 137 2237 56  HOH HOH A . 
E 4 HOH 138 2238 162 HOH HOH A . 
E 4 HOH 139 2239 99  HOH HOH A . 
E 4 HOH 140 2240 97  HOH HOH A . 
E 4 HOH 141 2241 81  HOH HOH A . 
E 4 HOH 142 2242 76  HOH HOH A . 
E 4 HOH 143 2243 120 HOH HOH A . 
E 4 HOH 144 2244 94  HOH HOH A . 
E 4 HOH 145 2245 53  HOH HOH A . 
E 4 HOH 146 2246 75  HOH HOH A . 
E 4 HOH 147 2247 111 HOH HOH A . 
E 4 HOH 148 2248 150 HOH HOH A . 
E 4 HOH 149 2249 83  HOH HOH A . 
E 4 HOH 150 2250 146 HOH HOH A . 
E 4 HOH 151 2251 117 HOH HOH A . 
E 4 HOH 152 2252 126 HOH HOH A . 
E 4 HOH 153 2253 109 HOH HOH A . 
E 4 HOH 154 2254 128 HOH HOH A . 
E 4 HOH 155 2255 68  HOH HOH A . 
E 4 HOH 156 2256 107 HOH HOH A . 
E 4 HOH 157 2257 43  HOH HOH A . 
E 4 HOH 158 2258 116 HOH HOH A . 
E 4 HOH 159 2259 102 HOH HOH A . 
E 4 HOH 160 2260 64  HOH HOH A . 
E 4 HOH 161 2261 113 HOH HOH A . 
E 4 HOH 162 2262 141 HOH HOH A . 
E 4 HOH 163 2263 131 HOH HOH A . 
# 
loop_
_pdbx_unobs_or_zero_occ_atoms.id 
_pdbx_unobs_or_zero_occ_atoms.PDB_model_num 
_pdbx_unobs_or_zero_occ_atoms.polymer_flag 
_pdbx_unobs_or_zero_occ_atoms.occupancy_flag 
_pdbx_unobs_or_zero_occ_atoms.auth_asym_id 
_pdbx_unobs_or_zero_occ_atoms.auth_comp_id 
_pdbx_unobs_or_zero_occ_atoms.auth_seq_id 
_pdbx_unobs_or_zero_occ_atoms.PDB_ins_code 
_pdbx_unobs_or_zero_occ_atoms.auth_atom_id 
_pdbx_unobs_or_zero_occ_atoms.label_alt_id 
_pdbx_unobs_or_zero_occ_atoms.label_asym_id 
_pdbx_unobs_or_zero_occ_atoms.label_comp_id 
_pdbx_unobs_or_zero_occ_atoms.label_seq_id 
_pdbx_unobs_or_zero_occ_atoms.label_atom_id 
1  1 Y 1 A LYS 1863 ? CG ? A LYS 8   CG 
2  1 Y 1 A LYS 1863 ? CD ? A LYS 8   CD 
3  1 Y 1 A LYS 1863 ? CE ? A LYS 8   CE 
4  1 Y 1 A LYS 1863 ? NZ ? A LYS 8   NZ 
5  1 Y 1 A LYS 1868 ? CE ? A LYS 13  CE 
6  1 Y 1 A LYS 1868 ? NZ ? A LYS 13  NZ 
7  1 Y 1 A LYS 1970 ? CG ? A LYS 115 CG 
8  1 Y 1 A LYS 1970 ? CD ? A LYS 115 CD 
9  1 Y 1 A LYS 1970 ? CE ? A LYS 115 CE 
10 1 Y 1 A LYS 1970 ? NZ ? A LYS 115 NZ 
# 
loop_
_software.citation_id 
_software.classification 
_software.compiler_name 
_software.compiler_version 
_software.contact_author 
_software.contact_author_email 
_software.date 
_software.description 
_software.dependencies 
_software.hardware 
_software.language 
_software.location 
_software.mods 
_software.name 
_software.os 
_software.os_version 
_software.type 
_software.version 
_software.pdbx_ordinal 
? 'data scaling'    ? ? ? ? ? ? ? ? ? ? ? Aimless     ? ? ? 0.2.17 1 
? refinement        ? ? ? ? ? ? ? ? ? ? ? PHENIX      ? ? ? .      2 
? 'data extraction' ? ? ? ? ? ? ? ? ? ? ? PDB_EXTRACT ? ? ? 3.15   3 
# 
_cell.angle_alpha                  90.000 
_cell.angle_alpha_esd              ? 
_cell.angle_beta                   90.000 
_cell.angle_beta_esd               ? 
_cell.angle_gamma                  90.000 
_cell.angle_gamma_esd              ? 
_cell.entry_id                     5CU8 
_cell.details                      ? 
_cell.formula_units_Z              ? 
_cell.length_a                     82.360 
_cell.length_a_esd                 ? 
_cell.length_b                     96.650 
_cell.length_b_esd                 ? 
_cell.length_c                     57.920 
_cell.length_c_esd                 ? 
_cell.volume                       ? 
_cell.volume_esd                   ? 
_cell.Z_PDB                        8 
_cell.reciprocal_angle_alpha       ? 
_cell.reciprocal_angle_beta        ? 
_cell.reciprocal_angle_gamma       ? 
_cell.reciprocal_angle_alpha_esd   ? 
_cell.reciprocal_angle_beta_esd    ? 
_cell.reciprocal_angle_gamma_esd   ? 
_cell.reciprocal_length_a          ? 
_cell.reciprocal_length_b          ? 
_cell.reciprocal_length_c          ? 
_cell.reciprocal_length_a_esd      ? 
_cell.reciprocal_length_b_esd      ? 
_cell.reciprocal_length_c_esd      ? 
_cell.pdbx_unique_axis             ? 
# 
_symmetry.entry_id                         5CU8 
_symmetry.cell_setting                     ? 
_symmetry.Int_Tables_number                20 
_symmetry.space_group_name_Hall            ? 
_symmetry.space_group_name_H-M             'C 2 2 21' 
_symmetry.pdbx_full_space_group_name_H-M   ? 
# 
_exptl.absorpt_coefficient_mu     ? 
_exptl.absorpt_correction_T_max   ? 
_exptl.absorpt_correction_T_min   ? 
_exptl.absorpt_correction_type    ? 
_exptl.absorpt_process_details    ? 
_exptl.entry_id                   5CU8 
_exptl.crystals_number            1 
_exptl.details                    ? 
_exptl.method                     'X-RAY DIFFRACTION' 
_exptl.method_details             ? 
# 
_exptl_crystal.colour                      ? 
_exptl_crystal.density_diffrn              ? 
_exptl_crystal.density_Matthews            4.49 
_exptl_crystal.density_method              ? 
_exptl_crystal.density_percent_sol         72.60 
_exptl_crystal.description                 ? 
_exptl_crystal.F_000                       ? 
_exptl_crystal.id                          1 
_exptl_crystal.preparation                 ? 
_exptl_crystal.size_max                    ? 
_exptl_crystal.size_mid                    ? 
_exptl_crystal.size_min                    ? 
_exptl_crystal.size_rad                    ? 
_exptl_crystal.colour_lustre               ? 
_exptl_crystal.colour_modifier             ? 
_exptl_crystal.colour_primary              ? 
_exptl_crystal.density_meas                ? 
_exptl_crystal.density_meas_esd            ? 
_exptl_crystal.density_meas_gt             ? 
_exptl_crystal.density_meas_lt             ? 
_exptl_crystal.density_meas_temp           ? 
_exptl_crystal.density_meas_temp_esd       ? 
_exptl_crystal.density_meas_temp_gt        ? 
_exptl_crystal.density_meas_temp_lt        ? 
_exptl_crystal.pdbx_crystal_image_url      ? 
_exptl_crystal.pdbx_crystal_image_format   ? 
_exptl_crystal.pdbx_mosaicity              ? 
_exptl_crystal.pdbx_mosaicity_esd          ? 
# 
_exptl_crystal_grow.apparatus       ? 
_exptl_crystal_grow.atmosphere      ? 
_exptl_crystal_grow.crystal_id      1 
_exptl_crystal_grow.details         ? 
_exptl_crystal_grow.method          'VAPOR DIFFUSION, SITTING DROP' 
_exptl_crystal_grow.method_ref      ? 
_exptl_crystal_grow.pH              6.0 
_exptl_crystal_grow.pressure        ? 
_exptl_crystal_grow.pressure_esd    ? 
_exptl_crystal_grow.seeding         ? 
_exptl_crystal_grow.seeding_ref     ? 
_exptl_crystal_grow.temp            277 
_exptl_crystal_grow.temp_details    ? 
_exptl_crystal_grow.temp_esd        ? 
_exptl_crystal_grow.time            ? 
_exptl_crystal_grow.pdbx_details    '20% PEG6000, 10% ethylene glycol, 0.1M MES pH 6.0, 0.1M calcium chloride' 
_exptl_crystal_grow.pdbx_pH_range   ? 
# 
_diffrn.ambient_environment    ? 
_diffrn.ambient_temp           100 
_diffrn.ambient_temp_details   ? 
_diffrn.ambient_temp_esd       ? 
_diffrn.crystal_id             1 
_diffrn.crystal_support        ? 
_diffrn.crystal_treatment      ? 
_diffrn.details                ? 
_diffrn.id                     1 
_diffrn.ambient_pressure       ? 
_diffrn.ambient_pressure_esd   ? 
_diffrn.ambient_pressure_gt    ? 
_diffrn.ambient_pressure_lt    ? 
_diffrn.ambient_temp_gt        ? 
_diffrn.ambient_temp_lt        ? 
# 
_diffrn_detector.details                      ? 
_diffrn_detector.detector                     PIXEL 
_diffrn_detector.diffrn_id                    1 
_diffrn_detector.type                         'PSI PILATUS 6M' 
_diffrn_detector.area_resol_mean              ? 
_diffrn_detector.dtime                        ? 
_diffrn_detector.pdbx_frames_total            ? 
_diffrn_detector.pdbx_collection_time_total   ? 
_diffrn_detector.pdbx_collection_date         2014-05-20 
# 
_diffrn_radiation.collimation                      ? 
_diffrn_radiation.diffrn_id                        1 
_diffrn_radiation.filter_edge                      ? 
_diffrn_radiation.inhomogeneity                    ? 
_diffrn_radiation.monochromator                    ? 
_diffrn_radiation.polarisn_norm                    ? 
_diffrn_radiation.polarisn_ratio                   ? 
_diffrn_radiation.probe                            ? 
_diffrn_radiation.type                             ? 
_diffrn_radiation.xray_symbol                      ? 
_diffrn_radiation.wavelength_id                    1 
_diffrn_radiation.pdbx_monochromatic_or_laue_m_l   M 
_diffrn_radiation.pdbx_wavelength_list             ? 
_diffrn_radiation.pdbx_wavelength                  ? 
_diffrn_radiation.pdbx_diffrn_protocol             'SINGLE WAVELENGTH' 
_diffrn_radiation.pdbx_analyzer                    ? 
_diffrn_radiation.pdbx_scattering_type             x-ray 
# 
_diffrn_radiation_wavelength.id           1 
_diffrn_radiation_wavelength.wavelength   0.92001 
_diffrn_radiation_wavelength.wt           1.0 
# 
_diffrn_source.current                     ? 
_diffrn_source.details                     ? 
_diffrn_source.diffrn_id                   1 
_diffrn_source.power                       ? 
_diffrn_source.size                        ? 
_diffrn_source.source                      SYNCHROTRON 
_diffrn_source.target                      ? 
_diffrn_source.type                        'DIAMOND BEAMLINE I04-1' 
_diffrn_source.voltage                     ? 
_diffrn_source.take-off_angle              ? 
_diffrn_source.pdbx_wavelength_list        0.92001 
_diffrn_source.pdbx_wavelength             ? 
_diffrn_source.pdbx_synchrotron_beamline   I04-1 
_diffrn_source.pdbx_synchrotron_site       Diamond 
# 
_reflns.B_iso_Wilson_estimate            ? 
_reflns.entry_id                         5CU8 
_reflns.data_reduction_details           ? 
_reflns.data_reduction_method            ? 
_reflns.d_resolution_high                2.050 
_reflns.d_resolution_low                 42.540 
_reflns.details                          ? 
_reflns.limit_h_max                      ? 
_reflns.limit_h_min                      ? 
_reflns.limit_k_max                      ? 
_reflns.limit_k_min                      ? 
_reflns.limit_l_max                      ? 
_reflns.limit_l_min                      ? 
_reflns.number_all                       ? 
_reflns.number_obs                       14611 
_reflns.observed_criterion               ? 
_reflns.observed_criterion_F_max         ? 
_reflns.observed_criterion_F_min         ? 
_reflns.observed_criterion_I_max         ? 
_reflns.observed_criterion_I_min         ? 
_reflns.observed_criterion_sigma_F       ? 
_reflns.observed_criterion_sigma_I       ? 
_reflns.percent_possible_obs             98.600 
_reflns.R_free_details                   ? 
_reflns.Rmerge_F_all                     ? 
_reflns.Rmerge_F_obs                     ? 
_reflns.Friedel_coverage                 ? 
_reflns.number_gt                        ? 
_reflns.threshold_expression             ? 
_reflns.pdbx_redundancy                  6.500 
_reflns.pdbx_Rmerge_I_obs                0.117 
_reflns.pdbx_Rmerge_I_all                ? 
_reflns.pdbx_Rsym_value                  ? 
_reflns.pdbx_netI_over_av_sigmaI         ? 
_reflns.pdbx_netI_over_sigmaI            10.800 
_reflns.pdbx_res_netI_over_av_sigmaI_2   ? 
_reflns.pdbx_res_netI_over_sigmaI_2      ? 
_reflns.pdbx_chi_squared                 ? 
_reflns.pdbx_scaling_rejects             ? 
_reflns.pdbx_d_res_high_opt              ? 
_reflns.pdbx_d_res_low_opt               ? 
_reflns.pdbx_d_res_opt_method            ? 
_reflns.phase_calculation_details        ? 
_reflns.pdbx_Rrim_I_all                  ? 
_reflns.pdbx_Rpim_I_all                  0.049 
_reflns.pdbx_d_opt                       ? 
_reflns.pdbx_number_measured_all         94643 
_reflns.pdbx_diffrn_id                   1 
_reflns.pdbx_ordinal                     1 
_reflns.pdbx_CC_half                     0.996 
_reflns.pdbx_R_split                     ? 
# 
loop_
_reflns_shell.d_res_high 
_reflns_shell.d_res_low 
_reflns_shell.meanI_over_sigI_all 
_reflns_shell.meanI_over_sigI_obs 
_reflns_shell.number_measured_all 
_reflns_shell.number_measured_obs 
_reflns_shell.number_possible 
_reflns_shell.number_unique_all 
_reflns_shell.number_unique_obs 
_reflns_shell.percent_possible_all 
_reflns_shell.percent_possible_obs 
_reflns_shell.Rmerge_F_all 
_reflns_shell.Rmerge_F_obs 
_reflns_shell.Rmerge_I_all 
_reflns_shell.Rmerge_I_obs 
_reflns_shell.meanI_over_sigI_gt 
_reflns_shell.meanI_over_uI_all 
_reflns_shell.meanI_over_uI_gt 
_reflns_shell.number_measured_gt 
_reflns_shell.number_unique_gt 
_reflns_shell.percent_possible_gt 
_reflns_shell.Rmerge_F_gt 
_reflns_shell.Rmerge_I_gt 
_reflns_shell.pdbx_redundancy 
_reflns_shell.pdbx_Rsym_value 
_reflns_shell.pdbx_chi_squared 
_reflns_shell.pdbx_netI_over_sigmaI_all 
_reflns_shell.pdbx_netI_over_sigmaI_obs 
_reflns_shell.pdbx_Rrim_I_all 
_reflns_shell.pdbx_Rpim_I_all 
_reflns_shell.pdbx_rejects 
_reflns_shell.pdbx_ordinal 
_reflns_shell.pdbx_diffrn_id 
_reflns_shell.pdbx_CC_half 
_reflns_shell.pdbx_R_split 
2.050 2.100  ? 2.900  7101 ? ? 1062 ? 98.700 ? ? ? ? 0.704 ? ? ? ? ? ? ? ? 6.700 ? ? ? ? ? 0.292 0 1 1 0.900 ? 
9.170 42.540 ? 25.600 1153 ? ? 200  ? 99.100 ? ? ? ? 0.064 ? ? ? ? ? ? ? ? 5.800 ? ? ? ? ? 0.027 0 2 1 0.996 ? 
# 
_refine.aniso_B[1][1]                            ? 
_refine.aniso_B[1][2]                            ? 
_refine.aniso_B[1][3]                            ? 
_refine.aniso_B[2][2]                            ? 
_refine.aniso_B[2][3]                            ? 
_refine.aniso_B[3][3]                            ? 
_refine.B_iso_max                                80.710 
_refine.B_iso_mean                               35.9510 
_refine.B_iso_min                                15.250 
_refine.correlation_coeff_Fo_to_Fc               ? 
_refine.correlation_coeff_Fo_to_Fc_free          ? 
_refine.details                                  ? 
_refine.diff_density_max                         ? 
_refine.diff_density_max_esd                     ? 
_refine.diff_density_min                         ? 
_refine.diff_density_min_esd                     ? 
_refine.diff_density_rms                         ? 
_refine.diff_density_rms_esd                     ? 
_refine.entry_id                                 5CU8 
_refine.pdbx_refine_id                           'X-RAY DIFFRACTION' 
_refine.ls_abs_structure_details                 ? 
_refine.ls_abs_structure_Flack                   ? 
_refine.ls_abs_structure_Flack_esd               ? 
_refine.ls_abs_structure_Rogers                  ? 
_refine.ls_abs_structure_Rogers_esd              ? 
_refine.ls_d_res_high                            2.0500 
_refine.ls_d_res_low                             42.540 
_refine.ls_extinction_coef                       ? 
_refine.ls_extinction_coef_esd                   ? 
_refine.ls_extinction_expression                 ? 
_refine.ls_extinction_method                     ? 
_refine.ls_goodness_of_fit_all                   ? 
_refine.ls_goodness_of_fit_all_esd               ? 
_refine.ls_goodness_of_fit_obs                   ? 
_refine.ls_goodness_of_fit_obs_esd               ? 
_refine.ls_hydrogen_treatment                    ? 
_refine.ls_matrix_type                           ? 
_refine.ls_number_constraints                    ? 
_refine.ls_number_parameters                     ? 
_refine.ls_number_reflns_all                     ? 
_refine.ls_number_reflns_obs                     14596 
_refine.ls_number_reflns_R_free                  738 
_refine.ls_number_reflns_R_work                  ? 
_refine.ls_number_restraints                     ? 
_refine.ls_percent_reflns_obs                    98.2500 
_refine.ls_percent_reflns_R_free                 5.0600 
_refine.ls_R_factor_all                          ? 
_refine.ls_R_factor_obs                          0.1854 
_refine.ls_R_factor_R_free                       0.2297 
_refine.ls_R_factor_R_free_error                 ? 
_refine.ls_R_factor_R_free_error_details         ? 
_refine.ls_R_factor_R_work                       0.1831 
_refine.ls_R_Fsqd_factor_obs                     ? 
_refine.ls_R_I_factor_obs                        ? 
_refine.ls_redundancy_reflns_all                 ? 
_refine.ls_redundancy_reflns_obs                 ? 
_refine.ls_restrained_S_all                      ? 
_refine.ls_restrained_S_obs                      ? 
_refine.ls_shift_over_esd_max                    ? 
_refine.ls_shift_over_esd_mean                   ? 
_refine.ls_structure_factor_coef                 ? 
_refine.ls_weighting_details                     ? 
_refine.ls_weighting_scheme                      ? 
_refine.ls_wR_factor_all                         ? 
_refine.ls_wR_factor_obs                         ? 
_refine.ls_wR_factor_R_free                      ? 
_refine.ls_wR_factor_R_work                      ? 
_refine.occupancy_max                            ? 
_refine.occupancy_min                            ? 
_refine.solvent_model_details                    'FLAT BULK SOLVENT MODEL' 
_refine.solvent_model_param_bsol                 ? 
_refine.solvent_model_param_ksol                 ? 
_refine.ls_R_factor_gt                           ? 
_refine.ls_goodness_of_fit_gt                    ? 
_refine.ls_goodness_of_fit_ref                   ? 
_refine.ls_shift_over_su_max                     ? 
_refine.ls_shift_over_su_max_lt                  ? 
_refine.ls_shift_over_su_mean                    ? 
_refine.ls_shift_over_su_mean_lt                 ? 
_refine.pdbx_ls_sigma_I                          ? 
_refine.pdbx_ls_sigma_F                          1.340 
_refine.pdbx_ls_sigma_Fsqd                       ? 
_refine.pdbx_data_cutoff_high_absF               ? 
_refine.pdbx_data_cutoff_high_rms_absF           ? 
_refine.pdbx_data_cutoff_low_absF                ? 
_refine.pdbx_isotropic_thermal_model             ? 
_refine.pdbx_ls_cross_valid_method               'FREE R-VALUE' 
_refine.pdbx_method_to_determine_struct          'MOLECULAR REPLACEMENT' 
_refine.pdbx_starting_model                      ? 
_refine.pdbx_stereochemistry_target_values       ML 
_refine.pdbx_R_Free_selection_details            ? 
_refine.pdbx_stereochem_target_val_spec_case     ? 
_refine.pdbx_overall_ESU_R                       ? 
_refine.pdbx_overall_ESU_R_Free                  ? 
_refine.pdbx_solvent_vdw_probe_radii             1.1100 
_refine.pdbx_solvent_ion_probe_radii             ? 
_refine.pdbx_solvent_shrinkage_radii             0.9000 
_refine.pdbx_real_space_R                        ? 
_refine.pdbx_density_correlation                 ? 
_refine.pdbx_pd_number_of_powder_patterns        ? 
_refine.pdbx_pd_number_of_points                 ? 
_refine.pdbx_pd_meas_number_of_points            ? 
_refine.pdbx_pd_proc_ls_prof_R_factor            ? 
_refine.pdbx_pd_proc_ls_prof_wR_factor           ? 
_refine.pdbx_pd_Marquardt_correlation_coeff      ? 
_refine.pdbx_pd_Fsqrd_R_factor                   ? 
_refine.pdbx_pd_ls_matrix_band_width             ? 
_refine.pdbx_overall_phase_error                 24.7200 
_refine.pdbx_overall_SU_R_free_Cruickshank_DPI   ? 
_refine.pdbx_overall_SU_R_free_Blow_DPI          ? 
_refine.pdbx_overall_SU_R_Blow_DPI               ? 
_refine.pdbx_TLS_residual_ADP_flag               ? 
_refine.pdbx_diffrn_id                           1 
_refine.overall_SU_B                             ? 
_refine.overall_SU_ML                            0.2900 
_refine.overall_SU_R_Cruickshank_DPI             ? 
_refine.overall_SU_R_free                        ? 
_refine.overall_FOM_free_R_set                   ? 
_refine.overall_FOM_work_R_set                   ? 
_refine.pdbx_average_fsc_overall                 ? 
_refine.pdbx_average_fsc_work                    ? 
_refine.pdbx_average_fsc_free                    ? 
# 
_refine_hist.cycle_id                         final 
_refine_hist.pdbx_refine_id                   'X-RAY DIFFRACTION' 
_refine_hist.d_res_high                       2.0500 
_refine_hist.d_res_low                        42.540 
_refine_hist.pdbx_number_atoms_ligand         26 
_refine_hist.number_atoms_solvent             163 
_refine_hist.number_atoms_total               1119 
_refine_hist.pdbx_number_residues_total       115 
_refine_hist.pdbx_B_iso_mean_ligand           44.47 
_refine_hist.pdbx_B_iso_mean_solvent          43.42 
_refine_hist.pdbx_number_atoms_protein        930 
_refine_hist.pdbx_number_atoms_nucleic_acid   0 
# 
_struct.entry_id                     5CU8 
_struct.title                        
;Crystal structure of the bromodomain of bromodomain adjacent to zinc finger domain protein 2B (BAZ2B) in complex with 2-Amino-6-chlorobenzothiazole (SGC - Diamond I04-1 fragment screening)
;
_struct.pdbx_model_details           ? 
_struct.pdbx_formula_weight          ? 
_struct.pdbx_formula_weight_method   ? 
_struct.pdbx_model_type_details      ? 
_struct.pdbx_CASP_flag               ? 
# 
_struct_keywords.entry_id        5CU8 
_struct_keywords.text            'Structural Genomics, Structural Genomics Consortium, SGC, transcription' 
_struct_keywords.pdbx_keywords   TRANSCRIPTION 
# 
loop_
_struct_asym.id 
_struct_asym.pdbx_blank_PDB_chainid_flag 
_struct_asym.pdbx_modified 
_struct_asym.entity_id 
_struct_asym.details 
A N N 1 ? 
B N N 2 ? 
C N N 2 ? 
D N N 3 ? 
E N N 4 ? 
# 
_struct_ref.id                         1 
_struct_ref.db_name                    UNP 
_struct_ref.db_code                    BAZ2B_HUMAN 
_struct_ref.pdbx_db_accession          Q9UIF8 
_struct_ref.pdbx_db_isoform            Q9UIF8-4 
_struct_ref.entity_id                  1 
_struct_ref.pdbx_seq_one_letter_code   
;SVKKPKRDDSKDLALCSMILTEMETHEDAWPFLLPVNLKLVPGYKKVIKKPMDFSTIREKLSSGQYPNLETFALDVRLVF
DNCETFNEDDSDIGRAGHNMRKYFEKKWTDTFK
;
_struct_ref.pdbx_align_begin           1858 
# 
_struct_ref_seq.align_id                      1 
_struct_ref_seq.ref_id                        1 
_struct_ref_seq.pdbx_PDB_id_code              5CU8 
_struct_ref_seq.pdbx_strand_id                A 
_struct_ref_seq.seq_align_beg                 3 
_struct_ref_seq.pdbx_seq_align_beg_ins_code   ? 
_struct_ref_seq.seq_align_end                 115 
_struct_ref_seq.pdbx_seq_align_end_ins_code   ? 
_struct_ref_seq.pdbx_db_accession             Q9UIF8 
_struct_ref_seq.db_align_beg                  1858 
_struct_ref_seq.pdbx_db_align_beg_ins_code    ? 
_struct_ref_seq.db_align_end                  1970 
_struct_ref_seq.pdbx_db_align_end_ins_code    ? 
_struct_ref_seq.pdbx_auth_seq_align_beg       1858 
_struct_ref_seq.pdbx_auth_seq_align_end       1970 
# 
loop_
_struct_ref_seq_dif.align_id 
_struct_ref_seq_dif.pdbx_pdb_id_code 
_struct_ref_seq_dif.mon_id 
_struct_ref_seq_dif.pdbx_pdb_strand_id 
_struct_ref_seq_dif.seq_num 
_struct_ref_seq_dif.pdbx_pdb_ins_code 
_struct_ref_seq_dif.pdbx_seq_db_name 
_struct_ref_seq_dif.pdbx_seq_db_accession_code 
_struct_ref_seq_dif.db_mon_id 
_struct_ref_seq_dif.pdbx_seq_db_seq_num 
_struct_ref_seq_dif.details 
_struct_ref_seq_dif.pdbx_auth_seq_num 
_struct_ref_seq_dif.pdbx_ordinal 
1 5CU8 SER A 1 ? UNP Q9UIF8 ? ? 'expression tag' 1856 1 
1 5CU8 MET A 2 ? UNP Q9UIF8 ? ? 'expression tag' 1857 2 
# 
_pdbx_struct_assembly.id                   1 
_pdbx_struct_assembly.details              author_and_software_defined_assembly 
_pdbx_struct_assembly.method_details       PISA 
_pdbx_struct_assembly.oligomeric_details   monomeric 
_pdbx_struct_assembly.oligomeric_count     1 
# 
loop_
_pdbx_struct_assembly_prop.biol_id 
_pdbx_struct_assembly_prop.type 
_pdbx_struct_assembly_prop.value 
_pdbx_struct_assembly_prop.details 
1 'ABSA (A^2)' 210  ? 
1 MORE         3    ? 
1 'SSA (A^2)'  7690 ? 
# 
_pdbx_struct_assembly_gen.assembly_id       1 
_pdbx_struct_assembly_gen.oper_expression   1 
_pdbx_struct_assembly_gen.asym_id_list      A,B,C,D,E 
# 
_pdbx_struct_oper_list.id                   1 
_pdbx_struct_oper_list.type                 'identity operation' 
_pdbx_struct_oper_list.name                 1_555 
_pdbx_struct_oper_list.symmetry_operation   x,y,z 
_pdbx_struct_oper_list.matrix[1][1]         1.0000000000 
_pdbx_struct_oper_list.matrix[1][2]         0.0000000000 
_pdbx_struct_oper_list.matrix[1][3]         0.0000000000 
_pdbx_struct_oper_list.vector[1]            0.0000000000 
_pdbx_struct_oper_list.matrix[2][1]         0.0000000000 
_pdbx_struct_oper_list.matrix[2][2]         1.0000000000 
_pdbx_struct_oper_list.matrix[2][3]         0.0000000000 
_pdbx_struct_oper_list.vector[2]            0.0000000000 
_pdbx_struct_oper_list.matrix[3][1]         0.0000000000 
_pdbx_struct_oper_list.matrix[3][2]         0.0000000000 
_pdbx_struct_oper_list.matrix[3][3]         1.0000000000 
_pdbx_struct_oper_list.vector[3]            0.0000000000 
# 
loop_
_struct_conf.conf_type_id 
_struct_conf.id 
_struct_conf.pdbx_PDB_helix_id 
_struct_conf.beg_label_comp_id 
_struct_conf.beg_label_asym_id 
_struct_conf.beg_label_seq_id 
_struct_conf.pdbx_beg_PDB_ins_code 
_struct_conf.end_label_comp_id 
_struct_conf.end_label_asym_id 
_struct_conf.end_label_seq_id 
_struct_conf.pdbx_end_PDB_ins_code 
_struct_conf.beg_auth_comp_id 
_struct_conf.beg_auth_asym_id 
_struct_conf.beg_auth_seq_id 
_struct_conf.end_auth_comp_id 
_struct_conf.end_auth_asym_id 
_struct_conf.end_auth_seq_id 
_struct_conf.pdbx_PDB_helix_class 
_struct_conf.details 
_struct_conf.pdbx_PDB_helix_length 
HELX_P HELX_P1 AA1 LYS A 13 ? HIS A 28  ? LYS A 1868 HIS A 1883 1 ? 16 
HELX_P HELX_P2 AA2 GLU A 29 ? LEU A 35  ? GLU A 1884 LEU A 1890 5 ? 7  
HELX_P HELX_P3 AA3 GLY A 45 ? ILE A 50  ? GLY A 1900 ILE A 1905 1 ? 6  
HELX_P HELX_P4 AA4 ASP A 55 ? SER A 65  ? ASP A 1910 SER A 1920 1 ? 11 
HELX_P HELX_P5 AA5 ASN A 70 ? ASN A 89  ? ASN A 1925 ASN A 1944 1 ? 20 
HELX_P HELX_P6 AA6 SER A 93 ? LYS A 115 ? SER A 1948 LYS A 1970 1 ? 23 
# 
_struct_conf_type.id          HELX_P 
_struct_conf_type.criteria    ? 
_struct_conf_type.reference   ? 
# 
loop_
_struct_site.id 
_struct_site.pdbx_evidence_code 
_struct_site.pdbx_auth_asym_id 
_struct_site.pdbx_auth_comp_id 
_struct_site.pdbx_auth_seq_id 
_struct_site.pdbx_auth_ins_code 
_struct_site.pdbx_num_residues 
_struct_site.details 
AC1 Software A 54T 2001 ? 10 'binding site for residue 54T A 2001' 
AC2 Software A 54T 2002 ? 5  'binding site for residue 54T A 2002' 
AC3 Software A EDO 2003 ? 5  'binding site for residue EDO A 2003' 
# 
loop_
_struct_site_gen.id 
_struct_site_gen.site_id 
_struct_site_gen.pdbx_num_res 
_struct_site_gen.label_comp_id 
_struct_site_gen.label_asym_id 
_struct_site_gen.label_seq_id 
_struct_site_gen.pdbx_auth_ins_code 
_struct_site_gen.auth_comp_id 
_struct_site_gen.auth_asym_id 
_struct_site_gen.auth_seq_id 
_struct_site_gen.label_atom_id 
_struct_site_gen.label_alt_id 
_struct_site_gen.symmetry 
_struct_site_gen.details 
1  AC1 10 PRO A 33  ? PRO A 1888 . ? 1_555 ? 
2  AC1 10 PHE A 34  ? PHE A 1889 . ? 1_555 ? 
3  AC1 10 VAL A 38  ? VAL A 1893 . ? 1_555 ? 
4  AC1 10 PRO A 44  ? PRO A 1899 . ? 4_566 ? 
5  AC1 10 PHE A 88  ? PHE A 1943 . ? 1_555 ? 
6  AC1 10 ASN A 89  ? ASN A 1944 . ? 1_555 ? 
7  AC1 10 ILE A 95  ? ILE A 1950 . ? 1_555 ? 
8  AC1 10 54T C .   ? 54T A 2002 . ? 1_555 ? 
9  AC1 10 HOH E .   ? HOH A 2117 . ? 1_555 ? 
10 AC1 10 HOH E .   ? HOH A 2173 . ? 1_555 ? 
11 AC2 5  LEU A 36  ? LEU A 1891 . ? 1_555 ? 
12 AC2 5  PRO A 37  ? PRO A 1892 . ? 1_555 ? 
13 AC2 5  54T B .   ? 54T A 2001 . ? 1_555 ? 
14 AC2 5  HOH E .   ? HOH A 2105 . ? 1_555 ? 
15 AC2 5  HOH E .   ? HOH A 2136 . ? 1_555 ? 
16 AC3 5  MET A 20  ? MET A 1875 . ? 1_555 ? 
17 AC3 5  GLU A 24  ? GLU A 1879 . ? 1_555 ? 
18 AC3 5  LYS A 109 ? LYS A 1964 . ? 1_555 ? 
19 AC3 5  THR A 113 ? THR A 1968 . ? 1_555 ? 
20 AC3 5  HOH E .   ? HOH A 2157 . ? 1_555 ? 
# 
_pdbx_validate_close_contact.id               1 
_pdbx_validate_close_contact.PDB_model_num    1 
_pdbx_validate_close_contact.auth_atom_id_1   O 
_pdbx_validate_close_contact.auth_asym_id_1   A 
_pdbx_validate_close_contact.auth_comp_id_1   HOH 
_pdbx_validate_close_contact.auth_seq_id_1    2244 
_pdbx_validate_close_contact.PDB_ins_code_1   ? 
_pdbx_validate_close_contact.label_alt_id_1   ? 
_pdbx_validate_close_contact.auth_atom_id_2   O 
_pdbx_validate_close_contact.auth_asym_id_2   A 
_pdbx_validate_close_contact.auth_comp_id_2   HOH 
_pdbx_validate_close_contact.auth_seq_id_2    2252 
_pdbx_validate_close_contact.PDB_ins_code_2   ? 
_pdbx_validate_close_contact.label_alt_id_2   ? 
_pdbx_validate_close_contact.dist             2.17 
# 
_pdbx_validate_torsion.id              1 
_pdbx_validate_torsion.PDB_model_num   1 
_pdbx_validate_torsion.auth_comp_id    ASP 
_pdbx_validate_torsion.auth_asym_id    A 
_pdbx_validate_torsion.auth_seq_id     1947 
_pdbx_validate_torsion.PDB_ins_code    ? 
_pdbx_validate_torsion.label_alt_id    ? 
_pdbx_validate_torsion.phi             -93.56 
_pdbx_validate_torsion.psi             56.11 
# 
_pdbx_SG_project.id                    1 
_pdbx_SG_project.project_name          ? 
_pdbx_SG_project.full_name_of_center   'Structural Genomics Consortium' 
_pdbx_SG_project.initial_of_center     SGC 
# 
_pdbx_struct_special_symmetry.id              1 
_pdbx_struct_special_symmetry.PDB_model_num   1 
_pdbx_struct_special_symmetry.auth_asym_id    A 
_pdbx_struct_special_symmetry.auth_comp_id    HOH 
_pdbx_struct_special_symmetry.auth_seq_id     2107 
_pdbx_struct_special_symmetry.PDB_ins_code    ? 
_pdbx_struct_special_symmetry.label_asym_id   E 
_pdbx_struct_special_symmetry.label_comp_id   HOH 
_pdbx_struct_special_symmetry.label_seq_id    . 
# 
_phasing.method   MR 
# 
_pdbx_distant_solvent_atoms.id                                1 
_pdbx_distant_solvent_atoms.PDB_model_num                     1 
_pdbx_distant_solvent_atoms.auth_atom_id                      O 
_pdbx_distant_solvent_atoms.label_alt_id                      ? 
_pdbx_distant_solvent_atoms.auth_asym_id                      A 
_pdbx_distant_solvent_atoms.auth_comp_id                      HOH 
_pdbx_distant_solvent_atoms.auth_seq_id                       2263 
_pdbx_distant_solvent_atoms.PDB_ins_code                      ? 
_pdbx_distant_solvent_atoms.neighbor_macromolecule_distance   6.85 
_pdbx_distant_solvent_atoms.neighbor_ligand_distance          . 
# 
loop_
_chem_comp_atom.comp_id 
_chem_comp_atom.atom_id 
_chem_comp_atom.type_symbol 
_chem_comp_atom.pdbx_aromatic_flag 
_chem_comp_atom.pdbx_stereo_config 
_chem_comp_atom.pdbx_ordinal 
54T N1   N  Y N 1   
54T C4   C  Y N 2   
54T C5   C  Y N 3   
54T C6   C  Y N 4   
54T CL   CL N N 5   
54T C    C  Y N 6   
54T C3   C  Y N 7   
54T S    S  Y N 8   
54T N    N  N N 9   
54T C2   C  Y N 10  
54T C1   C  Y N 11  
54T H1   H  N N 12  
54T H2   H  N N 13  
54T H3   H  N N 14  
54T H4   H  N N 15  
54T H5   H  N N 16  
ALA N    N  N N 17  
ALA CA   C  N S 18  
ALA C    C  N N 19  
ALA O    O  N N 20  
ALA CB   C  N N 21  
ALA OXT  O  N N 22  
ALA H    H  N N 23  
ALA H2   H  N N 24  
ALA HA   H  N N 25  
ALA HB1  H  N N 26  
ALA HB2  H  N N 27  
ALA HB3  H  N N 28  
ALA HXT  H  N N 29  
ARG N    N  N N 30  
ARG CA   C  N S 31  
ARG C    C  N N 32  
ARG O    O  N N 33  
ARG CB   C  N N 34  
ARG CG   C  N N 35  
ARG CD   C  N N 36  
ARG NE   N  N N 37  
ARG CZ   C  N N 38  
ARG NH1  N  N N 39  
ARG NH2  N  N N 40  
ARG OXT  O  N N 41  
ARG H    H  N N 42  
ARG H2   H  N N 43  
ARG HA   H  N N 44  
ARG HB2  H  N N 45  
ARG HB3  H  N N 46  
ARG HG2  H  N N 47  
ARG HG3  H  N N 48  
ARG HD2  H  N N 49  
ARG HD3  H  N N 50  
ARG HE   H  N N 51  
ARG HH11 H  N N 52  
ARG HH12 H  N N 53  
ARG HH21 H  N N 54  
ARG HH22 H  N N 55  
ARG HXT  H  N N 56  
ASN N    N  N N 57  
ASN CA   C  N S 58  
ASN C    C  N N 59  
ASN O    O  N N 60  
ASN CB   C  N N 61  
ASN CG   C  N N 62  
ASN OD1  O  N N 63  
ASN ND2  N  N N 64  
ASN OXT  O  N N 65  
ASN H    H  N N 66  
ASN H2   H  N N 67  
ASN HA   H  N N 68  
ASN HB2  H  N N 69  
ASN HB3  H  N N 70  
ASN HD21 H  N N 71  
ASN HD22 H  N N 72  
ASN HXT  H  N N 73  
ASP N    N  N N 74  
ASP CA   C  N S 75  
ASP C    C  N N 76  
ASP O    O  N N 77  
ASP CB   C  N N 78  
ASP CG   C  N N 79  
ASP OD1  O  N N 80  
ASP OD2  O  N N 81  
ASP OXT  O  N N 82  
ASP H    H  N N 83  
ASP H2   H  N N 84  
ASP HA   H  N N 85  
ASP HB2  H  N N 86  
ASP HB3  H  N N 87  
ASP HD2  H  N N 88  
ASP HXT  H  N N 89  
CYS N    N  N N 90  
CYS CA   C  N R 91  
CYS C    C  N N 92  
CYS O    O  N N 93  
CYS CB   C  N N 94  
CYS SG   S  N N 95  
CYS OXT  O  N N 96  
CYS H    H  N N 97  
CYS H2   H  N N 98  
CYS HA   H  N N 99  
CYS HB2  H  N N 100 
CYS HB3  H  N N 101 
CYS HG   H  N N 102 
CYS HXT  H  N N 103 
EDO C1   C  N N 104 
EDO O1   O  N N 105 
EDO C2   C  N N 106 
EDO O2   O  N N 107 
EDO H11  H  N N 108 
EDO H12  H  N N 109 
EDO HO1  H  N N 110 
EDO H21  H  N N 111 
EDO H22  H  N N 112 
EDO HO2  H  N N 113 
GLN N    N  N N 114 
GLN CA   C  N S 115 
GLN C    C  N N 116 
GLN O    O  N N 117 
GLN CB   C  N N 118 
GLN CG   C  N N 119 
GLN CD   C  N N 120 
GLN OE1  O  N N 121 
GLN NE2  N  N N 122 
GLN OXT  O  N N 123 
GLN H    H  N N 124 
GLN H2   H  N N 125 
GLN HA   H  N N 126 
GLN HB2  H  N N 127 
GLN HB3  H  N N 128 
GLN HG2  H  N N 129 
GLN HG3  H  N N 130 
GLN HE21 H  N N 131 
GLN HE22 H  N N 132 
GLN HXT  H  N N 133 
GLU N    N  N N 134 
GLU CA   C  N S 135 
GLU C    C  N N 136 
GLU O    O  N N 137 
GLU CB   C  N N 138 
GLU CG   C  N N 139 
GLU CD   C  N N 140 
GLU OE1  O  N N 141 
GLU OE2  O  N N 142 
GLU OXT  O  N N 143 
GLU H    H  N N 144 
GLU H2   H  N N 145 
GLU HA   H  N N 146 
GLU HB2  H  N N 147 
GLU HB3  H  N N 148 
GLU HG2  H  N N 149 
GLU HG3  H  N N 150 
GLU HE2  H  N N 151 
GLU HXT  H  N N 152 
GLY N    N  N N 153 
GLY CA   C  N N 154 
GLY C    C  N N 155 
GLY O    O  N N 156 
GLY OXT  O  N N 157 
GLY H    H  N N 158 
GLY H2   H  N N 159 
GLY HA2  H  N N 160 
GLY HA3  H  N N 161 
GLY HXT  H  N N 162 
HIS N    N  N N 163 
HIS CA   C  N S 164 
HIS C    C  N N 165 
HIS O    O  N N 166 
HIS CB   C  N N 167 
HIS CG   C  Y N 168 
HIS ND1  N  Y N 169 
HIS CD2  C  Y N 170 
HIS CE1  C  Y N 171 
HIS NE2  N  Y N 172 
HIS OXT  O  N N 173 
HIS H    H  N N 174 
HIS H2   H  N N 175 
HIS HA   H  N N 176 
HIS HB2  H  N N 177 
HIS HB3  H  N N 178 
HIS HD1  H  N N 179 
HIS HD2  H  N N 180 
HIS HE1  H  N N 181 
HIS HE2  H  N N 182 
HIS HXT  H  N N 183 
HOH O    O  N N 184 
HOH H1   H  N N 185 
HOH H2   H  N N 186 
ILE N    N  N N 187 
ILE CA   C  N S 188 
ILE C    C  N N 189 
ILE O    O  N N 190 
ILE CB   C  N S 191 
ILE CG1  C  N N 192 
ILE CG2  C  N N 193 
ILE CD1  C  N N 194 
ILE OXT  O  N N 195 
ILE H    H  N N 196 
ILE H2   H  N N 197 
ILE HA   H  N N 198 
ILE HB   H  N N 199 
ILE HG12 H  N N 200 
ILE HG13 H  N N 201 
ILE HG21 H  N N 202 
ILE HG22 H  N N 203 
ILE HG23 H  N N 204 
ILE HD11 H  N N 205 
ILE HD12 H  N N 206 
ILE HD13 H  N N 207 
ILE HXT  H  N N 208 
LEU N    N  N N 209 
LEU CA   C  N S 210 
LEU C    C  N N 211 
LEU O    O  N N 212 
LEU CB   C  N N 213 
LEU CG   C  N N 214 
LEU CD1  C  N N 215 
LEU CD2  C  N N 216 
LEU OXT  O  N N 217 
LEU H    H  N N 218 
LEU H2   H  N N 219 
LEU HA   H  N N 220 
LEU HB2  H  N N 221 
LEU HB3  H  N N 222 
LEU HG   H  N N 223 
LEU HD11 H  N N 224 
LEU HD12 H  N N 225 
LEU HD13 H  N N 226 
LEU HD21 H  N N 227 
LEU HD22 H  N N 228 
LEU HD23 H  N N 229 
LEU HXT  H  N N 230 
LYS N    N  N N 231 
LYS CA   C  N S 232 
LYS C    C  N N 233 
LYS O    O  N N 234 
LYS CB   C  N N 235 
LYS CG   C  N N 236 
LYS CD   C  N N 237 
LYS CE   C  N N 238 
LYS NZ   N  N N 239 
LYS OXT  O  N N 240 
LYS H    H  N N 241 
LYS H2   H  N N 242 
LYS HA   H  N N 243 
LYS HB2  H  N N 244 
LYS HB3  H  N N 245 
LYS HG2  H  N N 246 
LYS HG3  H  N N 247 
LYS HD2  H  N N 248 
LYS HD3  H  N N 249 
LYS HE2  H  N N 250 
LYS HE3  H  N N 251 
LYS HZ1  H  N N 252 
LYS HZ2  H  N N 253 
LYS HZ3  H  N N 254 
LYS HXT  H  N N 255 
MET N    N  N N 256 
MET CA   C  N S 257 
MET C    C  N N 258 
MET O    O  N N 259 
MET CB   C  N N 260 
MET CG   C  N N 261 
MET SD   S  N N 262 
MET CE   C  N N 263 
MET OXT  O  N N 264 
MET H    H  N N 265 
MET H2   H  N N 266 
MET HA   H  N N 267 
MET HB2  H  N N 268 
MET HB3  H  N N 269 
MET HG2  H  N N 270 
MET HG3  H  N N 271 
MET HE1  H  N N 272 
MET HE2  H  N N 273 
MET HE3  H  N N 274 
MET HXT  H  N N 275 
PHE N    N  N N 276 
PHE CA   C  N S 277 
PHE C    C  N N 278 
PHE O    O  N N 279 
PHE CB   C  N N 280 
PHE CG   C  Y N 281 
PHE CD1  C  Y N 282 
PHE CD2  C  Y N 283 
PHE CE1  C  Y N 284 
PHE CE2  C  Y N 285 
PHE CZ   C  Y N 286 
PHE OXT  O  N N 287 
PHE H    H  N N 288 
PHE H2   H  N N 289 
PHE HA   H  N N 290 
PHE HB2  H  N N 291 
PHE HB3  H  N N 292 
PHE HD1  H  N N 293 
PHE HD2  H  N N 294 
PHE HE1  H  N N 295 
PHE HE2  H  N N 296 
PHE HZ   H  N N 297 
PHE HXT  H  N N 298 
PRO N    N  N N 299 
PRO CA   C  N S 300 
PRO C    C  N N 301 
PRO O    O  N N 302 
PRO CB   C  N N 303 
PRO CG   C  N N 304 
PRO CD   C  N N 305 
PRO OXT  O  N N 306 
PRO H    H  N N 307 
PRO HA   H  N N 308 
PRO HB2  H  N N 309 
PRO HB3  H  N N 310 
PRO HG2  H  N N 311 
PRO HG3  H  N N 312 
PRO HD2  H  N N 313 
PRO HD3  H  N N 314 
PRO HXT  H  N N 315 
SER N    N  N N 316 
SER CA   C  N S 317 
SER C    C  N N 318 
SER O    O  N N 319 
SER CB   C  N N 320 
SER OG   O  N N 321 
SER OXT  O  N N 322 
SER H    H  N N 323 
SER H2   H  N N 324 
SER HA   H  N N 325 
SER HB2  H  N N 326 
SER HB3  H  N N 327 
SER HG   H  N N 328 
SER HXT  H  N N 329 
THR N    N  N N 330 
THR CA   C  N S 331 
THR C    C  N N 332 
THR O    O  N N 333 
THR CB   C  N R 334 
THR OG1  O  N N 335 
THR CG2  C  N N 336 
THR OXT  O  N N 337 
THR H    H  N N 338 
THR H2   H  N N 339 
THR HA   H  N N 340 
THR HB   H  N N 341 
THR HG1  H  N N 342 
THR HG21 H  N N 343 
THR HG22 H  N N 344 
THR HG23 H  N N 345 
THR HXT  H  N N 346 
TRP N    N  N N 347 
TRP CA   C  N S 348 
TRP C    C  N N 349 
TRP O    O  N N 350 
TRP CB   C  N N 351 
TRP CG   C  Y N 352 
TRP CD1  C  Y N 353 
TRP CD2  C  Y N 354 
TRP NE1  N  Y N 355 
TRP CE2  C  Y N 356 
TRP CE3  C  Y N 357 
TRP CZ2  C  Y N 358 
TRP CZ3  C  Y N 359 
TRP CH2  C  Y N 360 
TRP OXT  O  N N 361 
TRP H    H  N N 362 
TRP H2   H  N N 363 
TRP HA   H  N N 364 
TRP HB2  H  N N 365 
TRP HB3  H  N N 366 
TRP HD1  H  N N 367 
TRP HE1  H  N N 368 
TRP HE3  H  N N 369 
TRP HZ2  H  N N 370 
TRP HZ3  H  N N 371 
TRP HH2  H  N N 372 
TRP HXT  H  N N 373 
TYR N    N  N N 374 
TYR CA   C  N S 375 
TYR C    C  N N 376 
TYR O    O  N N 377 
TYR CB   C  N N 378 
TYR CG   C  Y N 379 
TYR CD1  C  Y N 380 
TYR CD2  C  Y N 381 
TYR CE1  C  Y N 382 
TYR CE2  C  Y N 383 
TYR CZ   C  Y N 384 
TYR OH   O  N N 385 
TYR OXT  O  N N 386 
TYR H    H  N N 387 
TYR H2   H  N N 388 
TYR HA   H  N N 389 
TYR HB2  H  N N 390 
TYR HB3  H  N N 391 
TYR HD1  H  N N 392 
TYR HD2  H  N N 393 
TYR HE1  H  N N 394 
TYR HE2  H  N N 395 
TYR HH   H  N N 396 
TYR HXT  H  N N 397 
VAL N    N  N N 398 
VAL CA   C  N S 399 
VAL C    C  N N 400 
VAL O    O  N N 401 
VAL CB   C  N N 402 
VAL CG1  C  N N 403 
VAL CG2  C  N N 404 
VAL OXT  O  N N 405 
VAL H    H  N N 406 
VAL H2   H  N N 407 
VAL HA   H  N N 408 
VAL HB   H  N N 409 
VAL HG11 H  N N 410 
VAL HG12 H  N N 411 
VAL HG13 H  N N 412 
VAL HG21 H  N N 413 
VAL HG22 H  N N 414 
VAL HG23 H  N N 415 
VAL HXT  H  N N 416 
# 
loop_
_chem_comp_bond.comp_id 
_chem_comp_bond.atom_id_1 
_chem_comp_bond.atom_id_2 
_chem_comp_bond.value_order 
_chem_comp_bond.pdbx_aromatic_flag 
_chem_comp_bond.pdbx_stereo_config 
_chem_comp_bond.pdbx_ordinal 
54T N   C6   sing N N 1   
54T S   C6   sing Y N 2   
54T S   C3   sing Y N 3   
54T C6  N1   doub Y N 4   
54T N1  C2   sing Y N 5   
54T C3  C2   doub Y N 6   
54T C3  C4   sing Y N 7   
54T C2  C1   sing Y N 8   
54T C4  C5   doub Y N 9   
54T C1  C    doub Y N 10  
54T C5  C    sing Y N 11  
54T C5  CL   sing N N 12  
54T C4  H1   sing N N 13  
54T C   H2   sing N N 14  
54T N   H3   sing N N 15  
54T N   H4   sing N N 16  
54T C1  H5   sing N N 17  
ALA N   CA   sing N N 18  
ALA N   H    sing N N 19  
ALA N   H2   sing N N 20  
ALA CA  C    sing N N 21  
ALA CA  CB   sing N N 22  
ALA CA  HA   sing N N 23  
ALA C   O    doub N N 24  
ALA C   OXT  sing N N 25  
ALA CB  HB1  sing N N 26  
ALA CB  HB2  sing N N 27  
ALA CB  HB3  sing N N 28  
ALA OXT HXT  sing N N 29  
ARG N   CA   sing N N 30  
ARG N   H    sing N N 31  
ARG N   H2   sing N N 32  
ARG CA  C    sing N N 33  
ARG CA  CB   sing N N 34  
ARG CA  HA   sing N N 35  
ARG C   O    doub N N 36  
ARG C   OXT  sing N N 37  
ARG CB  CG   sing N N 38  
ARG CB  HB2  sing N N 39  
ARG CB  HB3  sing N N 40  
ARG CG  CD   sing N N 41  
ARG CG  HG2  sing N N 42  
ARG CG  HG3  sing N N 43  
ARG CD  NE   sing N N 44  
ARG CD  HD2  sing N N 45  
ARG CD  HD3  sing N N 46  
ARG NE  CZ   sing N N 47  
ARG NE  HE   sing N N 48  
ARG CZ  NH1  sing N N 49  
ARG CZ  NH2  doub N N 50  
ARG NH1 HH11 sing N N 51  
ARG NH1 HH12 sing N N 52  
ARG NH2 HH21 sing N N 53  
ARG NH2 HH22 sing N N 54  
ARG OXT HXT  sing N N 55  
ASN N   CA   sing N N 56  
ASN N   H    sing N N 57  
ASN N   H2   sing N N 58  
ASN CA  C    sing N N 59  
ASN CA  CB   sing N N 60  
ASN CA  HA   sing N N 61  
ASN C   O    doub N N 62  
ASN C   OXT  sing N N 63  
ASN CB  CG   sing N N 64  
ASN CB  HB2  sing N N 65  
ASN CB  HB3  sing N N 66  
ASN CG  OD1  doub N N 67  
ASN CG  ND2  sing N N 68  
ASN ND2 HD21 sing N N 69  
ASN ND2 HD22 sing N N 70  
ASN OXT HXT  sing N N 71  
ASP N   CA   sing N N 72  
ASP N   H    sing N N 73  
ASP N   H2   sing N N 74  
ASP CA  C    sing N N 75  
ASP CA  CB   sing N N 76  
ASP CA  HA   sing N N 77  
ASP C   O    doub N N 78  
ASP C   OXT  sing N N 79  
ASP CB  CG   sing N N 80  
ASP CB  HB2  sing N N 81  
ASP CB  HB3  sing N N 82  
ASP CG  OD1  doub N N 83  
ASP CG  OD2  sing N N 84  
ASP OD2 HD2  sing N N 85  
ASP OXT HXT  sing N N 86  
CYS N   CA   sing N N 87  
CYS N   H    sing N N 88  
CYS N   H2   sing N N 89  
CYS CA  C    sing N N 90  
CYS CA  CB   sing N N 91  
CYS CA  HA   sing N N 92  
CYS C   O    doub N N 93  
CYS C   OXT  sing N N 94  
CYS CB  SG   sing N N 95  
CYS CB  HB2  sing N N 96  
CYS CB  HB3  sing N N 97  
CYS SG  HG   sing N N 98  
CYS OXT HXT  sing N N 99  
EDO C1  O1   sing N N 100 
EDO C1  C2   sing N N 101 
EDO C1  H11  sing N N 102 
EDO C1  H12  sing N N 103 
EDO O1  HO1  sing N N 104 
EDO C2  O2   sing N N 105 
EDO C2  H21  sing N N 106 
EDO C2  H22  sing N N 107 
EDO O2  HO2  sing N N 108 
GLN N   CA   sing N N 109 
GLN N   H    sing N N 110 
GLN N   H2   sing N N 111 
GLN CA  C    sing N N 112 
GLN CA  CB   sing N N 113 
GLN CA  HA   sing N N 114 
GLN C   O    doub N N 115 
GLN C   OXT  sing N N 116 
GLN CB  CG   sing N N 117 
GLN CB  HB2  sing N N 118 
GLN CB  HB3  sing N N 119 
GLN CG  CD   sing N N 120 
GLN CG  HG2  sing N N 121 
GLN CG  HG3  sing N N 122 
GLN CD  OE1  doub N N 123 
GLN CD  NE2  sing N N 124 
GLN NE2 HE21 sing N N 125 
GLN NE2 HE22 sing N N 126 
GLN OXT HXT  sing N N 127 
GLU N   CA   sing N N 128 
GLU N   H    sing N N 129 
GLU N   H2   sing N N 130 
GLU CA  C    sing N N 131 
GLU CA  CB   sing N N 132 
GLU CA  HA   sing N N 133 
GLU C   O    doub N N 134 
GLU C   OXT  sing N N 135 
GLU CB  CG   sing N N 136 
GLU CB  HB2  sing N N 137 
GLU CB  HB3  sing N N 138 
GLU CG  CD   sing N N 139 
GLU CG  HG2  sing N N 140 
GLU CG  HG3  sing N N 141 
GLU CD  OE1  doub N N 142 
GLU CD  OE2  sing N N 143 
GLU OE2 HE2  sing N N 144 
GLU OXT HXT  sing N N 145 
GLY N   CA   sing N N 146 
GLY N   H    sing N N 147 
GLY N   H2   sing N N 148 
GLY CA  C    sing N N 149 
GLY CA  HA2  sing N N 150 
GLY CA  HA3  sing N N 151 
GLY C   O    doub N N 152 
GLY C   OXT  sing N N 153 
GLY OXT HXT  sing N N 154 
HIS N   CA   sing N N 155 
HIS N   H    sing N N 156 
HIS N   H2   sing N N 157 
HIS CA  C    sing N N 158 
HIS CA  CB   sing N N 159 
HIS CA  HA   sing N N 160 
HIS C   O    doub N N 161 
HIS C   OXT  sing N N 162 
HIS CB  CG   sing N N 163 
HIS CB  HB2  sing N N 164 
HIS CB  HB3  sing N N 165 
HIS CG  ND1  sing Y N 166 
HIS CG  CD2  doub Y N 167 
HIS ND1 CE1  doub Y N 168 
HIS ND1 HD1  sing N N 169 
HIS CD2 NE2  sing Y N 170 
HIS CD2 HD2  sing N N 171 
HIS CE1 NE2  sing Y N 172 
HIS CE1 HE1  sing N N 173 
HIS NE2 HE2  sing N N 174 
HIS OXT HXT  sing N N 175 
HOH O   H1   sing N N 176 
HOH O   H2   sing N N 177 
ILE N   CA   sing N N 178 
ILE N   H    sing N N 179 
ILE N   H2   sing N N 180 
ILE CA  C    sing N N 181 
ILE CA  CB   sing N N 182 
ILE CA  HA   sing N N 183 
ILE C   O    doub N N 184 
ILE C   OXT  sing N N 185 
ILE CB  CG1  sing N N 186 
ILE CB  CG2  sing N N 187 
ILE CB  HB   sing N N 188 
ILE CG1 CD1  sing N N 189 
ILE CG1 HG12 sing N N 190 
ILE CG1 HG13 sing N N 191 
ILE CG2 HG21 sing N N 192 
ILE CG2 HG22 sing N N 193 
ILE CG2 HG23 sing N N 194 
ILE CD1 HD11 sing N N 195 
ILE CD1 HD12 sing N N 196 
ILE CD1 HD13 sing N N 197 
ILE OXT HXT  sing N N 198 
LEU N   CA   sing N N 199 
LEU N   H    sing N N 200 
LEU N   H2   sing N N 201 
LEU CA  C    sing N N 202 
LEU CA  CB   sing N N 203 
LEU CA  HA   sing N N 204 
LEU C   O    doub N N 205 
LEU C   OXT  sing N N 206 
LEU CB  CG   sing N N 207 
LEU CB  HB2  sing N N 208 
LEU CB  HB3  sing N N 209 
LEU CG  CD1  sing N N 210 
LEU CG  CD2  sing N N 211 
LEU CG  HG   sing N N 212 
LEU CD1 HD11 sing N N 213 
LEU CD1 HD12 sing N N 214 
LEU CD1 HD13 sing N N 215 
LEU CD2 HD21 sing N N 216 
LEU CD2 HD22 sing N N 217 
LEU CD2 HD23 sing N N 218 
LEU OXT HXT  sing N N 219 
LYS N   CA   sing N N 220 
LYS N   H    sing N N 221 
LYS N   H2   sing N N 222 
LYS CA  C    sing N N 223 
LYS CA  CB   sing N N 224 
LYS CA  HA   sing N N 225 
LYS C   O    doub N N 226 
LYS C   OXT  sing N N 227 
LYS CB  CG   sing N N 228 
LYS CB  HB2  sing N N 229 
LYS CB  HB3  sing N N 230 
LYS CG  CD   sing N N 231 
LYS CG  HG2  sing N N 232 
LYS CG  HG3  sing N N 233 
LYS CD  CE   sing N N 234 
LYS CD  HD2  sing N N 235 
LYS CD  HD3  sing N N 236 
LYS CE  NZ   sing N N 237 
LYS CE  HE2  sing N N 238 
LYS CE  HE3  sing N N 239 
LYS NZ  HZ1  sing N N 240 
LYS NZ  HZ2  sing N N 241 
LYS NZ  HZ3  sing N N 242 
LYS OXT HXT  sing N N 243 
MET N   CA   sing N N 244 
MET N   H    sing N N 245 
MET N   H2   sing N N 246 
MET CA  C    sing N N 247 
MET CA  CB   sing N N 248 
MET CA  HA   sing N N 249 
MET C   O    doub N N 250 
MET C   OXT  sing N N 251 
MET CB  CG   sing N N 252 
MET CB  HB2  sing N N 253 
MET CB  HB3  sing N N 254 
MET CG  SD   sing N N 255 
MET CG  HG2  sing N N 256 
MET CG  HG3  sing N N 257 
MET SD  CE   sing N N 258 
MET CE  HE1  sing N N 259 
MET CE  HE2  sing N N 260 
MET CE  HE3  sing N N 261 
MET OXT HXT  sing N N 262 
PHE N   CA   sing N N 263 
PHE N   H    sing N N 264 
PHE N   H2   sing N N 265 
PHE CA  C    sing N N 266 
PHE CA  CB   sing N N 267 
PHE CA  HA   sing N N 268 
PHE C   O    doub N N 269 
PHE C   OXT  sing N N 270 
PHE CB  CG   sing N N 271 
PHE CB  HB2  sing N N 272 
PHE CB  HB3  sing N N 273 
PHE CG  CD1  doub Y N 274 
PHE CG  CD2  sing Y N 275 
PHE CD1 CE1  sing Y N 276 
PHE CD1 HD1  sing N N 277 
PHE CD2 CE2  doub Y N 278 
PHE CD2 HD2  sing N N 279 
PHE CE1 CZ   doub Y N 280 
PHE CE1 HE1  sing N N 281 
PHE CE2 CZ   sing Y N 282 
PHE CE2 HE2  sing N N 283 
PHE CZ  HZ   sing N N 284 
PHE OXT HXT  sing N N 285 
PRO N   CA   sing N N 286 
PRO N   CD   sing N N 287 
PRO N   H    sing N N 288 
PRO CA  C    sing N N 289 
PRO CA  CB   sing N N 290 
PRO CA  HA   sing N N 291 
PRO C   O    doub N N 292 
PRO C   OXT  sing N N 293 
PRO CB  CG   sing N N 294 
PRO CB  HB2  sing N N 295 
PRO CB  HB3  sing N N 296 
PRO CG  CD   sing N N 297 
PRO CG  HG2  sing N N 298 
PRO CG  HG3  sing N N 299 
PRO CD  HD2  sing N N 300 
PRO CD  HD3  sing N N 301 
PRO OXT HXT  sing N N 302 
SER N   CA   sing N N 303 
SER N   H    sing N N 304 
SER N   H2   sing N N 305 
SER CA  C    sing N N 306 
SER CA  CB   sing N N 307 
SER CA  HA   sing N N 308 
SER C   O    doub N N 309 
SER C   OXT  sing N N 310 
SER CB  OG   sing N N 311 
SER CB  HB2  sing N N 312 
SER CB  HB3  sing N N 313 
SER OG  HG   sing N N 314 
SER OXT HXT  sing N N 315 
THR N   CA   sing N N 316 
THR N   H    sing N N 317 
THR N   H2   sing N N 318 
THR CA  C    sing N N 319 
THR CA  CB   sing N N 320 
THR CA  HA   sing N N 321 
THR C   O    doub N N 322 
THR C   OXT  sing N N 323 
THR CB  OG1  sing N N 324 
THR CB  CG2  sing N N 325 
THR CB  HB   sing N N 326 
THR OG1 HG1  sing N N 327 
THR CG2 HG21 sing N N 328 
THR CG2 HG22 sing N N 329 
THR CG2 HG23 sing N N 330 
THR OXT HXT  sing N N 331 
TRP N   CA   sing N N 332 
TRP N   H    sing N N 333 
TRP N   H2   sing N N 334 
TRP CA  C    sing N N 335 
TRP CA  CB   sing N N 336 
TRP CA  HA   sing N N 337 
TRP C   O    doub N N 338 
TRP C   OXT  sing N N 339 
TRP CB  CG   sing N N 340 
TRP CB  HB2  sing N N 341 
TRP CB  HB3  sing N N 342 
TRP CG  CD1  doub Y N 343 
TRP CG  CD2  sing Y N 344 
TRP CD1 NE1  sing Y N 345 
TRP CD1 HD1  sing N N 346 
TRP CD2 CE2  doub Y N 347 
TRP CD2 CE3  sing Y N 348 
TRP NE1 CE2  sing Y N 349 
TRP NE1 HE1  sing N N 350 
TRP CE2 CZ2  sing Y N 351 
TRP CE3 CZ3  doub Y N 352 
TRP CE3 HE3  sing N N 353 
TRP CZ2 CH2  doub Y N 354 
TRP CZ2 HZ2  sing N N 355 
TRP CZ3 CH2  sing Y N 356 
TRP CZ3 HZ3  sing N N 357 
TRP CH2 HH2  sing N N 358 
TRP OXT HXT  sing N N 359 
TYR N   CA   sing N N 360 
TYR N   H    sing N N 361 
TYR N   H2   sing N N 362 
TYR CA  C    sing N N 363 
TYR CA  CB   sing N N 364 
TYR CA  HA   sing N N 365 
TYR C   O    doub N N 366 
TYR C   OXT  sing N N 367 
TYR CB  CG   sing N N 368 
TYR CB  HB2  sing N N 369 
TYR CB  HB3  sing N N 370 
TYR CG  CD1  doub Y N 371 
TYR CG  CD2  sing Y N 372 
TYR CD1 CE1  sing Y N 373 
TYR CD1 HD1  sing N N 374 
TYR CD2 CE2  doub Y N 375 
TYR CD2 HD2  sing N N 376 
TYR CE1 CZ   doub Y N 377 
TYR CE1 HE1  sing N N 378 
TYR CE2 CZ   sing Y N 379 
TYR CE2 HE2  sing N N 380 
TYR CZ  OH   sing N N 381 
TYR OH  HH   sing N N 382 
TYR OXT HXT  sing N N 383 
VAL N   CA   sing N N 384 
VAL N   H    sing N N 385 
VAL N   H2   sing N N 386 
VAL CA  C    sing N N 387 
VAL CA  CB   sing N N 388 
VAL CA  HA   sing N N 389 
VAL C   O    doub N N 390 
VAL C   OXT  sing N N 391 
VAL CB  CG1  sing N N 392 
VAL CB  CG2  sing N N 393 
VAL CB  HB   sing N N 394 
VAL CG1 HG11 sing N N 395 
VAL CG1 HG12 sing N N 396 
VAL CG1 HG13 sing N N 397 
VAL CG2 HG21 sing N N 398 
VAL CG2 HG22 sing N N 399 
VAL CG2 HG23 sing N N 400 
VAL OXT HXT  sing N N 401 
# 
_atom_sites.entry_id                    5CU8 
_atom_sites.fract_transf_matrix[1][1]   -0.01213218 
_atom_sites.fract_transf_matrix[1][2]   -0.00033579 
_atom_sites.fract_transf_matrix[1][3]   0.00035445 
_atom_sites.fract_transf_matrix[2][1]   0.00037804 
_atom_sites.fract_transf_matrix[2][2]   -0.00332313 
_atom_sites.fract_transf_matrix[2][3]   0.00979154 
_atom_sites.fract_transf_matrix[3][1]   -0.00028997 
_atom_sites.fract_transf_matrix[3][2]   0.01634336 
_atom_sites.fract_transf_matrix[3][3]   0.00555794 
_atom_sites.fract_transf_vector[1]      0.283250 
_atom_sites.fract_transf_vector[2]      0.293258 
_atom_sites.fract_transf_vector[3]      0.458206 
# 
loop_
_atom_type.symbol 
C  
CL 
N  
O  
S  
# 
loop_
_atom_site.group_PDB 
_atom_site.id 
_atom_site.type_symbol 
_atom_site.label_atom_id 
_atom_site.label_alt_id 
_atom_site.label_comp_id 
_atom_site.label_asym_id 
_atom_site.label_entity_id 
_atom_site.label_seq_id 
_atom_site.pdbx_PDB_ins_code 
_atom_site.Cartn_x 
_atom_site.Cartn_y 
_atom_site.Cartn_z 
_atom_site.occupancy 
_atom_site.B_iso_or_equiv 
_atom_site.pdbx_formal_charge 
_atom_site.auth_seq_id 
_atom_site.auth_comp_id 
_atom_site.auth_asym_id 
_atom_site.auth_atom_id 
_atom_site.pdbx_PDB_model_num 
ATOM   1    N  N   . SER A 1 1   ? -28.372 -6.749  -10.228 1.00 28.21 ? 1856 SER A N   1 
ATOM   2    C  CA  . SER A 1 1   ? -28.796 -8.115  -9.959  1.00 35.11 ? 1856 SER A CA  1 
ATOM   3    C  C   . SER A 1 1   ? -28.714 -8.898  -11.263 1.00 34.69 ? 1856 SER A C   1 
ATOM   4    O  O   . SER A 1 1   ? -28.135 -8.407  -12.227 1.00 37.32 ? 1856 SER A O   1 
ATOM   5    C  CB  . SER A 1 1   ? -30.217 -8.141  -9.371  1.00 26.30 ? 1856 SER A CB  1 
ATOM   6    O  OG  . SER A 1 1   ? -31.197 -7.841  -10.345 1.00 26.75 ? 1856 SER A OG  1 
ATOM   7    N  N   . MET A 1 2   ? -29.299 -10.097 -11.308 1.00 38.08 ? 1857 MET A N   1 
ATOM   8    C  CA  . MET A 1 2   ? -29.256 -10.942 -12.513 1.00 34.56 ? 1857 MET A CA  1 
ATOM   9    C  C   . MET A 1 2   ? -29.737 -10.203 -13.747 1.00 34.15 ? 1857 MET A C   1 
ATOM   10   O  O   . MET A 1 2   ? -30.856 -9.712  -13.759 1.00 33.46 ? 1857 MET A O   1 
ATOM   11   C  CB  . MET A 1 2   ? -30.105 -12.200 -12.334 1.00 35.41 ? 1857 MET A CB  1 
ATOM   12   C  CG  . MET A 1 2   ? -29.702 -13.353 -13.241 1.00 29.52 ? 1857 MET A CG  1 
ATOM   13   S  SD  . MET A 1 2   ? -30.844 -14.767 -13.317 1.00 36.40 ? 1857 MET A SD  1 
ATOM   14   C  CE  . MET A 1 2   ? -31.221 -15.114 -11.609 1.00 30.37 ? 1857 MET A CE  1 
ATOM   15   N  N   . SER A 1 3   ? -28.896 -10.150 -14.786 1.00 33.18 ? 1858 SER A N   1 
ATOM   16   C  CA  . SER A 1 3   ? -29.204 -9.437  -16.041 1.00 34.11 ? 1858 SER A CA  1 
ATOM   17   C  C   . SER A 1 3   ? -29.441 -7.918  -15.864 1.00 33.05 ? 1858 SER A C   1 
ATOM   18   O  O   . SER A 1 3   ? -30.063 -7.272  -16.719 1.00 34.87 ? 1858 SER A O   1 
ATOM   19   C  CB  . SER A 1 3   ? -30.421 -10.064 -16.732 1.00 34.77 ? 1858 SER A CB  1 
ATOM   20   O  OG  . SER A 1 3   ? -30.197 -11.438 -17.024 1.00 33.59 ? 1858 SER A OG  1 
ATOM   21   N  N   . VAL A 1 4   ? -28.949 -7.355  -14.763 1.00 31.83 ? 1859 VAL A N   1 
ATOM   22   C  CA  . VAL A 1 4   ? -29.085 -5.910  -14.514 1.00 37.90 ? 1859 VAL A CA  1 
ATOM   23   C  C   . VAL A 1 4   ? -27.770 -5.338  -14.018 1.00 33.65 ? 1859 VAL A C   1 
ATOM   24   O  O   . VAL A 1 4   ? -27.437 -5.469  -12.848 1.00 38.77 ? 1859 VAL A O   1 
ATOM   25   C  CB  . VAL A 1 4   ? -30.196 -5.583  -13.474 1.00 31.65 ? 1859 VAL A CB  1 
ATOM   26   C  CG1 . VAL A 1 4   ? -30.296 -4.071  -13.246 1.00 32.33 ? 1859 VAL A CG1 1 
ATOM   27   C  CG2 . VAL A 1 4   ? -31.526 -6.125  -13.933 1.00 26.80 ? 1859 VAL A CG2 1 
ATOM   28   N  N   . LYS A 1 5   ? -27.021 -4.703  -14.910 1.00 35.10 ? 1860 LYS A N   1 
ATOM   29   C  CA  . LYS A 1 5   ? -25.707 -4.186  -14.546 1.00 42.28 ? 1860 LYS A CA  1 
ATOM   30   C  C   . LYS A 1 5   ? -25.587 -2.676  -14.732 1.00 39.03 ? 1860 LYS A C   1 
ATOM   31   O  O   . LYS A 1 5   ? -26.127 -2.117  -15.690 1.00 35.04 ? 1860 LYS A O   1 
ATOM   32   C  CB  . LYS A 1 5   ? -24.612 -4.887  -15.368 1.00 43.94 ? 1860 LYS A CB  1 
ATOM   33   C  CG  . LYS A 1 5   ? -24.559 -6.405  -15.188 1.00 52.25 ? 1860 LYS A CG  1 
ATOM   34   C  CD  . LYS A 1 5   ? -24.399 -6.805  -13.710 1.00 57.16 ? 1860 LYS A CD  1 
ATOM   35   C  CE  . LYS A 1 5   ? -24.695 -8.290  -13.498 1.00 51.93 ? 1860 LYS A CE  1 
ATOM   36   N  NZ  . LYS A 1 5   ? -25.668 -8.812  -14.512 1.00 49.06 ? 1860 LYS A NZ  1 
ATOM   37   N  N   . LYS A 1 6   ? -24.869 -2.028  -13.813 1.00 40.07 ? 1861 LYS A N   1 
ATOM   38   C  CA  . LYS A 1 6   ? -24.385 -0.666  -14.047 1.00 45.14 ? 1861 LYS A CA  1 
ATOM   39   C  C   . LYS A 1 6   ? -23.544 -0.650  -15.299 1.00 42.97 ? 1861 LYS A C   1 
ATOM   40   O  O   . LYS A 1 6   ? -22.946 -1.665  -15.643 1.00 43.36 ? 1861 LYS A O   1 
ATOM   41   C  CB  . LYS A 1 6   ? -23.518 -0.144  -12.897 1.00 47.87 ? 1861 LYS A CB  1 
ATOM   42   C  CG  . LYS A 1 6   ? -24.208 0.101   -11.578 1.00 49.58 ? 1861 LYS A CG  1 
ATOM   43   C  CD  . LYS A 1 6   ? -23.349 1.058   -10.735 1.00 46.83 ? 1861 LYS A CD  1 
ATOM   44   C  CE  . LYS A 1 6   ? -23.803 1.112   -9.285  1.00 49.36 ? 1861 LYS A CE  1 
ATOM   45   N  NZ  . LYS A 1 6   ? -23.812 -0.261  -8.714  1.00 49.66 ? 1861 LYS A NZ  1 
ATOM   46   N  N   . PRO A 1 7   ? -23.470 0.511   -15.970 1.00 48.46 ? 1862 PRO A N   1 
ATOM   47   C  CA  . PRO A 1 7   ? -22.537 0.722   -17.085 1.00 51.97 ? 1862 PRO A CA  1 
ATOM   48   C  C   . PRO A 1 7   ? -21.105 0.311   -16.710 1.00 50.60 ? 1862 PRO A C   1 
ATOM   49   O  O   . PRO A 1 7   ? -20.664 0.615   -15.596 1.00 46.87 ? 1862 PRO A O   1 
ATOM   50   C  CB  . PRO A 1 7   ? -22.637 2.228   -17.334 1.00 51.86 ? 1862 PRO A CB  1 
ATOM   51   C  CG  . PRO A 1 7   ? -24.035 2.565   -16.934 1.00 48.28 ? 1862 PRO A CG  1 
ATOM   52   C  CD  . PRO A 1 7   ? -24.350 1.676   -15.759 1.00 45.26 ? 1862 PRO A CD  1 
ATOM   53   N  N   . LYS A 1 8   ? -20.409 -0.379  -17.618 1.00 44.43 ? 1863 LYS A N   1 
ATOM   54   C  CA  . LYS A 1 8   ? -19.108 -0.990  -17.301 1.00 70.09 ? 1863 LYS A CA  1 
ATOM   55   C  C   . LYS A 1 8   ? -17.938 0.003   -17.239 1.00 53.90 ? 1863 LYS A C   1 
ATOM   56   O  O   . LYS A 1 8   ? -17.487 0.494   -18.268 1.00 60.52 ? 1863 LYS A O   1 
ATOM   57   C  CB  . LYS A 1 8   ? -18.779 -2.087  -18.324 1.00 63.94 ? 1863 LYS A CB  1 
ATOM   58   N  N   . ARG A 1 9   ? -17.447 0.291   -16.038 1.00 48.15 ? 1864 ARG A N   1 
ATOM   59   C  CA  . ARG A 1 9   ? -16.244 1.114   -15.899 1.00 59.28 ? 1864 ARG A CA  1 
ATOM   60   C  C   . ARG A 1 9   ? -15.011 0.449   -16.550 1.00 52.67 ? 1864 ARG A C   1 
ATOM   61   O  O   . ARG A 1 9   ? -14.784 -0.753  -16.399 1.00 49.86 ? 1864 ARG A O   1 
ATOM   62   C  CB  . ARG A 1 9   ? -15.963 1.404   -14.431 1.00 54.17 ? 1864 ARG A CB  1 
ATOM   63   C  CG  . ARG A 1 9   ? -14.649 2.094   -14.232 1.00 50.80 ? 1864 ARG A CG  1 
ATOM   64   C  CD  . ARG A 1 9   ? -14.250 2.210   -12.778 1.00 46.93 ? 1864 ARG A CD  1 
ATOM   65   N  NE  . ARG A 1 9   ? -12.877 2.704   -12.715 1.00 51.95 ? 1864 ARG A NE  1 
ATOM   66   C  CZ  . ARG A 1 9   ? -11.801 1.924   -12.749 1.00 46.68 ? 1864 ARG A CZ  1 
ATOM   67   N  NH1 . ARG A 1 9   ? -11.929 0.602   -12.798 1.00 43.87 ? 1864 ARG A NH1 1 
ATOM   68   N  NH2 . ARG A 1 9   ? -10.595 2.466   -12.718 1.00 41.63 ? 1864 ARG A NH2 1 
ATOM   69   N  N   . ASP A 1 10  ? -14.232 1.231   -17.294 1.00 47.59 ? 1865 ASP A N   1 
ATOM   70   C  CA  . ASP A 1 10  ? -13.063 0.701   -18.001 1.00 49.50 ? 1865 ASP A CA  1 
ATOM   71   C  C   . ASP A 1 10  ? -11.925 0.445   -17.009 1.00 45.95 ? 1865 ASP A C   1 
ATOM   72   O  O   . ASP A 1 10  ? -11.407 1.370   -16.390 1.00 41.82 ? 1865 ASP A O   1 
ATOM   73   C  CB  . ASP A 1 10  ? -12.622 1.664   -19.107 1.00 42.58 ? 1865 ASP A CB  1 
ATOM   74   C  CG  . ASP A 1 10  ? -11.398 1.168   -19.879 1.00 52.70 ? 1865 ASP A CG  1 
ATOM   75   O  OD1 . ASP A 1 10  ? -11.087 -0.043  -19.836 1.00 51.12 ? 1865 ASP A OD1 1 
ATOM   76   O  OD2 . ASP A 1 10  ? -10.749 2.003   -20.545 1.00 55.34 ? 1865 ASP A OD2 1 
ATOM   77   N  N   . ASP A 1 11  ? -11.550 -0.816  -16.847 1.00 43.51 ? 1866 ASP A N   1 
ATOM   78   C  CA  . ASP A 1 11  ? -10.571 -1.168  -15.830 1.00 46.88 ? 1866 ASP A CA  1 
ATOM   79   C  C   . ASP A 1 11  ? -9.285  -1.742  -16.431 1.00 41.57 ? 1866 ASP A C   1 
ATOM   80   O  O   . ASP A 1 11  ? -8.442  -2.257  -15.697 1.00 34.15 ? 1866 ASP A O   1 
ATOM   81   C  CB  . ASP A 1 11  ? -11.183 -2.163  -14.836 1.00 38.94 ? 1866 ASP A CB  1 
ATOM   82   C  CG  . ASP A 1 11  ? -11.566 -3.476  -15.491 1.00 43.52 ? 1866 ASP A CG  1 
ATOM   83   O  OD1 . ASP A 1 11  ? -11.537 -3.567  -16.738 1.00 48.29 ? 1866 ASP A OD1 1 
ATOM   84   O  OD2 . ASP A 1 11  ? -11.896 -4.424  -14.760 1.00 48.35 ? 1866 ASP A OD2 1 
ATOM   85   N  N   . SER A 1 12  ? -9.146  -1.648  -17.754 1.00 39.53 ? 1867 SER A N   1 
ATOM   86   C  CA  . SER A 1 12  ? -8.043  -2.285  -18.491 1.00 40.95 ? 1867 SER A CA  1 
ATOM   87   C  C   . SER A 1 12  ? -6.675  -1.679  -18.190 1.00 41.38 ? 1867 SER A C   1 
ATOM   88   O  O   . SER A 1 12  ? -5.639  -2.338  -18.340 1.00 41.33 ? 1867 SER A O   1 
ATOM   89   C  CB  . SER A 1 12  ? -8.293  -2.204  -20.002 1.00 45.39 ? 1867 SER A CB  1 
ATOM   90   O  OG  . SER A 1 12  ? -8.428  -0.852  -20.420 1.00 46.96 ? 1867 SER A OG  1 
ATOM   91   N  N   . LYS A 1 13  ? -6.681  -0.418  -17.784 1.00 37.38 ? 1868 LYS A N   1 
ATOM   92   C  CA  . LYS A 1 13  ? -5.465  0.297   -17.436 1.00 36.21 ? 1868 LYS A CA  1 
ATOM   93   C  C   . LYS A 1 13  ? -5.080  0.199   -15.952 1.00 35.90 ? 1868 LYS A C   1 
ATOM   94   O  O   . LYS A 1 13  ? -4.019  0.668   -15.559 1.00 35.40 ? 1868 LYS A O   1 
ATOM   95   C  CB  . LYS A 1 13  ? -5.614  1.772   -17.816 1.00 35.41 ? 1868 LYS A CB  1 
ATOM   96   C  CG  . LYS A 1 13  ? -5.726  2.029   -19.312 1.00 43.69 ? 1868 LYS A CG  1 
ATOM   97   C  CD  . LYS A 1 13  ? -5.906  3.518   -19.606 1.00 51.75 ? 1868 LYS A CD  1 
ATOM   98   N  N   . ASP A 1 14  ? -5.940  -0.394  -15.132 1.00 28.96 ? 1869 ASP A N   1 
ATOM   99   C  CA  . ASP A 1 14  ? -5.745  -0.363  -13.671 1.00 28.82 ? 1869 ASP A CA  1 
ATOM   100  C  C   . ASP A 1 14  ? -4.410  -0.966  -13.193 1.00 26.45 ? 1869 ASP A C   1 
ATOM   101  O  O   . ASP A 1 14  ? -3.752  -0.393  -12.323 1.00 25.81 ? 1869 ASP A O   1 
ATOM   102  C  CB  . ASP A 1 14  ? -6.907  -1.080  -12.964 1.00 27.42 ? 1869 ASP A CB  1 
ATOM   103  C  CG  . ASP A 1 14  ? -8.193  -0.251  -12.955 1.00 30.30 ? 1869 ASP A CG  1 
ATOM   104  O  OD1 . ASP A 1 14  ? -8.157  0.912   -13.399 1.00 34.32 ? 1869 ASP A OD1 1 
ATOM   105  O  OD2 . ASP A 1 14  ? -9.241  -0.768  -12.507 1.00 36.35 ? 1869 ASP A OD2 1 
ATOM   106  N  N   . LEU A 1 15  ? -4.042  -2.125  -13.737 1.00 26.97 ? 1870 LEU A N   1 
ATOM   107  C  CA  . LEU A 1 15  ? -2.796  -2.799  -13.387 1.00 35.09 ? 1870 LEU A CA  1 
ATOM   108  C  C   . LEU A 1 15  ? -1.587  -1.905  -13.635 1.00 35.69 ? 1870 LEU A C   1 
ATOM   109  O  O   . LEU A 1 15  ? -0.689  -1.815  -12.802 1.00 36.20 ? 1870 LEU A O   1 
ATOM   110  C  CB  . LEU A 1 15  ? -2.637  -4.096  -14.176 1.00 33.42 ? 1870 LEU A CB  1 
ATOM   111  C  CG  . LEU A 1 15  ? -1.403  -4.920  -13.798 1.00 33.71 ? 1870 LEU A CG  1 
ATOM   112  C  CD1 . LEU A 1 15  ? -1.427  -5.279  -12.304 1.00 27.81 ? 1870 LEU A CD1 1 
ATOM   113  C  CD2 . LEU A 1 15  ? -1.293  -6.184  -14.657 1.00 33.30 ? 1870 LEU A CD2 1 
ATOM   114  N  N   . ALA A 1 16  ? -1.574  -1.245  -14.784 1.00 33.22 ? 1871 ALA A N   1 
ATOM   115  C  CA  . ALA A 1 16  ? -0.490  -0.354  -15.144 1.00 28.76 ? 1871 ALA A CA  1 
ATOM   116  C  C   . ALA A 1 16  ? -0.436  0.884   -14.260 1.00 33.50 ? 1871 ALA A C   1 
ATOM   117  O  O   . ALA A 1 16  ? 0.646   1.311   -13.851 1.00 35.62 ? 1871 ALA A O   1 
ATOM   118  C  CB  . ALA A 1 16  ? -0.619  0.060   -16.605 1.00 34.39 ? 1871 ALA A CB  1 
ATOM   119  N  N   . LEU A 1 17  ? -1.600  1.482   -14.008 1.00 33.01 ? 1872 LEU A N   1 
ATOM   120  C  CA  . LEU A 1 17  ? -1.700  2.677   -13.173 1.00 30.47 ? 1872 LEU A CA  1 
ATOM   121  C  C   . LEU A 1 17  ? -1.308  2.413   -11.710 1.00 27.65 ? 1872 LEU A C   1 
ATOM   122  O  O   . LEU A 1 17  ? -0.707  3.258   -11.063 1.00 28.04 ? 1872 LEU A O   1 
ATOM   123  C  CB  . LEU A 1 17  ? -3.123  3.238   -13.221 1.00 30.48 ? 1872 LEU A CB  1 
ATOM   124  C  CG  . LEU A 1 17  ? -3.510  3.851   -14.571 1.00 37.49 ? 1872 LEU A CG  1 
ATOM   125  C  CD1 . LEU A 1 17  ? -4.984  4.172   -14.587 1.00 31.88 ? 1872 LEU A CD1 1 
ATOM   126  C  CD2 . LEU A 1 17  ? -2.675  5.100   -14.868 1.00 31.27 ? 1872 LEU A CD2 1 
ATOM   127  N  N   . CYS A 1 18  ? -1.682  1.251   -11.191 1.00 27.07 ? 1873 CYS A N   1 
ATOM   128  C  CA  . CYS A 1 18  ? -1.281  0.881   -9.835  1.00 30.69 ? 1873 CYS A CA  1 
ATOM   129  C  C   . CYS A 1 18  ? 0.237   0.715   -9.762  1.00 31.19 ? 1873 CYS A C   1 
ATOM   130  O  O   . CYS A 1 18  ? 0.858   1.143   -8.791  1.00 28.66 ? 1873 CYS A O   1 
ATOM   131  C  CB  . CYS A 1 18  ? -1.976  -0.394  -9.388  1.00 27.94 ? 1873 CYS A CB  1 
ATOM   132  S  SG  . CYS A 1 18  ? -3.695  -0.101  -8.927  1.00 27.64 ? 1873 CYS A SG  1 
ATOM   133  N  N   . SER A 1 19  ? 0.825   0.125   -10.803 1.00 26.86 ? 1874 SER A N   1 
ATOM   134  C  CA  . SER A 1 19  ? 2.273   -0.029  -10.871 1.00 31.09 ? 1874 SER A CA  1 
ATOM   135  C  C   . SER A 1 19  ? 2.990   1.329   -10.849 1.00 33.15 ? 1874 SER A C   1 
ATOM   136  O  O   . SER A 1 19  ? 3.983   1.502   -10.140 1.00 34.95 ? 1874 SER A O   1 
ATOM   137  C  CB  . SER A 1 19  ? 2.671   -0.822  -12.121 1.00 34.04 ? 1874 SER A CB  1 
ATOM   138  O  OG  . SER A 1 19  ? 4.055   -1.137  -12.107 1.00 40.30 ? 1874 SER A OG  1 
ATOM   139  N  N   . MET A 1 20  ? 2.477   2.293   -11.610 1.00 33.39 ? 1875 MET A N   1 
ATOM   140  C  CA  . MET A 1 20  ? 3.016   3.650   -11.602 1.00 32.85 ? 1875 MET A CA  1 
ATOM   141  C  C   . MET A 1 20  ? 2.950   4.288   -10.228 1.00 29.89 ? 1875 MET A C   1 
ATOM   142  O  O   . MET A 1 20  ? 3.918   4.871   -9.766  1.00 34.32 ? 1875 MET A O   1 
ATOM   143  C  CB  . MET A 1 20  ? 2.267   4.555   -12.583 1.00 39.82 ? 1875 MET A CB  1 
ATOM   144  C  CG  . MET A 1 20  ? 2.505   4.266   -14.052 1.00 59.56 ? 1875 MET A CG  1 
ATOM   145  S  SD  . MET A 1 20  ? 1.768   5.565   -15.078 1.00 76.49 ? 1875 MET A SD  1 
ATOM   146  C  CE  . MET A 1 20  ? 2.563   7.033   -14.416 1.00 59.66 ? 1875 MET A CE  1 
ATOM   147  N  N   . ILE A 1 21  ? 1.786   4.210   -9.596  1.00 32.14 ? 1876 ILE A N   1 
ATOM   148  C  CA  . ILE A 1 21  ? 1.617   4.776   -8.267  1.00 33.05 ? 1876 ILE A CA  1 
ATOM   149  C  C   . ILE A 1 21  ? 2.624   4.150   -7.295  1.00 26.00 ? 1876 ILE A C   1 
ATOM   150  O  O   . ILE A 1 21  ? 3.268   4.850   -6.521  1.00 27.18 ? 1876 ILE A O   1 
ATOM   151  C  CB  . ILE A 1 21  ? 0.167   4.582   -7.752  1.00 32.24 ? 1876 ILE A CB  1 
ATOM   152  C  CG1 . ILE A 1 21  ? -0.779  5.502   -8.540  1.00 30.26 ? 1876 ILE A CG1 1 
ATOM   153  C  CG2 . ILE A 1 21  ? 0.091   4.888   -6.263  1.00 25.19 ? 1876 ILE A CG2 1 
ATOM   154  C  CD1 . ILE A 1 21  ? -2.255  5.185   -8.405  1.00 35.81 ? 1876 ILE A CD1 1 
ATOM   155  N  N   . LEU A 1 22  ? 2.771   2.835   -7.364  1.00 27.30 ? 1877 LEU A N   1 
ATOM   156  C  CA  . LEU A 1 22  ? 3.685   2.121   -6.490  1.00 25.74 ? 1877 LEU A CA  1 
ATOM   157  C  C   . LEU A 1 22  ? 5.129   2.556   -6.770  1.00 29.53 ? 1877 LEU A C   1 
ATOM   158  O  O   . LEU A 1 22  ? 5.915   2.693   -5.852  1.00 26.95 ? 1877 LEU A O   1 
ATOM   159  C  CB  . LEU A 1 22  ? 3.534   0.612   -6.673  1.00 27.34 ? 1877 LEU A CB  1 
ATOM   160  C  CG  . LEU A 1 22  ? 4.423   -0.252  -5.772  1.00 25.63 ? 1877 LEU A CG  1 
ATOM   161  C  CD1 . LEU A 1 22  ? 4.102   0.046   -4.331  1.00 20.92 ? 1877 LEU A CD1 1 
ATOM   162  C  CD2 . LEU A 1 22  ? 4.237   -1.745  -6.056  1.00 25.61 ? 1877 LEU A CD2 1 
ATOM   163  N  N   . THR A 1 23  ? 5.460   2.798   -8.039  1.00 26.22 ? 1878 THR A N   1 
ATOM   164  C  CA  . THR A 1 23  ? 6.798   3.273   -8.386  1.00 29.06 ? 1878 THR A CA  1 
ATOM   165  C  C   . THR A 1 23  ? 7.076   4.624   -7.739  1.00 30.96 ? 1878 THR A C   1 
ATOM   166  O  O   . THR A 1 23  ? 8.143   4.854   -7.169  1.00 30.41 ? 1878 THR A O   1 
ATOM   167  C  CB  . THR A 1 23  ? 6.988   3.377   -9.913  1.00 33.10 ? 1878 THR A CB  1 
ATOM   168  O  OG1 . THR A 1 23  ? 6.894   2.064   -10.496 1.00 31.49 ? 1878 THR A OG1 1 
ATOM   169  C  CG2 . THR A 1 23  ? 8.355   3.994   -10.235 1.00 26.89 ? 1878 THR A CG2 1 
ATOM   170  N  N   . GLU A 1 24  ? 6.094   5.508   -7.793  1.00 29.05 ? 1879 GLU A N   1 
ATOM   171  C  CA  . GLU A 1 24  ? 6.225   6.812   -7.175  1.00 29.39 ? 1879 GLU A CA  1 
ATOM   172  C  C   . GLU A 1 24  ? 6.324   6.707   -5.652  1.00 31.65 ? 1879 GLU A C   1 
ATOM   173  O  O   . GLU A 1 24  ? 7.029   7.488   -5.021  1.00 28.62 ? 1879 GLU A O   1 
ATOM   174  C  CB  . GLU A 1 24  ? 5.059   7.692   -7.610  1.00 30.43 ? 1879 GLU A CB  1 
ATOM   175  C  CG  . GLU A 1 24  ? 5.083   7.911   -9.133  1.00 39.13 ? 1879 GLU A CG  1 
ATOM   176  C  CD  . GLU A 1 24  ? 3.822   8.545   -9.696  1.00 50.72 ? 1879 GLU A CD  1 
ATOM   177  O  OE1 . GLU A 1 24  ? 2.900   8.856   -8.917  1.00 48.52 ? 1879 GLU A OE1 1 
ATOM   178  O  OE2 . GLU A 1 24  ? 3.762   8.738   -10.933 1.00 62.39 ? 1879 GLU A OE2 1 
ATOM   179  N  N   . MET A 1 25  ? 5.656   5.724   -5.054  1.00 27.83 ? 1880 MET A N   1 
ATOM   180  C  CA  . MET A 1 25  ? 5.833   5.481   -3.611  1.00 26.64 ? 1880 MET A CA  1 
ATOM   181  C  C   . MET A 1 25  ? 7.254   5.045   -3.304  1.00 26.62 ? 1880 MET A C   1 
ATOM   182  O  O   . MET A 1 25  ? 7.884   5.574   -2.396  1.00 25.88 ? 1880 MET A O   1 
ATOM   183  C  CB  . MET A 1 25  ? 4.872   4.420   -3.114  1.00 24.07 ? 1880 MET A CB  1 
ATOM   184  C  CG  . MET A 1 25  ? 3.468   4.707   -3.533  1.00 29.21 ? 1880 MET A CG  1 
ATOM   185  S  SD  . MET A 1 25  ? 2.834   5.924   -2.409  1.00 36.02 ? 1880 MET A SD  1 
ATOM   186  C  CE  . MET A 1 25  ? 2.162   4.730   -1.276  1.00 32.00 ? 1880 MET A CE  1 
ATOM   187  N  N   . GLU A 1 26  ? 7.735   4.074   -4.077  1.00 29.18 ? 1881 GLU A N   1 
ATOM   188  C  CA  . GLU A 1 26  ? 9.058   3.488   -3.902  1.00 29.18 ? 1881 GLU A CA  1 
ATOM   189  C  C   . GLU A 1 26  ? 10.193  4.501   -4.044  1.00 31.61 ? 1881 GLU A C   1 
ATOM   190  O  O   . GLU A 1 26  ? 11.262  4.303   -3.489  1.00 32.74 ? 1881 GLU A O   1 
ATOM   191  C  CB  . GLU A 1 26  ? 9.278   2.347   -4.908  1.00 29.70 ? 1881 GLU A CB  1 
ATOM   192  C  CG  . GLU A 1 26  ? 8.514   1.048   -4.636  1.00 30.53 ? 1881 GLU A CG  1 
ATOM   193  C  CD  . GLU A 1 26  ? 8.383   0.158   -5.885  1.00 28.25 ? 1881 GLU A CD  1 
ATOM   194  O  OE1 . GLU A 1 26  ? 8.484   0.666   -7.016  1.00 34.71 ? 1881 GLU A OE1 1 
ATOM   195  O  OE2 . GLU A 1 26  ? 8.159   -1.055  -5.745  1.00 38.67 ? 1881 GLU A OE2 1 
ATOM   196  N  N   . THR A 1 27  ? 9.971   5.577   -4.789  1.00 31.24 ? 1882 THR A N   1 
ATOM   197  C  CA  . THR A 1 27  ? 11.047  6.525   -5.059  1.00 32.40 ? 1882 THR A CA  1 
ATOM   198  C  C   . THR A 1 27  ? 10.929  7.778   -4.202  1.00 36.52 ? 1882 THR A C   1 
ATOM   199  O  O   . THR A 1 27  ? 11.796  8.636   -4.235  1.00 39.79 ? 1882 THR A O   1 
ATOM   200  C  CB  . THR A 1 27  ? 11.092  6.925   -6.552  1.00 29.47 ? 1882 THR A CB  1 
ATOM   201  O  OG1 . THR A 1 27  ? 9.942   7.705   -6.884  1.00 38.65 ? 1882 THR A OG1 1 
ATOM   202  C  CG2 . THR A 1 27  ? 11.119  5.690   -7.412  1.00 31.62 ? 1882 THR A CG2 1 
ATOM   203  N  N   . HIS A 1 28  ? 9.856   7.884   -3.430  1.00 30.21 ? 1883 HIS A N   1 
ATOM   204  C  CA  . HIS A 1 28  ? 9.723   8.971   -2.458  1.00 31.01 ? 1883 HIS A CA  1 
ATOM   205  C  C   . HIS A 1 28  ? 10.853  8.882   -1.418  1.00 32.83 ? 1883 HIS A C   1 
ATOM   206  O  O   . HIS A 1 28  ? 11.173  7.787   -0.953  1.00 30.75 ? 1883 HIS A O   1 
ATOM   207  C  CB  . HIS A 1 28  ? 8.351   8.865   -1.803  1.00 28.58 ? 1883 HIS A CB  1 
ATOM   208  C  CG  . HIS A 1 28  ? 7.957   10.042  -0.972  1.00 26.69 ? 1883 HIS A CG  1 
ATOM   209  N  ND1 . HIS A 1 28  ? 8.734   10.529  0.052   1.00 31.36 ? 1883 HIS A ND1 1 
ATOM   210  C  CD2 . HIS A 1 28  ? 6.826   10.787  -0.973  1.00 31.55 ? 1883 HIS A CD2 1 
ATOM   211  C  CE1 . HIS A 1 28  ? 8.110   11.532  0.640   1.00 27.01 ? 1883 HIS A CE1 1 
ATOM   212  N  NE2 . HIS A 1 28  ? 6.950   11.709  0.036   1.00 36.46 ? 1883 HIS A NE2 1 
ATOM   213  N  N   . GLU A 1 29  ? 11.454  10.002  -1.030  1.00 31.27 ? 1884 GLU A N   1 
ATOM   214  C  CA  . GLU A 1 29  ? 12.589  9.914   -0.100  1.00 32.41 ? 1884 GLU A CA  1 
ATOM   215  C  C   . GLU A 1 29  ? 12.175  9.429   1.302   1.00 32.81 ? 1884 GLU A C   1 
ATOM   216  O  O   . GLU A 1 29  ? 13.011  8.952   2.064   1.00 29.99 ? 1884 GLU A O   1 
ATOM   217  C  CB  . GLU A 1 29  ? 13.341  11.255  0.000   1.00 35.27 ? 1884 GLU A CB  1 
ATOM   218  C  CG  . GLU A 1 29  ? 12.649  12.361  0.774   1.00 40.56 ? 1884 GLU A CG  1 
ATOM   219  C  CD  . GLU A 1 29  ? 13.572  13.574  1.041   1.00 55.53 ? 1884 GLU A CD  1 
ATOM   220  O  OE1 . GLU A 1 29  ? 14.784  13.364  1.290   1.00 54.11 ? 1884 GLU A OE1 1 
ATOM   221  O  OE2 . GLU A 1 29  ? 13.085  14.735  1.003   1.00 48.94 ? 1884 GLU A OE2 1 
ATOM   222  N  N   . ASP A 1 30  ? 10.893  9.510   1.636   1.00 31.45 ? 1885 ASP A N   1 
ATOM   223  C  CA  . ASP A 1 30  ? 10.433  8.968   2.907   1.00 25.91 ? 1885 ASP A CA  1 
ATOM   224  C  C   . ASP A 1 30  ? 9.949   7.508   2.785   1.00 25.17 ? 1885 ASP A C   1 
ATOM   225  O  O   . ASP A 1 30  ? 9.284   6.997   3.676   1.00 29.30 ? 1885 ASP A O   1 
ATOM   226  C  CB  . ASP A 1 30  ? 9.314   9.831   3.488   1.00 28.68 ? 1885 ASP A CB  1 
ATOM   227  C  CG  . ASP A 1 30  ? 9.794   11.221  3.896   1.00 35.78 ? 1885 ASP A CG  1 
ATOM   228  O  OD1 . ASP A 1 30  ? 11.023  11.443  3.944   1.00 33.65 ? 1885 ASP A OD1 1 
ATOM   229  O  OD2 . ASP A 1 30  ? 8.939   12.082  4.177   1.00 31.26 ? 1885 ASP A OD2 1 
ATOM   230  N  N   . ALA A 1 31  ? 10.282  6.839   1.692   1.00 24.38 ? 1886 ALA A N   1 
ATOM   231  C  CA  . ALA A 1 31  ? 9.865   5.444   1.498   1.00 27.40 ? 1886 ALA A CA  1 
ATOM   232  C  C   . ALA A 1 31  ? 10.663  4.419   2.322   1.00 30.23 ? 1886 ALA A C   1 
ATOM   233  O  O   . ALA A 1 31  ? 10.191  3.295   2.508   1.00 26.06 ? 1886 ALA A O   1 
ATOM   234  C  CB  . ALA A 1 31  ? 9.952   5.076   0.023   1.00 22.50 ? 1886 ALA A CB  1 
ATOM   235  N  N   . TRP A 1 32  ? 11.853  4.805   2.804   1.00 26.57 ? 1887 TRP A N   1 
ATOM   236  C  CA  . TRP A 1 32  ? 12.826  3.856   3.360   1.00 28.53 ? 1887 TRP A CA  1 
ATOM   237  C  C   . TRP A 1 32  ? 12.309  2.938   4.482   1.00 25.11 ? 1887 TRP A C   1 
ATOM   238  O  O   . TRP A 1 32  ? 12.747  1.798   4.557   1.00 28.96 ? 1887 TRP A O   1 
ATOM   239  C  CB  . TRP A 1 32  ? 14.107  4.586   3.857   1.00 28.18 ? 1887 TRP A CB  1 
ATOM   240  C  CG  . TRP A 1 32  ? 13.888  5.672   4.883   1.00 27.74 ? 1887 TRP A CG  1 
ATOM   241  C  CD1 . TRP A 1 32  ? 13.676  6.998   4.633   1.00 26.48 ? 1887 TRP A CD1 1 
ATOM   242  C  CD2 . TRP A 1 32  ? 13.872  5.528   6.315   1.00 24.30 ? 1887 TRP A CD2 1 
ATOM   243  N  NE1 . TRP A 1 32  ? 13.508  7.681   5.814   1.00 25.86 ? 1887 TRP A NE1 1 
ATOM   244  C  CE2 . TRP A 1 32  ? 13.616  6.802   6.859   1.00 28.11 ? 1887 TRP A CE2 1 
ATOM   245  C  CE3 . TRP A 1 32  ? 14.021  4.442   7.186   1.00 28.72 ? 1887 TRP A CE3 1 
ATOM   246  C  CZ2 . TRP A 1 32  ? 13.519  7.025   8.241   1.00 31.01 ? 1887 TRP A CZ2 1 
ATOM   247  C  CZ3 . TRP A 1 32  ? 13.924  4.664   8.560   1.00 28.63 ? 1887 TRP A CZ3 1 
ATOM   248  C  CH2 . TRP A 1 32  ? 13.673  5.948   9.069   1.00 30.23 ? 1887 TRP A CH2 1 
ATOM   249  N  N   . PRO A 1 33  ? 11.393  3.407   5.354   1.00 21.92 ? 1888 PRO A N   1 
ATOM   250  C  CA  . PRO A 1 33  ? 10.943  2.411   6.342   1.00 20.76 ? 1888 PRO A CA  1 
ATOM   251  C  C   . PRO A 1 33  ? 10.000  1.339   5.771   1.00 29.24 ? 1888 PRO A C   1 
ATOM   252  O  O   . PRO A 1 33  ? 9.632   0.428   6.510   1.00 22.88 ? 1888 PRO A O   1 
ATOM   253  C  CB  . PRO A 1 33  ? 10.179  3.254   7.382   1.00 26.90 ? 1888 PRO A CB  1 
ATOM   254  C  CG  . PRO A 1 33  ? 10.566  4.716   7.095   1.00 25.98 ? 1888 PRO A CG  1 
ATOM   255  C  CD  . PRO A 1 33  ? 10.812  4.742   5.614   1.00 21.33 ? 1888 PRO A CD  1 
ATOM   256  N  N   . PHE A 1 34  ? 9.596   1.470   4.507   1.00 21.48 ? 1889 PHE A N   1 
ATOM   257  C  CA  . PHE A 1 34  ? 8.529   0.648   3.932   1.00 23.37 ? 1889 PHE A CA  1 
ATOM   258  C  C   . PHE A 1 34  ? 8.969   -0.148  2.703   1.00 23.62 ? 1889 PHE A C   1 
ATOM   259  O  O   . PHE A 1 34  ? 8.168   -0.848  2.108   1.00 23.99 ? 1889 PHE A O   1 
ATOM   260  C  CB  . PHE A 1 34  ? 7.330   1.530   3.560   1.00 23.17 ? 1889 PHE A CB  1 
ATOM   261  C  CG  . PHE A 1 34  ? 6.976   2.522   4.631   1.00 25.37 ? 1889 PHE A CG  1 
ATOM   262  C  CD1 . PHE A 1 34  ? 6.442   2.087   5.833   1.00 20.14 ? 1889 PHE A CD1 1 
ATOM   263  C  CD2 . PHE A 1 34  ? 7.224   3.884   4.457   1.00 26.62 ? 1889 PHE A CD2 1 
ATOM   264  C  CE1 . PHE A 1 34  ? 6.169   2.982   6.852   1.00 20.09 ? 1889 PHE A CE1 1 
ATOM   265  C  CE2 . PHE A 1 34  ? 6.926   4.793   5.468   1.00 24.37 ? 1889 PHE A CE2 1 
ATOM   266  C  CZ  . PHE A 1 34  ? 6.399   4.339   6.666   1.00 23.30 ? 1889 PHE A CZ  1 
ATOM   267  N  N   . LEU A 1 35  ? 10.234  -0.027  2.307   1.00 24.06 ? 1890 LEU A N   1 
ATOM   268  C  CA  . LEU A 1 35  ? 10.688  -0.680  1.081   1.00 27.34 ? 1890 LEU A CA  1 
ATOM   269  C  C   . LEU A 1 35  ? 10.720  -2.208  1.222   1.00 30.67 ? 1890 LEU A C   1 
ATOM   270  O  O   . LEU A 1 35  ? 10.346  -2.923  0.287   1.00 29.09 ? 1890 LEU A O   1 
ATOM   271  C  CB  . LEU A 1 35  ? 12.073  -0.160  0.662   1.00 27.22 ? 1890 LEU A CB  1 
ATOM   272  C  CG  . LEU A 1 35  ? 12.094  1.312   0.234   1.00 32.88 ? 1890 LEU A CG  1 
ATOM   273  C  CD1 . LEU A 1 35  ? 13.515  1.794   -0.043  1.00 31.10 ? 1890 LEU A CD1 1 
ATOM   274  C  CD2 . LEU A 1 35  ? 11.199  1.533   -0.991  1.00 30.45 ? 1890 LEU A CD2 1 
ATOM   275  N  N   . LEU A 1 36  ? 11.156  -2.703  2.382   1.00 23.35 ? 1891 LEU A N   1 
ATOM   276  C  CA  . LEU A 1 36  ? 11.303  -4.145  2.579   1.00 28.11 ? 1891 LEU A CA  1 
ATOM   277  C  C   . LEU A 1 36  ? 10.537  -4.588  3.802   1.00 27.43 ? 1891 LEU A C   1 
ATOM   278  O  O   . LEU A 1 36  ? 10.195  -3.757  4.641   1.00 25.85 ? 1891 LEU A O   1 
ATOM   279  C  CB  . LEU A 1 36  ? 12.780  -4.531  2.709   1.00 28.58 ? 1891 LEU A CB  1 
ATOM   280  C  CG  . LEU A 1 36  ? 13.706  -4.239  1.527   1.00 32.62 ? 1891 LEU A CG  1 
ATOM   281  C  CD1 . LEU A 1 36  ? 15.168  -4.545  1.906   1.00 33.01 ? 1891 LEU A CD1 1 
ATOM   282  C  CD2 . LEU A 1 36  ? 13.284  -5.057  0.322   1.00 32.70 ? 1891 LEU A CD2 1 
ATOM   283  N  N   . PRO A 1 37  ? 10.244  -5.896  3.907   1.00 31.96 ? 1892 PRO A N   1 
ATOM   284  C  CA  . PRO A 1 37  ? 9.589   -6.368  5.133   1.00 28.97 ? 1892 PRO A CA  1 
ATOM   285  C  C   . PRO A 1 37  ? 10.347  -5.929  6.393   1.00 32.90 ? 1892 PRO A C   1 
ATOM   286  O  O   . PRO A 1 37  ? 11.580  -5.821  6.384   1.00 29.29 ? 1892 PRO A O   1 
ATOM   287  C  CB  . PRO A 1 37  ? 9.622   -7.887  4.983   1.00 27.40 ? 1892 PRO A CB  1 
ATOM   288  C  CG  . PRO A 1 37  ? 9.649   -8.121  3.526   1.00 28.00 ? 1892 PRO A CG  1 
ATOM   289  C  CD  . PRO A 1 37  ? 10.474  -6.997  2.954   1.00 31.16 ? 1892 PRO A CD  1 
ATOM   290  N  N   . VAL A 1 38  ? 9.611   -5.622  7.448   1.00 27.14 ? 1893 VAL A N   1 
ATOM   291  C  CA  . VAL A 1 38  ? 10.248  -5.388  8.737   1.00 33.03 ? 1893 VAL A CA  1 
ATOM   292  C  C   . VAL A 1 38  ? 10.872  -6.705  9.185   1.00 32.11 ? 1893 VAL A C   1 
ATOM   293  O  O   . VAL A 1 38  ? 10.248  -7.754  9.044   1.00 35.25 ? 1893 VAL A O   1 
ATOM   294  C  CB  . VAL A 1 38  ? 9.241   -4.867  9.791   1.00 33.74 ? 1893 VAL A CB  1 
ATOM   295  C  CG1 . VAL A 1 38  ? 9.897   -4.794  11.172  1.00 37.08 ? 1893 VAL A CG1 1 
ATOM   296  C  CG2 . VAL A 1 38  ? 8.716   -3.510  9.384   1.00 31.85 ? 1893 VAL A CG2 1 
ATOM   297  N  N   . ASN A 1 39  ? 12.114  -6.656  9.671   1.00 38.09 ? 1894 ASN A N   1 
ATOM   298  C  CA  . ASN A 1 39  ? 12.861  -7.863  10.034  1.00 41.27 ? 1894 ASN A CA  1 
ATOM   299  C  C   . ASN A 1 39  ? 12.312  -8.522  11.301  1.00 46.39 ? 1894 ASN A C   1 
ATOM   300  O  O   . ASN A 1 39  ? 12.603  -8.086  12.411  1.00 44.10 ? 1894 ASN A O   1 
ATOM   301  C  CB  . ASN A 1 39  ? 14.348  -7.525  10.216  1.00 51.34 ? 1894 ASN A CB  1 
ATOM   302  C  CG  . ASN A 1 39  ? 15.249  -8.745  10.154  1.00 45.13 ? 1894 ASN A CG  1 
ATOM   303  O  OD1 . ASN A 1 39  ? 14.864  -9.854  10.533  1.00 53.16 ? 1894 ASN A OD1 1 
ATOM   304  N  ND2 . ASN A 1 39  ? 16.466  -8.539  9.679   1.00 57.45 ? 1894 ASN A ND2 1 
ATOM   305  N  N   . LEU A 1 40  ? 11.542  -9.590  11.119  1.00 39.93 ? 1895 LEU A N   1 
ATOM   306  C  CA  . LEU A 1 40  ? 10.766  -10.191 12.195  1.00 36.98 ? 1895 LEU A CA  1 
ATOM   307  C  C   . LEU A 1 40  ? 11.604  -10.855 13.274  1.00 60.65 ? 1895 LEU A C   1 
ATOM   308  O  O   . LEU A 1 40  ? 11.080  -11.241 14.328  1.00 60.49 ? 1895 LEU A O   1 
ATOM   309  C  CB  . LEU A 1 40  ? 9.791   -11.212 11.624  1.00 45.15 ? 1895 LEU A CB  1 
ATOM   310  C  CG  . LEU A 1 40  ? 8.574   -10.623 10.919  1.00 50.90 ? 1895 LEU A CG  1 
ATOM   311  C  CD1 . LEU A 1 40  ? 7.576   -11.724 10.608  1.00 46.13 ? 1895 LEU A CD1 1 
ATOM   312  C  CD2 . LEU A 1 40  ? 7.945   -9.529  11.778  1.00 41.60 ? 1895 LEU A CD2 1 
ATOM   313  N  N   . LYS A 1 41  ? 12.898  -11.003 13.012  1.00 59.45 ? 1896 LYS A N   1 
ATOM   314  C  CA  . LYS A 1 41  ? 13.788  -11.579 14.003  1.00 63.11 ? 1896 LYS A CA  1 
ATOM   315  C  C   . LYS A 1 41  ? 14.594  -10.497 14.724  1.00 62.89 ? 1896 LYS A C   1 
ATOM   316  O  O   . LYS A 1 41  ? 15.063  -10.726 15.837  1.00 73.10 ? 1896 LYS A O   1 
ATOM   317  C  CB  . LYS A 1 41  ? 14.727  -12.608 13.357  1.00 65.92 ? 1896 LYS A CB  1 
ATOM   318  C  CG  . LYS A 1 41  ? 14.010  -13.818 12.771  1.00 62.92 ? 1896 LYS A CG  1 
ATOM   319  C  CD  . LYS A 1 41  ? 14.989  -14.921 12.368  1.00 71.51 ? 1896 LYS A CD  1 
ATOM   320  C  CE  . LYS A 1 41  ? 16.091  -14.404 11.446  1.00 76.59 ? 1896 LYS A CE  1 
ATOM   321  N  NZ  . LYS A 1 41  ? 15.563  -13.917 10.141  1.00 80.71 ? 1896 LYS A NZ  1 
ATOM   322  N  N   . LEU A 1 42  ? 14.737  -9.318  14.117  1.00 50.21 ? 1897 LEU A N   1 
ATOM   323  C  CA  . LEU A 1 42  ? 15.567  -8.268  14.717  1.00 50.20 ? 1897 LEU A CA  1 
ATOM   324  C  C   . LEU A 1 42  ? 14.769  -7.085  15.257  1.00 57.48 ? 1897 LEU A C   1 
ATOM   325  O  O   . LEU A 1 42  ? 15.341  -6.056  15.625  1.00 56.24 ? 1897 LEU A O   1 
ATOM   326  C  CB  . LEU A 1 42  ? 16.592  -7.762  13.710  1.00 55.70 ? 1897 LEU A CB  1 
ATOM   327  C  CG  . LEU A 1 42  ? 17.371  -8.855  12.965  1.00 67.47 ? 1897 LEU A CG  1 
ATOM   328  C  CD1 . LEU A 1 42  ? 18.493  -8.254  12.134  1.00 64.16 ? 1897 LEU A CD1 1 
ATOM   329  C  CD2 . LEU A 1 42  ? 17.919  -9.916  13.912  1.00 65.32 ? 1897 LEU A CD2 1 
ATOM   330  N  N   . VAL A 1 43  ? 13.447  -7.226  15.289  1.00 55.20 ? 1898 VAL A N   1 
ATOM   331  C  CA  . VAL A 1 43  ? 12.581  -6.202  15.859  1.00 37.12 ? 1898 VAL A CA  1 
ATOM   332  C  C   . VAL A 1 43  ? 11.628  -6.866  16.841  1.00 48.37 ? 1898 VAL A C   1 
ATOM   333  O  O   . VAL A 1 43  ? 10.577  -7.386  16.444  1.00 39.78 ? 1898 VAL A O   1 
ATOM   334  C  CB  . VAL A 1 43  ? 11.773  -5.453  14.788  1.00 47.91 ? 1898 VAL A CB  1 
ATOM   335  C  CG1 . VAL A 1 43  ? 10.804  -4.454  15.443  1.00 39.91 ? 1898 VAL A CG1 1 
ATOM   336  C  CG2 . VAL A 1 43  ? 12.707  -4.751  13.803  1.00 45.60 ? 1898 VAL A CG2 1 
ATOM   337  N  N   . PRO A 1 44  ? 12.003  -6.861  18.132  1.00 51.29 ? 1899 PRO A N   1 
ATOM   338  C  CA  . PRO A 1 44  ? 11.211  -7.487  19.200  1.00 49.69 ? 1899 PRO A CA  1 
ATOM   339  C  C   . PRO A 1 44  ? 9.751   -7.046  19.160  1.00 37.25 ? 1899 PRO A C   1 
ATOM   340  O  O   . PRO A 1 44  ? 9.482   -5.853  19.046  1.00 37.67 ? 1899 PRO A O   1 
ATOM   341  C  CB  . PRO A 1 44  ? 11.892  -6.992  20.489  1.00 53.50 ? 1899 PRO A CB  1 
ATOM   342  C  CG  . PRO A 1 44  ? 13.267  -6.602  20.081  1.00 51.96 ? 1899 PRO A CG  1 
ATOM   343  C  CD  . PRO A 1 44  ? 13.164  -6.120  18.660  1.00 48.05 ? 1899 PRO A CD  1 
ATOM   344  N  N   . GLY A 1 45  ? 8.827   -7.996  19.223  1.00 38.52 ? 1900 GLY A N   1 
ATOM   345  C  CA  . GLY A 1 45  ? 7.413   -7.671  19.320  1.00 34.39 ? 1900 GLY A CA  1 
ATOM   346  C  C   . GLY A 1 45  ? 6.655   -7.602  18.002  1.00 36.96 ? 1900 GLY A C   1 
ATOM   347  O  O   . GLY A 1 45  ? 5.425   -7.768  17.978  1.00 34.13 ? 1900 GLY A O   1 
ATOM   348  N  N   . TYR A 1 46  ? 7.372   -7.362  16.905  1.00 32.50 ? 1901 TYR A N   1 
ATOM   349  C  CA  . TYR A 1 46  ? 6.686   -7.089  15.642  1.00 35.50 ? 1901 TYR A CA  1 
ATOM   350  C  C   . TYR A 1 46  ? 5.857   -8.269  15.183  1.00 33.91 ? 1901 TYR A C   1 
ATOM   351  O  O   . TYR A 1 46  ? 4.692   -8.100  14.813  1.00 33.06 ? 1901 TYR A O   1 
ATOM   352  C  CB  . TYR A 1 46  ? 7.661   -6.690  14.528  1.00 36.95 ? 1901 TYR A CB  1 
ATOM   353  C  CG  . TYR A 1 46  ? 6.963   -5.827  13.495  1.00 30.98 ? 1901 TYR A CG  1 
ATOM   354  C  CD1 . TYR A 1 46  ? 6.763   -4.468  13.721  1.00 28.23 ? 1901 TYR A CD1 1 
ATOM   355  C  CD2 . TYR A 1 46  ? 6.470   -6.378  12.320  1.00 30.72 ? 1901 TYR A CD2 1 
ATOM   356  C  CE1 . TYR A 1 46  ? 6.111   -3.676  12.788  1.00 29.90 ? 1901 TYR A CE1 1 
ATOM   357  C  CE2 . TYR A 1 46  ? 5.807   -5.594  11.383  1.00 33.38 ? 1901 TYR A CE2 1 
ATOM   358  C  CZ  . TYR A 1 46  ? 5.629   -4.251  11.620  1.00 30.56 ? 1901 TYR A CZ  1 
ATOM   359  O  OH  . TYR A 1 46  ? 4.965   -3.483  10.685  1.00 32.82 ? 1901 TYR A OH  1 
ATOM   360  N  N   . LYS A 1 47  ? 6.443   -9.461  15.237  1.00 34.34 ? 1902 LYS A N   1 
ATOM   361  C  CA  . LYS A 1 47  ? 5.750   -10.663 14.792  1.00 40.61 ? 1902 LYS A CA  1 
ATOM   362  C  C   . LYS A 1 47  ? 4.429   -10.865 15.541  1.00 41.71 ? 1902 LYS A C   1 
ATOM   363  O  O   . LYS A 1 47  ? 3.395   -11.180 14.939  1.00 40.28 ? 1902 LYS A O   1 
ATOM   364  C  CB  . LYS A 1 47  ? 6.648   -11.892 14.957  1.00 42.32 ? 1902 LYS A CB  1 
ATOM   365  C  CG  . LYS A 1 47  ? 6.137   -13.117 14.201  1.00 45.17 ? 1902 LYS A CG  1 
ATOM   366  C  CD  . LYS A 1 47  ? 7.183   -14.228 14.154  1.00 55.38 ? 1902 LYS A CD  1 
ATOM   367  C  CE  . LYS A 1 47  ? 6.836   -15.290 13.110  1.00 65.30 ? 1902 LYS A CE  1 
ATOM   368  N  NZ  . LYS A 1 47  ? 5.541   -15.966 13.393  1.00 69.35 ? 1902 LYS A NZ  1 
ATOM   369  N  N   . LYS A 1 48  ? 4.460   -10.655 16.850  1.00 36.41 ? 1903 LYS A N   1 
ATOM   370  C  CA  . LYS A 1 48  ? 3.308   -10.939 17.692  1.00 34.01 ? 1903 LYS A CA  1 
ATOM   371  C  C   . LYS A 1 48  ? 2.240   -9.870  17.553  1.00 34.06 ? 1903 LYS A C   1 
ATOM   372  O  O   . LYS A 1 48  ? 1.044   -10.149 17.490  1.00 39.33 ? 1903 LYS A O   1 
ATOM   373  C  CB  . LYS A 1 48  ? 3.756   -11.057 19.157  1.00 39.61 ? 1903 LYS A CB  1 
ATOM   374  C  CG  . LYS A 1 48  ? 2.649   -11.407 20.141  1.00 36.63 ? 1903 LYS A CG  1 
ATOM   375  C  CD  . LYS A 1 48  ? 2.054   -12.771 19.835  1.00 39.09 ? 1903 LYS A CD  1 
ATOM   376  C  CE  . LYS A 1 48  ? 0.922   -13.127 20.793  1.00 36.14 ? 1903 LYS A CE  1 
ATOM   377  N  NZ  . LYS A 1 48  ? 1.451   -13.709 22.053  1.00 40.11 ? 1903 LYS A NZ  1 
ATOM   378  N  N   . VAL A 1 49  ? 2.679   -8.623  17.518  1.00 34.63 ? 1904 VAL A N   1 
ATOM   379  C  CA  . VAL A 1 49  ? 1.751   -7.506  17.521  1.00 30.32 ? 1904 VAL A CA  1 
ATOM   380  C  C   . VAL A 1 49  ? 1.108   -7.233  16.148  1.00 37.60 ? 1904 VAL A C   1 
ATOM   381  O  O   . VAL A 1 49  ? -0.096  -6.983  16.056  1.00 34.58 ? 1904 VAL A O   1 
ATOM   382  C  CB  . VAL A 1 49  ? 2.475   -6.244  18.017  1.00 34.31 ? 1904 VAL A CB  1 
ATOM   383  C  CG1 . VAL A 1 49  ? 1.604   -5.005  17.853  1.00 31.81 ? 1904 VAL A CG1 1 
ATOM   384  C  CG2 . VAL A 1 49  ? 2.898   -6.443  19.472  1.00 31.15 ? 1904 VAL A CG2 1 
ATOM   385  N  N   . ILE A 1 50  ? 1.913   -7.290  15.088  1.00 32.41 ? 1905 ILE A N   1 
ATOM   386  C  CA  . ILE A 1 50  ? 1.436   -6.966  13.735  1.00 33.97 ? 1905 ILE A CA  1 
ATOM   387  C  C   . ILE A 1 50  ? 1.018   -8.242  13.011  1.00 30.80 ? 1905 ILE A C   1 
ATOM   388  O  O   . ILE A 1 50  ? 1.852   -9.007  12.547  1.00 33.86 ? 1905 ILE A O   1 
ATOM   389  C  CB  . ILE A 1 50  ? 2.522   -6.205  12.922  1.00 32.88 ? 1905 ILE A CB  1 
ATOM   390  C  CG1 . ILE A 1 50  ? 2.945   -4.954  13.687  1.00 29.35 ? 1905 ILE A CG1 1 
ATOM   391  C  CG2 . ILE A 1 50  ? 2.021   -5.828  11.496  1.00 26.91 ? 1905 ILE A CG2 1 
ATOM   392  C  CD1 . ILE A 1 50  ? 1.767   -3.996  13.918  1.00 26.89 ? 1905 ILE A CD1 1 
ATOM   393  N  N   . LYS A 1 51  ? -0.283  -8.476  12.950  1.00 29.76 ? 1906 LYS A N   1 
ATOM   394  C  CA  . LYS A 1 51  ? -0.801  -9.738  12.444  1.00 38.97 ? 1906 LYS A CA  1 
ATOM   395  C  C   . LYS A 1 51  ? -0.630  -9.888  10.933  1.00 40.44 ? 1906 LYS A C   1 
ATOM   396  O  O   . LYS A 1 51  ? -0.461  -11.000 10.432  1.00 37.25 ? 1906 LYS A O   1 
ATOM   397  C  CB  . LYS A 1 51  ? -2.279  -9.887  12.821  1.00 37.73 ? 1906 LYS A CB  1 
ATOM   398  C  CG  . LYS A 1 51  ? -2.536  -9.829  14.320  1.00 46.24 ? 1906 LYS A CG  1 
ATOM   399  C  CD  . LYS A 1 51  ? -1.857  -10.984 15.037  1.00 39.58 ? 1906 LYS A CD  1 
ATOM   400  C  CE  . LYS A 1 51  ? -1.939  -10.797 16.565  1.00 51.64 ? 1906 LYS A CE  1 
ATOM   401  N  NZ  . LYS A 1 51  ? -1.412  -11.978 17.315  1.00 49.47 ? 1906 LYS A NZ  1 
ATOM   402  N  N   . LYS A 1 52  ? -0.671  -8.774  10.208  1.00 33.29 ? 1907 LYS A N   1 
ATOM   403  C  CA  . LYS A 1 52  ? -0.534  -8.832  8.762   1.00 30.14 ? 1907 LYS A CA  1 
ATOM   404  C  C   . LYS A 1 52  ? 0.480   -7.805  8.285   1.00 27.14 ? 1907 LYS A C   1 
ATOM   405  O  O   . LYS A 1 52  ? 0.112   -6.692  7.910   1.00 27.72 ? 1907 LYS A O   1 
ATOM   406  C  CB  . LYS A 1 52  ? -1.889  -8.624  8.083   1.00 31.30 ? 1907 LYS A CB  1 
ATOM   407  C  CG  . LYS A 1 52  ? -2.775  -9.863  8.155   1.00 44.88 ? 1907 LYS A CG  1 
ATOM   408  C  CD  . LYS A 1 52  ? -4.174  -9.629  7.601   1.00 49.56 ? 1907 LYS A CD  1 
ATOM   409  C  CE  . LYS A 1 52  ? -4.788  -10.951 7.105   1.00 75.87 ? 1907 LYS A CE  1 
ATOM   410  N  NZ  . LYS A 1 52  ? -6.289  -10.972 7.044   1.00 72.80 ? 1907 LYS A NZ  1 
ATOM   411  N  N   . PRO A 1 53  ? 1.765   -8.187  8.319   1.00 29.51 ? 1908 PRO A N   1 
ATOM   412  C  CA  . PRO A 1 53  ? 2.890   -7.395  7.814   1.00 27.39 ? 1908 PRO A CA  1 
ATOM   413  C  C   . PRO A 1 53  ? 2.730   -7.128  6.319   1.00 27.77 ? 1908 PRO A C   1 
ATOM   414  O  O   . PRO A 1 53  ? 2.324   -8.015  5.569   1.00 24.43 ? 1908 PRO A O   1 
ATOM   415  C  CB  . PRO A 1 53  ? 4.108   -8.288  8.088   1.00 21.00 ? 1908 PRO A CB  1 
ATOM   416  C  CG  . PRO A 1 53  ? 3.646   -9.257  9.137   1.00 34.73 ? 1908 PRO A CG  1 
ATOM   417  C  CD  . PRO A 1 53  ? 2.212   -9.492  8.844   1.00 33.57 ? 1908 PRO A CD  1 
ATOM   418  N  N   . MET A 1 54  ? 3.032   -5.909  5.899   1.00 27.25 ? 1909 MET A N   1 
ATOM   419  C  CA  . MET A 1 54  ? 3.004   -5.575  4.482   1.00 23.93 ? 1909 MET A CA  1 
ATOM   420  C  C   . MET A 1 54  ? 4.057   -4.510  4.205   1.00 22.45 ? 1909 MET A C   1 
ATOM   421  O  O   . MET A 1 54  ? 4.362   -3.695  5.081   1.00 23.92 ? 1909 MET A O   1 
ATOM   422  C  CB  . MET A 1 54  ? 1.603   -5.099  4.064   1.00 20.58 ? 1909 MET A CB  1 
ATOM   423  C  CG  . MET A 1 54  ? 1.445   -4.936  2.548   1.00 25.82 ? 1909 MET A CG  1 
ATOM   424  S  SD  . MET A 1 54  ? 1.878   -6.427  1.622   1.00 26.80 ? 1909 MET A SD  1 
ATOM   425  C  CE  . MET A 1 54  ? 0.809   -7.619  2.467   1.00 22.32 ? 1909 MET A CE  1 
ATOM   426  N  N   . ASP A 1 55  ? 4.606   -4.512  2.994   1.00 15.25 ? 1910 ASP A N   1 
ATOM   427  C  CA  . ASP A 1 55  ? 5.627   -3.536  2.624   1.00 22.95 ? 1910 ASP A CA  1 
ATOM   428  C  C   . ASP A 1 55  ? 5.593   -3.383  1.120   1.00 23.24 ? 1910 ASP A C   1 
ATOM   429  O  O   . ASP A 1 55  ? 4.957   -4.191  0.456   1.00 24.24 ? 1910 ASP A O   1 
ATOM   430  C  CB  . ASP A 1 55  ? 7.005   -3.988  3.096   1.00 21.10 ? 1910 ASP A CB  1 
ATOM   431  C  CG  . ASP A 1 55  ? 7.507   -5.187  2.309   1.00 23.38 ? 1910 ASP A CG  1 
ATOM   432  O  OD1 . ASP A 1 55  ? 7.077   -6.327  2.602   1.00 24.96 ? 1910 ASP A OD1 1 
ATOM   433  O  OD2 . ASP A 1 55  ? 8.318   -4.976  1.388   1.00 28.90 ? 1910 ASP A OD2 1 
ATOM   434  N  N   . PHE A 1 56  ? 6.266   -2.364  0.582   1.00 22.48 ? 1911 PHE A N   1 
ATOM   435  C  CA  . PHE A 1 56  ? 6.155   -2.059  -0.849  1.00 21.37 ? 1911 PHE A CA  1 
ATOM   436  C  C   . PHE A 1 56  ? 6.674   -3.196  -1.743  1.00 24.71 ? 1911 PHE A C   1 
ATOM   437  O  O   . PHE A 1 56  ? 6.100   -3.443  -2.797  1.00 25.79 ? 1911 PHE A O   1 
ATOM   438  C  CB  . PHE A 1 56  ? 6.904   -0.771  -1.218  1.00 20.53 ? 1911 PHE A CB  1 
ATOM   439  C  CG  . PHE A 1 56  ? 6.333   0.490   -0.590  1.00 23.01 ? 1911 PHE A CG  1 
ATOM   440  C  CD1 . PHE A 1 56  ? 5.082   0.499   0.000   1.00 23.26 ? 1911 PHE A CD1 1 
ATOM   441  C  CD2 . PHE A 1 56  ? 7.077   1.666   -0.589  1.00 22.53 ? 1911 PHE A CD2 1 
ATOM   442  C  CE1 . PHE A 1 56  ? 4.573   1.664   0.588   1.00 25.35 ? 1911 PHE A CE1 1 
ATOM   443  C  CE2 . PHE A 1 56  ? 6.583   2.821   -0.016  1.00 24.79 ? 1911 PHE A CE2 1 
ATOM   444  C  CZ  . PHE A 1 56  ? 5.323   2.819   0.576   1.00 21.28 ? 1911 PHE A CZ  1 
ATOM   445  N  N   . SER A 1 57  ? 7.742   -3.883  -1.337  1.00 22.76 ? 1912 SER A N   1 
ATOM   446  C  CA  . SER A 1 57  ? 8.324   -4.915  -2.211  1.00 28.21 ? 1912 SER A CA  1 
ATOM   447  C  C   . SER A 1 57  ? 7.414   -6.139  -2.283  1.00 28.32 ? 1912 SER A C   1 
ATOM   448  O  O   . SER A 1 57  ? 7.367   -6.814  -3.302  1.00 27.27 ? 1912 SER A O   1 
ATOM   449  C  CB  . SER A 1 57  ? 9.726   -5.333  -1.744  1.00 27.70 ? 1912 SER A CB  1 
ATOM   450  O  OG  . SER A 1 57  ? 9.645   -6.134  -0.574  1.00 27.33 ? 1912 SER A OG  1 
ATOM   451  N  N   . THR A 1 58  ? 6.683   -6.402  -1.202  1.00 23.98 ? 1913 THR A N   1 
ATOM   452  C  CA  . THR A 1 58  ? 5.723   -7.485  -1.168  1.00 23.40 ? 1913 THR A CA  1 
ATOM   453  C  C   . THR A 1 58  ? 4.507   -7.122  -2.008  1.00 32.29 ? 1913 THR A C   1 
ATOM   454  O  O   . THR A 1 58  ? 3.968   -7.956  -2.748  1.00 30.11 ? 1913 THR A O   1 
ATOM   455  C  CB  . THR A 1 58  ? 5.283   -7.795  0.268   1.00 26.00 ? 1913 THR A CB  1 
ATOM   456  O  OG1 . THR A 1 58  ? 6.423   -8.199  1.032   1.00 28.57 ? 1913 THR A OG1 1 
ATOM   457  C  CG2 . THR A 1 58  ? 4.260   -8.909  0.288   1.00 25.12 ? 1913 THR A CG2 1 
ATOM   458  N  N   . ILE A 1 59  ? 4.081   -5.867  -1.908  1.00 24.45 ? 1914 ILE A N   1 
ATOM   459  C  CA  . ILE A 1 59  ? 3.000   -5.375  -2.760  1.00 21.71 ? 1914 ILE A CA  1 
ATOM   460  C  C   . ILE A 1 59  ? 3.386   -5.478  -4.234  1.00 27.43 ? 1914 ILE A C   1 
ATOM   461  O  O   . ILE A 1 59  ? 2.582   -5.920  -5.063  1.00 27.60 ? 1914 ILE A O   1 
ATOM   462  C  CB  . ILE A 1 59  ? 2.621   -3.907  -2.414  1.00 22.47 ? 1914 ILE A CB  1 
ATOM   463  C  CG1 . ILE A 1 59  ? 2.035   -3.823  -0.991  1.00 22.26 ? 1914 ILE A CG1 1 
ATOM   464  C  CG2 . ILE A 1 59  ? 1.644   -3.334  -3.436  1.00 19.38 ? 1914 ILE A CG2 1 
ATOM   465  C  CD1 . ILE A 1 59  ? 1.748   -2.356  -0.494  1.00 20.55 ? 1914 ILE A CD1 1 
ATOM   466  N  N   . ARG A 1 60  ? 4.614   -5.075  -4.553  1.00 23.90 ? 1915 ARG A N   1 
ATOM   467  C  CA  . ARG A 1 60  ? 5.119   -5.157  -5.912  1.00 25.97 ? 1915 ARG A CA  1 
ATOM   468  C  C   . ARG A 1 60  ? 5.089   -6.596  -6.431  1.00 33.57 ? 1915 ARG A C   1 
ATOM   469  O  O   . ARG A 1 60  ? 4.715   -6.848  -7.574  1.00 29.19 ? 1915 ARG A O   1 
ATOM   470  C  CB  . ARG A 1 60  ? 6.543   -4.603  -5.974  1.00 27.20 ? 1915 ARG A CB  1 
ATOM   471  C  CG  . ARG A 1 60  ? 7.299   -4.891  -7.276  1.00 33.10 ? 1915 ARG A CG  1 
ATOM   472  C  CD  . ARG A 1 60  ? 6.799   -4.041  -8.431  1.00 30.54 ? 1915 ARG A CD  1 
ATOM   473  N  NE  . ARG A 1 60  ? 7.106   -2.625  -8.254  1.00 27.92 ? 1915 ARG A NE  1 
ATOM   474  C  CZ  . ARG A 1 60  ? 6.552   -1.649  -8.968  1.00 25.29 ? 1915 ARG A CZ  1 
ATOM   475  N  NH1 . ARG A 1 60  ? 5.666   -1.927  -9.908  1.00 34.97 ? 1915 ARG A NH1 1 
ATOM   476  N  NH2 . ARG A 1 60  ? 6.871   -0.389  -8.738  1.00 29.02 ? 1915 ARG A NH2 1 
ATOM   477  N  N   . GLU A 1 61  ? 5.486   -7.535  -5.580  1.00 28.69 ? 1916 GLU A N   1 
ATOM   478  C  CA  . GLU A 1 61  ? 5.537   -8.938  -5.972  1.00 32.71 ? 1916 GLU A CA  1 
ATOM   479  C  C   . GLU A 1 61  ? 4.120   -9.464  -6.229  1.00 36.05 ? 1916 GLU A C   1 
ATOM   480  O  O   . GLU A 1 61  ? 3.881   -10.146 -7.226  1.00 32.12 ? 1916 GLU A O   1 
ATOM   481  C  CB  . GLU A 1 61  ? 6.243   -9.766  -4.896  1.00 32.86 ? 1916 GLU A CB  1 
ATOM   482  C  CG  . GLU A 1 61  ? 6.384   -11.247 -5.216  1.00 44.70 ? 1916 GLU A CG  1 
ATOM   483  C  CD  . GLU A 1 61  ? 7.123   -11.519 -6.524  1.00 51.37 ? 1916 GLU A CD  1 
ATOM   484  O  OE1 . GLU A 1 61  ? 8.191   -10.905 -6.770  1.00 50.88 ? 1916 GLU A OE1 1 
ATOM   485  O  OE2 . GLU A 1 61  ? 6.628   -12.364 -7.309  1.00 57.17 ? 1916 GLU A OE2 1 
ATOM   486  N  N   . LYS A 1 62  ? 3.186   -9.121  -5.344  1.00 28.02 ? 1917 LYS A N   1 
ATOM   487  C  CA  . LYS A 1 62  ? 1.787   -9.478  -5.512  1.00 26.59 ? 1917 LYS A CA  1 
ATOM   488  C  C   . LYS A 1 62  ? 1.172   -8.848  -6.762  1.00 31.21 ? 1917 LYS A C   1 
ATOM   489  O  O   . LYS A 1 62  ? 0.390   -9.487  -7.469  1.00 32.45 ? 1917 LYS A O   1 
ATOM   490  C  CB  . LYS A 1 62  ? 0.975   -9.070  -4.272  1.00 28.98 ? 1917 LYS A CB  1 
ATOM   491  C  CG  . LYS A 1 62  ? 1.256   -9.935  -3.062  1.00 29.98 ? 1917 LYS A CG  1 
ATOM   492  C  CD  . LYS A 1 62  ? 0.541   -9.447  -1.840  1.00 26.60 ? 1917 LYS A CD  1 
ATOM   493  C  CE  . LYS A 1 62  ? -0.963  -9.630  -1.954  1.00 23.13 ? 1917 LYS A CE  1 
ATOM   494  N  NZ  . LYS A 1 62  ? -1.598  -9.477  -0.636  1.00 28.93 ? 1917 LYS A NZ  1 
ATOM   495  N  N   . LEU A 1 63  ? 1.524   -7.600  -7.039  1.00 30.54 ? 1918 LEU A N   1 
ATOM   496  C  CA  . LEU A 1 63  ? 0.972   -6.903  -8.193  1.00 30.70 ? 1918 LEU A CA  1 
ATOM   497  C  C   . LEU A 1 63  ? 1.428   -7.577  -9.486  1.00 34.89 ? 1918 LEU A C   1 
ATOM   498  O  O   . LEU A 1 63  ? 0.624   -7.835  -10.376 1.00 36.74 ? 1918 LEU A O   1 
ATOM   499  C  CB  . LEU A 1 63  ? 1.388   -5.431  -8.194  1.00 27.62 ? 1918 LEU A CB  1 
ATOM   500  C  CG  . LEU A 1 63  ? 0.668   -4.526  -9.204  1.00 28.56 ? 1918 LEU A CG  1 
ATOM   501  C  CD1 . LEU A 1 63  ? -0.812  -4.488  -8.921  1.00 26.61 ? 1918 LEU A CD1 1 
ATOM   502  C  CD2 . LEU A 1 63  ? 1.251   -3.107  -9.233  1.00 26.44 ? 1918 LEU A CD2 1 
ATOM   503  N  N   . SER A 1 64  ? 2.721   -7.877  -9.552  1.00 33.43 ? 1919 SER A N   1 
ATOM   504  C  CA  . SER A 1 64  ? 3.370   -8.422  -10.740 1.00 33.90 ? 1919 SER A CA  1 
ATOM   505  C  C   . SER A 1 64  ? 3.013   -9.887  -11.010 1.00 30.50 ? 1919 SER A C   1 
ATOM   506  O  O   . SER A 1 64  ? 3.305   -10.425 -12.071 1.00 31.74 ? 1919 SER A O   1 
ATOM   507  C  CB  . SER A 1 64  ? 4.891   -8.297  -10.600 1.00 35.72 ? 1919 SER A CB  1 
ATOM   508  O  OG  . SER A 1 64  ? 5.280   -6.936  -10.552 1.00 42.75 ? 1919 SER A OG  1 
ATOM   509  N  N   . SER A 1 65  ? 2.399   -10.536 -10.042 1.00 26.90 ? 1920 SER A N   1 
ATOM   510  C  CA  . SER A 1 65  ? 2.122   -11.951 -10.165 1.00 28.62 ? 1920 SER A CA  1 
ATOM   511  C  C   . SER A 1 65  ? 0.612   -12.213 -10.158 1.00 26.51 ? 1920 SER A C   1 
ATOM   512  O  O   . SER A 1 65  ? 0.168   -13.339 -9.904  1.00 30.47 ? 1920 SER A O   1 
ATOM   513  C  CB  . SER A 1 65  ? 2.813   -12.719 -9.038  1.00 31.21 ? 1920 SER A CB  1 
ATOM   514  O  OG  . SER A 1 65  ? 2.345   -12.304 -7.761  1.00 30.53 ? 1920 SER A OG  1 
ATOM   515  N  N   . GLY A 1 66  ? -0.170  -11.161 -10.415 1.00 29.52 ? 1921 GLY A N   1 
ATOM   516  C  CA  . GLY A 1 66  ? -1.611  -11.287 -10.576 1.00 23.23 ? 1921 GLY A CA  1 
ATOM   517  C  C   . GLY A 1 66  ? -2.338  -11.646 -9.300  1.00 29.47 ? 1921 GLY A C   1 
ATOM   518  O  O   . GLY A 1 66  ? -3.349  -12.343 -9.322  1.00 28.57 ? 1921 GLY A O   1 
ATOM   519  N  N   . GLN A 1 67  ? -1.855  -11.153 -8.167  1.00 27.76 ? 1922 GLN A N   1 
ATOM   520  C  CA  . GLN A 1 67  ? -2.461  -11.553 -6.913  1.00 24.07 ? 1922 GLN A CA  1 
ATOM   521  C  C   . GLN A 1 67  ? -3.483  -10.547 -6.380  1.00 30.26 ? 1922 GLN A C   1 
ATOM   522  O  O   . GLN A 1 67  ? -4.110  -10.808 -5.354  1.00 31.28 ? 1922 GLN A O   1 
ATOM   523  C  CB  . GLN A 1 67  ? -1.373  -11.811 -5.866  1.00 33.85 ? 1922 GLN A CB  1 
ATOM   524  C  CG  . GLN A 1 67  ? -0.558  -13.047 -6.175  1.00 32.64 ? 1922 GLN A CG  1 
ATOM   525  C  CD  . GLN A 1 67  ? 0.409   -13.409 -5.064  1.00 35.93 ? 1922 GLN A CD  1 
ATOM   526  O  OE1 . GLN A 1 67  ? 0.014   -13.663 -3.928  1.00 36.63 ? 1922 GLN A OE1 1 
ATOM   527  N  NE2 . GLN A 1 67  ? 1.685   -13.419 -5.389  1.00 33.64 ? 1922 GLN A NE2 1 
ATOM   528  N  N   . TYR A 1 68  ? -3.648  -9.413  -7.063  1.00 30.53 ? 1923 TYR A N   1 
ATOM   529  C  CA  . TYR A 1 68  ? -4.720  -8.464  -6.730  1.00 24.68 ? 1923 TYR A CA  1 
ATOM   530  C  C   . TYR A 1 68  ? -5.864  -8.601  -7.721  1.00 33.05 ? 1923 TYR A C   1 
ATOM   531  O  O   . TYR A 1 68  ? -5.712  -8.300  -8.908  1.00 29.47 ? 1923 TYR A O   1 
ATOM   532  C  CB  . TYR A 1 68  ? -4.221  -7.011  -6.722  1.00 28.60 ? 1923 TYR A CB  1 
ATOM   533  C  CG  . TYR A 1 68  ? -3.235  -6.727  -5.604  1.00 27.68 ? 1923 TYR A CG  1 
ATOM   534  C  CD1 . TYR A 1 68  ? -3.614  -6.861  -4.286  1.00 29.21 ? 1923 TYR A CD1 1 
ATOM   535  C  CD2 . TYR A 1 68  ? -1.927  -6.361  -5.883  1.00 25.93 ? 1923 TYR A CD2 1 
ATOM   536  C  CE1 . TYR A 1 68  ? -2.729  -6.635  -3.268  1.00 28.11 ? 1923 TYR A CE1 1 
ATOM   537  C  CE2 . TYR A 1 68  ? -1.027  -6.115  -4.872  1.00 24.35 ? 1923 TYR A CE2 1 
ATOM   538  C  CZ  . TYR A 1 68  ? -1.438  -6.260  -3.560  1.00 25.57 ? 1923 TYR A CZ  1 
ATOM   539  O  OH  . TYR A 1 68  ? -0.564  -6.043  -2.524  1.00 23.65 ? 1923 TYR A OH  1 
ATOM   540  N  N   . PRO A 1 69  ? -7.012  -9.073  -7.233  1.00 25.79 ? 1924 PRO A N   1 
ATOM   541  C  CA  . PRO A 1 69  ? -8.214  -9.261  -8.043  1.00 32.89 ? 1924 PRO A CA  1 
ATOM   542  C  C   . PRO A 1 69  ? -8.679  -7.941  -8.613  1.00 37.94 ? 1924 PRO A C   1 
ATOM   543  O  O   . PRO A 1 69  ? -9.227  -7.923  -9.706  1.00 40.71 ? 1924 PRO A O   1 
ATOM   544  C  CB  . PRO A 1 69  ? -9.243  -9.807  -7.044  1.00 32.15 ? 1924 PRO A CB  1 
ATOM   545  C  CG  . PRO A 1 69  ? -8.430  -10.381 -5.944  1.00 37.91 ? 1924 PRO A CG  1 
ATOM   546  C  CD  . PRO A 1 69  ? -7.194  -9.533  -5.851  1.00 33.19 ? 1924 PRO A CD  1 
ATOM   547  N  N   . ASN A 1 70  ? -8.468  -6.849  -7.877  1.00 30.53 ? 1925 ASN A N   1 
ATOM   548  C  CA  . ASN A 1 70  ? -8.893  -5.552  -8.369  1.00 31.31 ? 1925 ASN A CA  1 
ATOM   549  C  C   . ASN A 1 70  ? -8.165  -4.377  -7.728  1.00 32.98 ? 1925 ASN A C   1 
ATOM   550  O  O   . ASN A 1 70  ? -7.340  -4.536  -6.822  1.00 30.35 ? 1925 ASN A O   1 
ATOM   551  C  CB  . ASN A 1 70  ? -10.401 -5.377  -8.162  1.00 29.78 ? 1925 ASN A CB  1 
ATOM   552  C  CG  . ASN A 1 70  ? -10.791 -5.477  -6.713  1.00 33.47 ? 1925 ASN A CG  1 
ATOM   553  O  OD1 . ASN A 1 70  ? -10.354 -4.680  -5.882  1.00 34.15 ? 1925 ASN A OD1 1 
ATOM   554  N  ND2 . ASN A 1 70  ? -11.614 -6.465  -6.390  1.00 32.17 ? 1925 ASN A ND2 1 
ATOM   555  N  N   A LEU A 1 71  ? -8.485  -3.192  -8.245  0.63 31.46 ? 1926 LEU A N   1 
ATOM   556  N  N   B LEU A 1 71  ? -8.503  -3.197  -8.214  0.37 31.40 ? 1926 LEU A N   1 
ATOM   557  C  CA  A LEU A 1 71  ? -8.032  -1.898  -7.735  0.63 34.05 ? 1926 LEU A CA  1 
ATOM   558  C  CA  B LEU A 1 71  ? -7.919  -1.944  -7.780  0.37 33.90 ? 1926 LEU A CA  1 
ATOM   559  C  C   A LEU A 1 71  ? -8.016  -1.799  -6.227  0.63 32.43 ? 1926 LEU A C   1 
ATOM   560  C  C   B LEU A 1 71  ? -8.046  -1.703  -6.257  0.37 32.53 ? 1926 LEU A C   1 
ATOM   561  O  O   A LEU A 1 71  ? -7.018  -1.437  -5.595  0.63 30.38 ? 1926 LEU A O   1 
ATOM   562  O  O   B LEU A 1 71  ? -7.116  -1.201  -5.623  0.37 30.57 ? 1926 LEU A O   1 
ATOM   563  C  CB  A LEU A 1 71  ? -8.958  -0.790  -8.252  0.63 39.02 ? 1926 LEU A CB  1 
ATOM   564  C  CB  B LEU A 1 71  ? -8.578  -0.832  -8.610  0.37 37.94 ? 1926 LEU A CB  1 
ATOM   565  C  CG  A LEU A 1 71  ? -8.498  0.024   -9.443  0.63 35.65 ? 1926 LEU A CG  1 
ATOM   566  C  CG  B LEU A 1 71  ? -8.689  0.636   -8.261  0.37 36.72 ? 1926 LEU A CG  1 
ATOM   567  C  CD1 A LEU A 1 71  ? -9.285  1.320   -9.486  0.63 36.81 ? 1926 LEU A CD1 1 
ATOM   568  C  CD1 B LEU A 1 71  ? -8.956  1.426   -9.513  0.37 36.76 ? 1926 LEU A CD1 1 
ATOM   569  C  CD2 A LEU A 1 71  ? -7.034  0.284   -9.291  0.63 36.59 ? 1926 LEU A CD2 1 
ATOM   570  C  CD2 B LEU A 1 71  ? -9.835  0.793   -7.347  0.37 38.68 ? 1926 LEU A CD2 1 
ATOM   571  N  N   . GLU A 1 72  ? -9.177  -2.088  -5.670  1.00 31.87 ? 1927 GLU A N   1 
ATOM   572  C  CA  . GLU A 1 72  ? -9.408  -1.873  -4.257  1.00 36.92 ? 1927 GLU A CA  1 
ATOM   573  C  C   . GLU A 1 72  ? -8.567  -2.761  -3.375  1.00 30.13 ? 1927 GLU A C   1 
ATOM   574  O  O   . GLU A 1 72  ? -8.113  -2.308  -2.341  1.00 26.96 ? 1927 GLU A O   1 
ATOM   575  C  CB  . GLU A 1 72  ? -10.892 -2.049  -3.936  1.00 31.11 ? 1927 GLU A CB  1 
ATOM   576  C  CG  . GLU A 1 72  ? -11.751 -1.047  -4.723  1.00 45.36 ? 1927 GLU A CG  1 
ATOM   577  C  CD  . GLU A 1 72  ? -11.400 0.422   -4.410  1.00 53.06 ? 1927 GLU A CD  1 
ATOM   578  O  OE1 . GLU A 1 72  ? -11.752 1.311   -5.228  1.00 46.38 ? 1927 GLU A OE1 1 
ATOM   579  O  OE2 . GLU A 1 72  ? -10.788 0.706   -3.340  1.00 52.25 ? 1927 GLU A OE2 1 
ATOM   580  N  N   . THR A 1 73  ? -8.347  -4.012  -3.778  1.00 26.53 ? 1928 THR A N   1 
ATOM   581  C  CA  . THR A 1 73  ? -7.543  -4.900  -2.945  1.00 26.72 ? 1928 THR A CA  1 
ATOM   582  C  C   . THR A 1 73  ? -6.102  -4.384  -2.898  1.00 26.82 ? 1928 THR A C   1 
ATOM   583  O  O   . THR A 1 73  ? -5.408  -4.556  -1.905  1.00 27.44 ? 1928 THR A O   1 
ATOM   584  C  CB  . THR A 1 73  ? -7.557  -6.372  -3.451  1.00 28.92 ? 1928 THR A CB  1 
ATOM   585  O  OG1 . THR A 1 73  ? -7.006  -6.430  -4.775  1.00 28.22 ? 1928 THR A OG1 1 
ATOM   586  C  CG2 . THR A 1 73  ? -8.980  -6.931  -3.463  1.00 29.91 ? 1928 THR A CG2 1 
ATOM   587  N  N   . PHE A 1 74  ? -5.663  -3.742  -3.976  1.00 27.51 ? 1929 PHE A N   1 
ATOM   588  C  CA  . PHE A 1 74  ? -4.337  -3.130  -4.010  1.00 22.68 ? 1929 PHE A CA  1 
ATOM   589  C  C   . PHE A 1 74  ? -4.260  -1.996  -2.985  1.00 25.63 ? 1929 PHE A C   1 
ATOM   590  O  O   . PHE A 1 74  ? -3.307  -1.913  -2.205  1.00 28.07 ? 1929 PHE A O   1 
ATOM   591  C  CB  . PHE A 1 74  ? -4.021  -2.620  -5.420  1.00 22.95 ? 1929 PHE A CB  1 
ATOM   592  C  CG  . PHE A 1 74  ? -2.823  -1.704  -5.495  1.00 23.55 ? 1929 PHE A CG  1 
ATOM   593  C  CD1 . PHE A 1 74  ? -1.528  -2.223  -5.543  1.00 19.61 ? 1929 PHE A CD1 1 
ATOM   594  C  CD2 . PHE A 1 74  ? -2.993  -0.331  -5.535  1.00 22.38 ? 1929 PHE A CD2 1 
ATOM   595  C  CE1 . PHE A 1 74  ? -0.435  -1.387  -5.608  1.00 21.30 ? 1929 PHE A CE1 1 
ATOM   596  C  CE2 . PHE A 1 74  ? -1.888  0.520   -5.619  1.00 26.39 ? 1929 PHE A CE2 1 
ATOM   597  C  CZ  . PHE A 1 74  ? -0.612  -0.005  -5.646  1.00 22.80 ? 1929 PHE A CZ  1 
ATOM   598  N  N   . ALA A 1 75  ? -5.270  -1.133  -2.968  1.00 24.48 ? 1930 ALA A N   1 
ATOM   599  C  CA  . ALA A 1 75  ? -5.254  0.012   -2.064  1.00 21.78 ? 1930 ALA A CA  1 
ATOM   600  C  C   . ALA A 1 75  ? -5.287  -0.443  -0.607  1.00 22.14 ? 1930 ALA A C   1 
ATOM   601  O  O   . ALA A 1 75  ? -4.654  0.174   0.249   1.00 24.64 ? 1930 ALA A O   1 
ATOM   602  C  CB  . ALA A 1 75  ? -6.413  0.957   -2.367  1.00 29.02 ? 1930 ALA A CB  1 
ATOM   603  N  N   . LEU A 1 76  ? -5.993  -1.531  -0.326  1.00 25.55 ? 1931 LEU A N   1 
ATOM   604  C  CA  . LEU A 1 76  ? -6.043  -2.068  1.038   1.00 26.10 ? 1931 LEU A CA  1 
ATOM   605  C  C   . LEU A 1 76  ? -4.652  -2.463  1.554   1.00 24.32 ? 1931 LEU A C   1 
ATOM   606  O  O   . LEU A 1 76  ? -4.313  -2.192  2.711   1.00 25.25 ? 1931 LEU A O   1 
ATOM   607  C  CB  . LEU A 1 76  ? -6.986  -3.276  1.123   1.00 23.63 ? 1931 LEU A CB  1 
ATOM   608  C  CG  . LEU A 1 76  ? -8.489  -2.998  0.967   1.00 34.00 ? 1931 LEU A CG  1 
ATOM   609  C  CD1 . LEU A 1 76  ? -9.283  -4.294  0.876   1.00 31.46 ? 1931 LEU A CD1 1 
ATOM   610  C  CD2 . LEU A 1 76  ? -9.001  -2.138  2.115   1.00 35.48 ? 1931 LEU A CD2 1 
ATOM   611  N  N   . ASP A 1 77  ? -3.866  -3.134  0.719   1.00 24.87 ? 1932 ASP A N   1 
ATOM   612  C  CA  . ASP A 1 77  ? -2.490  -3.492  1.099   1.00 22.95 ? 1932 ASP A CA  1 
ATOM   613  C  C   . ASP A 1 77  ? -1.621  -2.245  1.316   1.00 23.01 ? 1932 ASP A C   1 
ATOM   614  O  O   . ASP A 1 77  ? -0.810  -2.211  2.244   1.00 21.56 ? 1932 ASP A O   1 
ATOM   615  C  CB  . ASP A 1 77  ? -1.846  -4.395  0.046   1.00 19.63 ? 1932 ASP A CB  1 
ATOM   616  C  CG  . ASP A 1 77  ? -1.903  -5.883  0.421   1.00 28.19 ? 1932 ASP A CG  1 
ATOM   617  O  OD1 . ASP A 1 77  ? -2.476  -6.222  1.488   1.00 31.55 ? 1932 ASP A OD1 1 
ATOM   618  O  OD2 . ASP A 1 77  ? -1.365  -6.713  -0.351  1.00 25.52 ? 1932 ASP A OD2 1 
ATOM   619  N  N   . VAL A 1 78  ? -1.761  -1.246  0.445   1.00 21.42 ? 1933 VAL A N   1 
ATOM   620  C  CA  . VAL A 1 78  ? -1.004  -0.011  0.618   1.00 19.74 ? 1933 VAL A CA  1 
ATOM   621  C  C   . VAL A 1 78  ? -1.375  0.608   1.971   1.00 22.70 ? 1933 VAL A C   1 
ATOM   622  O  O   . VAL A 1 78  ? -0.502  0.958   2.760   1.00 23.37 ? 1933 VAL A O   1 
ATOM   623  C  CB  . VAL A 1 78  ? -1.258  0.979   -0.512  1.00 21.18 ? 1933 VAL A CB  1 
ATOM   624  C  CG1 . VAL A 1 78  ? -0.540  2.305   -0.251  1.00 22.26 ? 1933 VAL A CG1 1 
ATOM   625  C  CG2 . VAL A 1 78  ? -0.788  0.399   -1.842  1.00 20.19 ? 1933 VAL A CG2 1 
ATOM   626  N  N   . ARG A 1 79  ? -2.672  0.700   2.255   1.00 23.82 ? 1934 ARG A N   1 
ATOM   627  C  CA  . ARG A 1 79  ? -3.121  1.288   3.514   1.00 25.41 ? 1934 ARG A CA  1 
ATOM   628  C  C   . ARG A 1 79  ? -2.668  0.458   4.724   1.00 23.94 ? 1934 ARG A C   1 
ATOM   629  O  O   . ARG A 1 79  ? -2.404  1.008   5.790   1.00 22.08 ? 1934 ARG A O   1 
ATOM   630  C  CB  . ARG A 1 79  ? -4.643  1.453   3.505   1.00 23.57 ? 1934 ARG A CB  1 
ATOM   631  C  CG  . ARG A 1 79  ? -5.078  2.524   2.516   1.00 31.26 ? 1934 ARG A CG  1 
ATOM   632  C  CD  . ARG A 1 79  ? -6.570  2.585   2.265   1.00 26.50 ? 1934 ARG A CD  1 
ATOM   633  N  NE  . ARG A 1 79  ? -6.829  3.607   1.266   1.00 33.12 ? 1934 ARG A NE  1 
ATOM   634  C  CZ  . ARG A 1 79  ? -7.771  3.544   0.337   1.00 33.12 ? 1934 ARG A CZ  1 
ATOM   635  N  NH1 . ARG A 1 79  ? -8.585  2.496   0.283   1.00 30.07 ? 1934 ARG A NH1 1 
ATOM   636  N  NH2 . ARG A 1 79  ? -7.892  4.536   -0.538  1.00 34.86 ? 1934 ARG A NH2 1 
ATOM   637  N  N   . LEU A 1 80  ? -2.561  -0.855  4.539   1.00 20.23 ? 1935 LEU A N   1 
ATOM   638  C  CA  . LEU A 1 80  ? -2.138  -1.758  5.602   1.00 20.92 ? 1935 LEU A CA  1 
ATOM   639  C  C   . LEU A 1 80  ? -0.721  -1.429  6.052   1.00 27.16 ? 1935 LEU A C   1 
ATOM   640  O  O   . LEU A 1 80  ? -0.423  -1.484  7.239   1.00 24.19 ? 1935 LEU A O   1 
ATOM   641  C  CB  . LEU A 1 80  ? -2.230  -3.210  5.139   1.00 21.94 ? 1935 LEU A CB  1 
ATOM   642  C  CG  . LEU A 1 80  ? -1.752  -4.346  6.061   1.00 28.83 ? 1935 LEU A CG  1 
ATOM   643  C  CD1 . LEU A 1 80  ? -2.405  -4.298  7.480   1.00 29.87 ? 1935 LEU A CD1 1 
ATOM   644  C  CD2 . LEU A 1 80  ? -2.020  -5.715  5.394   1.00 21.58 ? 1935 LEU A CD2 1 
ATOM   645  N  N   . VAL A 1 81  ? 0.137   -1.070  5.096   1.00 23.26 ? 1936 VAL A N   1 
ATOM   646  C  CA  . VAL A 1 81  ? 1.489   -0.613  5.409   1.00 18.99 ? 1936 VAL A CA  1 
ATOM   647  C  C   . VAL A 1 81  ? 1.444   0.544   6.418   1.00 24.37 ? 1936 VAL A C   1 
ATOM   648  O  O   . VAL A 1 81  ? 2.143   0.524   7.431   1.00 20.02 ? 1936 VAL A O   1 
ATOM   649  C  CB  . VAL A 1 81  ? 2.244   -0.163  4.136   1.00 25.65 ? 1936 VAL A CB  1 
ATOM   650  C  CG1 . VAL A 1 81  ? 3.624   0.423   4.490   1.00 24.17 ? 1936 VAL A CG1 1 
ATOM   651  C  CG2 . VAL A 1 81  ? 2.375   -1.321  3.146   1.00 17.70 ? 1936 VAL A CG2 1 
ATOM   652  N  N   . PHE A 1 82  ? 0.589   1.528   6.173   1.00 22.10 ? 1937 PHE A N   1 
ATOM   653  C  CA  . PHE A 1 82  ? 0.587   2.716   7.035   1.00 25.75 ? 1937 PHE A CA  1 
ATOM   654  C  C   . PHE A 1 82  ? -0.188  2.525   8.339   1.00 26.18 ? 1937 PHE A C   1 
ATOM   655  O  O   . PHE A 1 82  ? 0.167   3.118   9.364   1.00 29.79 ? 1937 PHE A O   1 
ATOM   656  C  CB  . PHE A 1 82  ? 0.066   3.911   6.242   1.00 26.50 ? 1937 PHE A CB  1 
ATOM   657  C  CG  . PHE A 1 82  ? 0.801   4.103   4.951   1.00 25.15 ? 1937 PHE A CG  1 
ATOM   658  C  CD1 . PHE A 1 82  ? 2.199   4.052   4.927   1.00 22.59 ? 1937 PHE A CD1 1 
ATOM   659  C  CD2 . PHE A 1 82  ? 0.114   4.265   3.762   1.00 20.55 ? 1937 PHE A CD2 1 
ATOM   660  C  CE1 . PHE A 1 82  ? 2.895   4.170   3.743   1.00 24.84 ? 1937 PHE A CE1 1 
ATOM   661  C  CE2 . PHE A 1 82  ? 0.806   4.412   2.554   1.00 23.28 ? 1937 PHE A CE2 1 
ATOM   662  C  CZ  . PHE A 1 82  ? 2.198   4.362   2.543   1.00 24.66 ? 1937 PHE A CZ  1 
ATOM   663  N  N   . ASP A 1 83  ? -1.216  1.677   8.309   1.00 24.95 ? 1938 ASP A N   1 
ATOM   664  C  CA  . ASP A 1 83  ? -1.914  1.253   9.520   1.00 29.06 ? 1938 ASP A CA  1 
ATOM   665  C  C   . ASP A 1 83  ? -0.977  0.482   10.443  1.00 29.66 ? 1938 ASP A C   1 
ATOM   666  O  O   . ASP A 1 83  ? -0.946  0.748   11.634  1.00 32.55 ? 1938 ASP A O   1 
ATOM   667  C  CB  . ASP A 1 83  ? -3.138  0.399   9.181   1.00 27.46 ? 1938 ASP A CB  1 
ATOM   668  C  CG  . ASP A 1 83  ? -4.222  1.189   8.452   1.00 32.02 ? 1938 ASP A CG  1 
ATOM   669  O  OD1 . ASP A 1 83  ? -4.144  2.439   8.414   1.00 29.19 ? 1938 ASP A OD1 1 
ATOM   670  O  OD2 . ASP A 1 83  ? -5.167  0.557   7.930   1.00 31.91 ? 1938 ASP A OD2 1 
ATOM   671  N  N   . ASN A 1 84  ? -0.203  -0.457  9.889   1.00 30.46 ? 1939 ASN A N   1 
ATOM   672  C  CA  . ASN A 1 84  ? 0.843   -1.142  10.659  1.00 30.18 ? 1939 ASN A CA  1 
ATOM   673  C  C   . ASN A 1 84  ? 1.840   -0.185  11.258  1.00 29.66 ? 1939 ASN A C   1 
ATOM   674  O  O   . ASN A 1 84  ? 2.251   -0.350  12.404  1.00 28.44 ? 1939 ASN A O   1 
ATOM   675  C  CB  . ASN A 1 84  ? 1.611   -2.150  9.805   1.00 24.32 ? 1939 ASN A CB  1 
ATOM   676  C  CG  . ASN A 1 84  ? 0.769   -3.358  9.442   1.00 27.91 ? 1939 ASN A CG  1 
ATOM   677  O  OD1 . ASN A 1 84  ? -0.298  -3.567  10.019  1.00 25.45 ? 1939 ASN A OD1 1 
ATOM   678  N  ND2 . ASN A 1 84  ? 1.260   -4.175  8.515   1.00 22.05 ? 1939 ASN A ND2 1 
ATOM   679  N  N   . CYS A 1 85  ? 2.239   0.807   10.473  1.00 25.92 ? 1940 CYS A N   1 
ATOM   680  C  CA  . CYS A 1 85  ? 3.220   1.779   10.913  1.00 27.59 ? 1940 CYS A CA  1 
ATOM   681  C  C   . CYS A 1 85  ? 2.677   2.559   12.107  1.00 34.73 ? 1940 CYS A C   1 
ATOM   682  O  O   . CYS A 1 85  ? 3.385   2.772   13.091  1.00 30.91 ? 1940 CYS A O   1 
ATOM   683  C  CB  . CYS A 1 85  ? 3.587   2.723   9.778   1.00 30.39 ? 1940 CYS A CB  1 
ATOM   684  S  SG  . CYS A 1 85  ? 4.841   3.964   10.194  1.00 25.87 ? 1940 CYS A SG  1 
ATOM   685  N  N   . GLU A 1 86  ? 1.411   2.957   12.020  1.00 28.49 ? 1941 GLU A N   1 
ATOM   686  C  CA  . GLU A 1 86  ? 0.775   3.717   13.096  1.00 32.32 ? 1941 GLU A CA  1 
ATOM   687  C  C   . GLU A 1 86  ? 0.592   2.913   14.365  1.00 34.12 ? 1941 GLU A C   1 
ATOM   688  O  O   . GLU A 1 86  ? 0.638   3.451   15.467  1.00 37.99 ? 1941 GLU A O   1 
ATOM   689  C  CB  . GLU A 1 86  ? -0.584  4.238   12.655  1.00 32.24 ? 1941 GLU A CB  1 
ATOM   690  C  CG  . GLU A 1 86  ? -0.507  5.560   11.970  1.00 45.27 ? 1941 GLU A CG  1 
ATOM   691  C  CD  . GLU A 1 86  ? -1.807  6.299   12.043  1.00 51.80 ? 1941 GLU A CD  1 
ATOM   692  O  OE1 . GLU A 1 86  ? -2.189  6.679   13.175  1.00 53.98 ? 1941 GLU A OE1 1 
ATOM   693  O  OE2 . GLU A 1 86  ? -2.443  6.489   10.976  1.00 49.51 ? 1941 GLU A OE2 1 
ATOM   694  N  N   . THR A 1 87  ? 0.366   1.622   14.200  1.00 27.50 ? 1942 THR A N   1 
ATOM   695  C  CA  . THR A 1 87  ? 0.178   0.733   15.326  1.00 30.63 ? 1942 THR A CA  1 
ATOM   696  C  C   . THR A 1 87  ? 1.462   0.562   16.142  1.00 37.70 ? 1942 THR A C   1 
ATOM   697  O  O   . THR A 1 87  ? 1.424   0.446   17.369  1.00 39.16 ? 1942 THR A O   1 
ATOM   698  C  CB  . THR A 1 87  ? -0.317  -0.644  14.847  1.00 27.01 ? 1942 THR A CB  1 
ATOM   699  O  OG1 . THR A 1 87  ? -1.708  -0.543  14.513  1.00 37.12 ? 1942 THR A OG1 1 
ATOM   700  C  CG2 . THR A 1 87  ? -0.149  -1.695  15.936  1.00 39.50 ? 1942 THR A CG2 1 
ATOM   701  N  N   . PHE A 1 88  ? 2.600   0.560   15.466  1.00 30.85 ? 1943 PHE A N   1 
ATOM   702  C  CA  . PHE A 1 88  ? 3.842   0.177   16.118  1.00 35.15 ? 1943 PHE A CA  1 
ATOM   703  C  C   . PHE A 1 88  ? 4.735   1.361   16.436  1.00 34.47 ? 1943 PHE A C   1 
ATOM   704  O  O   . PHE A 1 88  ? 5.632   1.257   17.270  1.00 37.25 ? 1943 PHE A O   1 
ATOM   705  C  CB  . PHE A 1 88  ? 4.596   -0.829  15.247  1.00 29.57 ? 1943 PHE A CB  1 
ATOM   706  C  CG  . PHE A 1 88  ? 5.530   -1.728  16.013  1.00 27.87 ? 1943 PHE A CG  1 
ATOM   707  C  CD1 . PHE A 1 88  ? 5.064   -2.903  16.590  1.00 31.26 ? 1943 PHE A CD1 1 
ATOM   708  C  CD2 . PHE A 1 88  ? 6.873   -1.421  16.132  1.00 28.54 ? 1943 PHE A CD2 1 
ATOM   709  C  CE1 . PHE A 1 88  ? 5.918   -3.754  17.285  1.00 28.00 ? 1943 PHE A CE1 1 
ATOM   710  C  CE2 . PHE A 1 88  ? 7.741   -2.273  16.827  1.00 34.73 ? 1943 PHE A CE2 1 
ATOM   711  C  CZ  . PHE A 1 88  ? 7.263   -3.438  17.400  1.00 32.18 ? 1943 PHE A CZ  1 
ATOM   712  N  N   . ASN A 1 89  ? 4.501   2.484   15.773  1.00 31.50 ? 1944 ASN A N   1 
ATOM   713  C  CA  . ASN A 1 89  ? 5.416   3.612   15.878  1.00 33.94 ? 1944 ASN A CA  1 
ATOM   714  C  C   . ASN A 1 89  ? 4.732   4.818   16.490  1.00 37.49 ? 1944 ASN A C   1 
ATOM   715  O  O   . ASN A 1 89  ? 3.573   5.102   16.183  1.00 34.48 ? 1944 ASN A O   1 
ATOM   716  C  CB  . ASN A 1 89  ? 5.970   3.987   14.505  1.00 34.55 ? 1944 ASN A CB  1 
ATOM   717  C  CG  . ASN A 1 89  ? 6.854   2.902   13.902  1.00 37.36 ? 1944 ASN A CG  1 
ATOM   718  O  OD1 . ASN A 1 89  ? 8.066   2.883   14.106  1.00 37.29 ? 1944 ASN A OD1 1 
ATOM   719  N  ND2 . ASN A 1 89  ? 6.245   2.003   13.139  1.00 32.24 ? 1944 ASN A ND2 1 
ATOM   720  N  N   . GLU A 1 90  ? 5.447   5.528   17.357  1.00 39.68 ? 1945 GLU A N   1 
ATOM   721  C  CA  . GLU A 1 90  ? 4.948   6.793   17.873  1.00 34.50 ? 1945 GLU A CA  1 
ATOM   722  C  C   . GLU A 1 90  ? 4.820   7.804   16.743  1.00 36.09 ? 1945 GLU A C   1 
ATOM   723  O  O   . GLU A 1 90  ? 5.680   7.853   15.851  1.00 33.93 ? 1945 GLU A O   1 
ATOM   724  C  CB  A GLU A 1 90  ? 5.869   7.329   18.975  0.52 40.27 ? 1945 GLU A CB  1 
ATOM   725  C  CB  B GLU A 1 90  ? 5.881   7.339   18.953  0.48 40.25 ? 1945 GLU A CB  1 
ATOM   726  C  CG  A GLU A 1 90  ? 6.058   6.365   20.141  0.52 43.38 ? 1945 GLU A CG  1 
ATOM   727  C  CG  B GLU A 1 90  ? 5.903   6.529   20.228  0.48 43.42 ? 1945 GLU A CG  1 
ATOM   728  C  CD  A GLU A 1 90  ? 7.028   6.881   21.191  0.52 43.19 ? 1945 GLU A CD  1 
ATOM   729  C  CD  B GLU A 1 90  ? 4.866   6.992   21.227  0.48 42.77 ? 1945 GLU A CD  1 
ATOM   730  O  OE1 A GLU A 1 90  ? 6.909   8.054   21.599  0.52 42.97 ? 1945 GLU A OE1 1 
ATOM   731  O  OE1 B GLU A 1 90  ? 3.748   7.363   20.821  0.48 42.25 ? 1945 GLU A OE1 1 
ATOM   732  O  OE2 A GLU A 1 90  ? 7.913   6.111   21.613  0.52 44.24 ? 1945 GLU A OE2 1 
ATOM   733  O  OE2 B GLU A 1 90  ? 5.180   7.014   22.428  0.48 45.68 ? 1945 GLU A OE2 1 
ATOM   734  N  N   . ASP A 1 91  ? 3.761   8.613   16.780  1.00 39.72 ? 1946 ASP A N   1 
ATOM   735  C  CA  . ASP A 1 91  ? 3.595   9.699   15.813  1.00 38.02 ? 1946 ASP A CA  1 
ATOM   736  C  C   . ASP A 1 91  ? 4.817   10.625  15.784  1.00 39.34 ? 1946 ASP A C   1 
ATOM   737  O  O   . ASP A 1 91  ? 5.198   11.144  14.732  1.00 41.56 ? 1946 ASP A O   1 
ATOM   738  C  CB  . ASP A 1 91  ? 2.347   10.522  16.122  1.00 36.25 ? 1946 ASP A CB  1 
ATOM   739  C  CG  . ASP A 1 91  ? 1.061   9.789   15.811  1.00 51.10 ? 1946 ASP A CG  1 
ATOM   740  O  OD1 . ASP A 1 91  ? 1.098   8.722   15.164  1.00 50.46 ? 1946 ASP A OD1 1 
ATOM   741  O  OD2 . ASP A 1 91  ? -0.007  10.302  16.203  1.00 48.46 ? 1946 ASP A OD2 1 
ATOM   742  N  N   . ASP A 1 92  ? 5.430   10.827  16.944  1.00 40.55 ? 1947 ASP A N   1 
ATOM   743  C  CA  . ASP A 1 92  ? 6.567   11.732  17.083  1.00 41.89 ? 1947 ASP A CA  1 
ATOM   744  C  C   . ASP A 1 92  ? 7.892   10.973  16.937  1.00 45.44 ? 1947 ASP A C   1 
ATOM   745  O  O   . ASP A 1 92  ? 8.744   10.988  17.824  1.00 47.15 ? 1947 ASP A O   1 
ATOM   746  C  CB  . ASP A 1 92  ? 6.476   12.460  18.439  1.00 46.87 ? 1947 ASP A CB  1 
ATOM   747  C  CG  . ASP A 1 92  ? 7.623   13.443  18.684  1.00 54.52 ? 1947 ASP A CG  1 
ATOM   748  O  OD1 . ASP A 1 92  ? 8.308   13.862  17.722  1.00 49.66 ? 1947 ASP A OD1 1 
ATOM   749  O  OD2 . ASP A 1 92  ? 7.840   13.796  19.864  1.00 62.97 ? 1947 ASP A OD2 1 
ATOM   750  N  N   . SER A 1 93  ? 8.048   10.285  15.816  1.00 42.74 ? 1948 SER A N   1 
ATOM   751  C  CA  . SER A 1 93  ? 9.310   9.643   15.469  1.00 34.56 ? 1948 SER A CA  1 
ATOM   752  C  C   . SER A 1 93  ? 9.530   9.840   13.977  1.00 33.62 ? 1948 SER A C   1 
ATOM   753  O  O   . SER A 1 93  ? 8.615   10.260  13.264  1.00 32.13 ? 1948 SER A O   1 
ATOM   754  C  CB  . SER A 1 93  ? 9.299   8.159   15.837  1.00 34.53 ? 1948 SER A CB  1 
ATOM   755  O  OG  . SER A 1 93  ? 8.284   7.460   15.134  1.00 35.05 ? 1948 SER A OG  1 
ATOM   756  N  N   . ASP A 1 94  ? 10.736  9.564   13.498  1.00 34.64 ? 1949 ASP A N   1 
ATOM   757  C  CA  . ASP A 1 94  ? 11.000  9.716   12.074  1.00 36.13 ? 1949 ASP A CA  1 
ATOM   758  C  C   . ASP A 1 94  ? 10.135  8.743   11.276  1.00 34.98 ? 1949 ASP A C   1 
ATOM   759  O  O   . ASP A 1 94  ? 9.569   9.112   10.241  1.00 31.38 ? 1949 ASP A O   1 
ATOM   760  C  CB  . ASP A 1 94  ? 12.477  9.505   11.764  1.00 36.46 ? 1949 ASP A CB  1 
ATOM   761  C  CG  . ASP A 1 94  ? 13.356  10.603  12.357  1.00 46.02 ? 1949 ASP A CG  1 
ATOM   762  O  OD1 . ASP A 1 94  ? 13.814  10.433  13.506  1.00 49.78 ? 1949 ASP A OD1 1 
ATOM   763  O  OD2 . ASP A 1 94  ? 13.589  11.626  11.678  1.00 35.82 ? 1949 ASP A OD2 1 
ATOM   764  N  N   . ILE A 1 95  ? 10.017  7.513   11.772  1.00 31.25 ? 1950 ILE A N   1 
ATOM   765  C  CA  . ILE A 1 95  ? 9.248   6.500   11.070  1.00 31.83 ? 1950 ILE A CA  1 
ATOM   766  C  C   . ILE A 1 95  ? 7.761   6.838   11.171  1.00 32.16 ? 1950 ILE A C   1 
ATOM   767  O  O   . ILE A 1 95  ? 7.030   6.747   10.181  1.00 29.80 ? 1950 ILE A O   1 
ATOM   768  C  CB  . ILE A 1 95  ? 9.539   5.091   11.614  1.00 33.11 ? 1950 ILE A CB  1 
ATOM   769  C  CG1 . ILE A 1 95  ? 10.994  4.709   11.300  1.00 29.20 ? 1950 ILE A CG1 1 
ATOM   770  C  CG2 . ILE A 1 95  ? 8.591   4.063   10.990  1.00 29.76 ? 1950 ILE A CG2 1 
ATOM   771  C  CD1 . ILE A 1 95  ? 11.439  3.366   11.870  1.00 31.71 ? 1950 ILE A CD1 1 
ATOM   772  N  N   . GLY A 1 96  ? 7.318   7.255   12.355  1.00 30.22 ? 1951 GLY A N   1 
ATOM   773  C  CA  . GLY A 1 96  ? 5.942   7.709   12.529  1.00 30.58 ? 1951 GLY A CA  1 
ATOM   774  C  C   . GLY A 1 96  ? 5.565   8.822   11.550  1.00 30.27 ? 1951 GLY A C   1 
ATOM   775  O  O   . GLY A 1 96  ? 4.484   8.804   10.968  1.00 27.79 ? 1951 GLY A O   1 
ATOM   776  N  N   . ARG A 1 97  ? 6.476   9.769   11.341  1.00 31.09 ? 1952 ARG A N   1 
ATOM   777  C  CA  . ARG A 1 97  ? 6.220   10.888  10.444  1.00 28.27 ? 1952 ARG A CA  1 
ATOM   778  C  C   . ARG A 1 97  ? 6.287   10.444  8.987   1.00 27.73 ? 1952 ARG A C   1 
ATOM   779  O  O   . ARG A 1 97  ? 5.488   10.888  8.173   1.00 30.52 ? 1952 ARG A O   1 
ATOM   780  C  CB  . ARG A 1 97  ? 7.201   12.039  10.706  1.00 30.67 ? 1952 ARG A CB  1 
ATOM   781  C  CG  . ARG A 1 97  ? 6.803   12.953  11.888  1.00 29.86 ? 1952 ARG A CG  1 
ATOM   782  C  CD  . ARG A 1 97  ? 7.727   14.176  12.004  1.00 34.88 ? 1952 ARG A CD  1 
ATOM   783  N  NE  . ARG A 1 97  ? 9.057   13.826  12.511  1.00 37.22 ? 1952 ARG A NE  1 
ATOM   784  C  CZ  . ARG A 1 97  ? 9.329   13.643  13.800  1.00 36.83 ? 1952 ARG A CZ  1 
ATOM   785  N  NH1 . ARG A 1 97  ? 10.559  13.323  14.197  1.00 38.80 ? 1952 ARG A NH1 1 
ATOM   786  N  NH2 . ARG A 1 97  ? 8.362   13.778  14.690  1.00 34.90 ? 1952 ARG A NH2 1 
ATOM   787  N  N   . ALA A 1 98  ? 7.226   9.554   8.676   1.00 23.73 ? 1953 ALA A N   1 
ATOM   788  C  CA  . ALA A 1 98  ? 7.352   8.982   7.345   1.00 25.91 ? 1953 ALA A CA  1 
ATOM   789  C  C   . ALA A 1 98  ? 6.048   8.349   6.909   1.00 27.73 ? 1953 ALA A C   1 
ATOM   790  O  O   . ALA A 1 98  ? 5.635   8.489   5.755   1.00 30.55 ? 1953 ALA A O   1 
ATOM   791  C  CB  . ALA A 1 98  ? 8.478   7.942   7.307   1.00 26.07 ? 1953 ALA A CB  1 
ATOM   792  N  N   . GLY A 1 99  ? 5.399   7.664   7.843   1.00 21.02 ? 1954 GLY A N   1 
ATOM   793  C  CA  . GLY A 1 99  ? 4.178   6.952   7.550   1.00 26.88 ? 1954 GLY A CA  1 
ATOM   794  C  C   . GLY A 1 99  ? 3.052   7.904   7.197   1.00 31.60 ? 1954 GLY A C   1 
ATOM   795  O  O   . GLY A 1 99  ? 2.339   7.684   6.216   1.00 26.40 ? 1954 GLY A O   1 
ATOM   796  N  N   . HIS A 1 100 ? 2.883   8.950   8.003   1.00 28.49 ? 1955 HIS A N   1 
ATOM   797  C  CA  . HIS A 1 100 ? 1.820   9.916   7.765   1.00 30.67 ? 1955 HIS A CA  1 
ATOM   798  C  C   . HIS A 1 100 ? 2.023   10.600  6.432   1.00 28.03 ? 1955 HIS A C   1 
ATOM   799  O  O   . HIS A 1 100 ? 1.075   10.754  5.668   1.00 26.48 ? 1955 HIS A O   1 
ATOM   800  C  CB  . HIS A 1 100 ? 1.748   10.946  8.893   1.00 27.33 ? 1955 HIS A CB  1 
ATOM   801  C  CG  . HIS A 1 100 ? 1.233   10.380  10.175  1.00 30.20 ? 1955 HIS A CG  1 
ATOM   802  N  ND1 . HIS A 1 100 ? -0.052  9.900   10.312  1.00 38.27 ? 1955 HIS A ND1 1 
ATOM   803  C  CD2 . HIS A 1 100 ? 1.832   10.193  11.374  1.00 29.03 ? 1955 HIS A CD2 1 
ATOM   804  C  CE1 . HIS A 1 100 ? -0.225  9.449   11.540  1.00 40.30 ? 1955 HIS A CE1 1 
ATOM   805  N  NE2 . HIS A 1 100 ? 0.907   9.609   12.204  1.00 39.38 ? 1955 HIS A NE2 1 
ATOM   806  N  N   . ASN A 1 101 ? 3.264   10.999  6.159   1.00 25.18 ? 1956 ASN A N   1 
ATOM   807  C  CA  . ASN A 1 101 ? 3.613   11.639  4.898   1.00 26.73 ? 1956 ASN A CA  1 
ATOM   808  C  C   . ASN A 1 101 ? 3.267   10.748  3.700   1.00 29.31 ? 1956 ASN A C   1 
ATOM   809  O  O   . ASN A 1 101 ? 2.628   11.190  2.734   1.00 27.06 ? 1956 ASN A O   1 
ATOM   810  C  CB  . ASN A 1 101 ? 5.111   11.976  4.866   1.00 29.16 ? 1956 ASN A CB  1 
ATOM   811  C  CG  . ASN A 1 101 ? 5.471   13.193  5.723   1.00 33.90 ? 1956 ASN A CG  1 
ATOM   812  O  OD1 . ASN A 1 101 ? 4.603   13.832  6.324   1.00 29.53 ? 1956 ASN A OD1 1 
ATOM   813  N  ND2 . ASN A 1 101 ? 6.767   13.500  5.796   1.00 31.95 ? 1956 ASN A ND2 1 
ATOM   814  N  N   . MET A 1 102 ? 3.704   9.488   3.775   1.00 24.33 ? 1957 MET A N   1 
ATOM   815  C  CA  . MET A 1 102 ? 3.509   8.537   2.688   1.00 23.83 ? 1957 MET A CA  1 
ATOM   816  C  C   . MET A 1 102 ? 2.036   8.249   2.438   1.00 25.07 ? 1957 MET A C   1 
ATOM   817  O  O   . MET A 1 102 ? 1.637   8.088   1.291   1.00 27.02 ? 1957 MET A O   1 
ATOM   818  C  CB  . MET A 1 102 ? 4.250   7.221   2.975   1.00 25.94 ? 1957 MET A CB  1 
ATOM   819  C  CG  . MET A 1 102 ? 5.785   7.304   2.910   1.00 27.48 ? 1957 MET A CG  1 
ATOM   820  S  SD  . MET A 1 102 ? 6.458   7.914   1.348   1.00 36.72 ? 1957 MET A SD  1 
ATOM   821  C  CE  . MET A 1 102 ? 5.659   6.833   0.187   1.00 31.18 ? 1957 MET A CE  1 
ATOM   822  N  N   . ARG A 1 103 ? 1.237   8.179   3.507   1.00 21.95 ? 1958 ARG A N   1 
ATOM   823  C  CA  . ARG A 1 103 ? -0.190  7.894   3.368   1.00 25.91 ? 1958 ARG A CA  1 
ATOM   824  C  C   . ARG A 1 103 ? -0.873  9.026   2.630   1.00 29.26 ? 1958 ARG A C   1 
ATOM   825  O  O   . ARG A 1 103 ? -1.705  8.799   1.749   1.00 25.56 ? 1958 ARG A O   1 
ATOM   826  C  CB  . ARG A 1 103 ? -0.874  7.698   4.731   1.00 27.54 ? 1958 ARG A CB  1 
ATOM   827  C  CG  . ARG A 1 103 ? -2.363  7.375   4.609   1.00 27.52 ? 1958 ARG A CG  1 
ATOM   828  C  CD  . ARG A 1 103 ? -3.142  7.549   5.908   1.00 29.60 ? 1958 ARG A CD  1 
ATOM   829  N  NE  . ARG A 1 103 ? -2.648  6.717   7.000   1.00 30.64 ? 1958 ARG A NE  1 
ATOM   830  C  CZ  . ARG A 1 103 ? -3.068  5.481   7.261   1.00 30.51 ? 1958 ARG A CZ  1 
ATOM   831  N  NH1 . ARG A 1 103 ? -3.995  4.905   6.496   1.00 30.28 ? 1958 ARG A NH1 1 
ATOM   832  N  NH2 . ARG A 1 103 ? -2.553  4.819   8.291   1.00 27.15 ? 1958 ARG A NH2 1 
ATOM   833  N  N   . LYS A 1 104 ? -0.523  10.248  3.018   1.00 29.50 ? 1959 LYS A N   1 
ATOM   834  C  CA  . LYS A 1 104 ? -1.040  11.454  2.381   1.00 31.00 ? 1959 LYS A CA  1 
ATOM   835  C  C   . LYS A 1 104 ? -0.678  11.462  0.900   1.00 34.54 ? 1959 LYS A C   1 
ATOM   836  O  O   . LYS A 1 104 ? -1.514  11.713  0.025   1.00 31.26 ? 1959 LYS A O   1 
ATOM   837  C  CB  . LYS A 1 104 ? -0.469  12.695  3.068   1.00 29.93 ? 1959 LYS A CB  1 
ATOM   838  C  CG  . LYS A 1 104 ? -1.230  13.969  2.767   1.00 43.32 ? 1959 LYS A CG  1 
ATOM   839  C  CD  . LYS A 1 104 ? -2.490  14.032  3.618   1.00 48.16 ? 1959 LYS A CD  1 
ATOM   840  C  CE  . LYS A 1 104 ? -3.354  15.255  3.275   1.00 63.36 ? 1959 LYS A CE  1 
ATOM   841  N  NZ  . LYS A 1 104 ? -4.499  15.424  4.236   1.00 65.20 ? 1959 LYS A NZ  1 
ATOM   842  N  N   . TYR A 1 105 ? 0.591   11.179  0.636   1.00 28.04 ? 1960 TYR A N   1 
ATOM   843  C  CA  . TYR A 1 105 ? 1.118   11.146  -0.717  1.00 28.30 ? 1960 TYR A CA  1 
ATOM   844  C  C   . TYR A 1 105 ? 0.324   10.146  -1.557  1.00 35.09 ? 1960 TYR A C   1 
ATOM   845  O  O   . TYR A 1 105 ? -0.097  10.451  -2.686  1.00 28.77 ? 1960 TYR A O   1 
ATOM   846  C  CB  . TYR A 1 105 ? 2.599   10.784  -0.671  1.00 23.72 ? 1960 TYR A CB  1 
ATOM   847  C  CG  . TYR A 1 105 ? 3.359   10.934  -1.956  1.00 30.38 ? 1960 TYR A CG  1 
ATOM   848  C  CD1 . TYR A 1 105 ? 3.639   12.194  -2.496  1.00 32.31 ? 1960 TYR A CD1 1 
ATOM   849  C  CD2 . TYR A 1 105 ? 3.831   9.817   -2.626  1.00 30.23 ? 1960 TYR A CD2 1 
ATOM   850  C  CE1 . TYR A 1 105 ? 4.368   12.317  -3.665  1.00 28.30 ? 1960 TYR A CE1 1 
ATOM   851  C  CE2 . TYR A 1 105 ? 4.548   9.930   -3.789  1.00 29.74 ? 1960 TYR A CE2 1 
ATOM   852  C  CZ  . TYR A 1 105 ? 4.812   11.179  -4.312  1.00 34.90 ? 1960 TYR A CZ  1 
ATOM   853  O  OH  . TYR A 1 105 ? 5.534   11.263  -5.477  1.00 38.35 ? 1960 TYR A OH  1 
ATOM   854  N  N   . PHE A 1 106 ? 0.118   8.957   -0.995  1.00 26.86 ? 1961 PHE A N   1 
ATOM   855  C  CA  . PHE A 1 106 ? -0.644  7.903   -1.671  1.00 28.83 ? 1961 PHE A CA  1 
ATOM   856  C  C   . PHE A 1 106 ? -2.068  8.313   -1.960  1.00 26.01 ? 1961 PHE A C   1 
ATOM   857  O  O   . PHE A 1 106 ? -2.543  8.164   -3.086  1.00 30.06 ? 1961 PHE A O   1 
ATOM   858  C  CB  . PHE A 1 106 ? -0.707  6.623   -0.849  1.00 25.78 ? 1961 PHE A CB  1 
ATOM   859  C  CG  . PHE A 1 106 ? -1.654  5.595   -1.422  1.00 27.56 ? 1961 PHE A CG  1 
ATOM   860  C  CD1 . PHE A 1 106 ? -1.348  4.948   -2.625  1.00 27.65 ? 1961 PHE A CD1 1 
ATOM   861  C  CD2 . PHE A 1 106 ? -2.848  5.277   -0.777  1.00 26.63 ? 1961 PHE A CD2 1 
ATOM   862  C  CE1 . PHE A 1 106 ? -2.229  3.991   -3.169  1.00 27.82 ? 1961 PHE A CE1 1 
ATOM   863  C  CE2 . PHE A 1 106 ? -3.717  4.322   -1.308  1.00 25.81 ? 1961 PHE A CE2 1 
ATOM   864  C  CZ  . PHE A 1 106 ? -3.409  3.685   -2.506  1.00 19.94 ? 1961 PHE A CZ  1 
ATOM   865  N  N   . GLU A 1 107 ? -2.754  8.814   -0.936  1.00 26.19 ? 1962 GLU A N   1 
ATOM   866  C  CA  . GLU A 1 107 ? -4.187  9.036   -1.062  1.00 31.19 ? 1962 GLU A CA  1 
ATOM   867  C  C   . GLU A 1 107 ? -4.511  10.088  -2.120  1.00 33.34 ? 1962 GLU A C   1 
ATOM   868  O  O   . GLU A 1 107 ? -5.557  10.021  -2.757  1.00 28.82 ? 1962 GLU A O   1 
ATOM   869  C  CB  . GLU A 1 107 ? -4.796  9.422   0.276   1.00 29.44 ? 1962 GLU A CB  1 
ATOM   870  C  CG  . GLU A 1 107 ? -4.809  8.296   1.332   1.00 29.08 ? 1962 GLU A CG  1 
ATOM   871  C  CD  . GLU A 1 107 ? -5.579  7.016   0.929   1.00 33.95 ? 1962 GLU A CD  1 
ATOM   872  O  OE1 . GLU A 1 107 ? -6.295  6.992   -0.098  1.00 37.29 ? 1962 GLU A OE1 1 
ATOM   873  O  OE2 . GLU A 1 107 ? -5.473  6.016   1.668   1.00 34.37 ? 1962 GLU A OE2 1 
ATOM   874  N  N   . LYS A 1 108 ? -3.597  11.031  -2.324  1.00 31.97 ? 1963 LYS A N   1 
ATOM   875  C  CA  . LYS A 1 108 ? -3.741  12.032  -3.370  1.00 36.52 ? 1963 LYS A CA  1 
ATOM   876  C  C   . LYS A 1 108 ? -3.546  11.417  -4.757  1.00 40.40 ? 1963 LYS A C   1 
ATOM   877  O  O   . LYS A 1 108 ? -4.381  11.620  -5.643  1.00 40.95 ? 1963 LYS A O   1 
ATOM   878  C  CB  . LYS A 1 108 ? -2.746  13.185  -3.162  1.00 39.87 ? 1963 LYS A CB  1 
ATOM   879  C  CG  . LYS A 1 108 ? -2.527  14.059  -4.409  1.00 39.15 ? 1963 LYS A CG  1 
ATOM   880  C  CD  . LYS A 1 108 ? -2.882  15.505  -4.148  1.00 49.84 ? 1963 LYS A CD  1 
ATOM   881  C  CE  . LYS A 1 108 ? -2.242  16.433  -5.181  1.00 54.62 ? 1963 LYS A CE  1 
ATOM   882  N  NZ  . LYS A 1 108 ? -3.073  16.564  -6.401  1.00 41.85 ? 1963 LYS A NZ  1 
ATOM   883  N  N   . LYS A 1 109 ? -2.444  10.686  -4.950  1.00 34.88 ? 1964 LYS A N   1 
ATOM   884  C  CA  . LYS A 1 109 ? -2.221  9.969   -6.207  1.00 33.47 ? 1964 LYS A CA  1 
ATOM   885  C  C   . LYS A 1 109 ? -3.417  9.079   -6.524  1.00 37.55 ? 1964 LYS A C   1 
ATOM   886  O  O   . LYS A 1 109 ? -3.817  8.951   -7.674  1.00 36.62 ? 1964 LYS A O   1 
ATOM   887  C  CB  . LYS A 1 109 ? -0.970  9.101   -6.158  1.00 36.12 ? 1964 LYS A CB  1 
ATOM   888  C  CG  . LYS A 1 109 ? 0.309   9.808   -5.798  1.00 39.06 ? 1964 LYS A CG  1 
ATOM   889  C  CD  . LYS A 1 109 ? 0.968   10.427  -7.004  1.00 51.53 ? 1964 LYS A CD  1 
ATOM   890  C  CE  . LYS A 1 109 ? 2.393   10.853  -6.665  1.00 46.79 ? 1964 LYS A CE  1 
ATOM   891  N  NZ  . LYS A 1 109 ? 2.906   11.857  -7.634  1.00 59.86 ? 1964 LYS A NZ  1 
ATOM   892  N  N   . TRP A 1 110 ? -3.979  8.462   -5.492  1.00 32.77 ? 1965 TRP A N   1 
ATOM   893  C  CA  . TRP A 1 110 ? -5.105  7.559   -5.668  1.00 33.35 ? 1965 TRP A CA  1 
ATOM   894  C  C   . TRP A 1 110 ? -6.313  8.330   -6.196  1.00 41.83 ? 1965 TRP A C   1 
ATOM   895  O  O   . TRP A 1 110 ? -6.879  7.989   -7.236  1.00 36.01 ? 1965 TRP A O   1 
ATOM   896  C  CB  . TRP A 1 110 ? -5.454  6.871   -4.358  1.00 30.50 ? 1965 TRP A CB  1 
ATOM   897  C  CG  . TRP A 1 110 ? -6.409  5.743   -4.528  1.00 35.60 ? 1965 TRP A CG  1 
ATOM   898  C  CD1 . TRP A 1 110 ? -7.714  5.698   -4.129  1.00 31.93 ? 1965 TRP A CD1 1 
ATOM   899  C  CD2 . TRP A 1 110 ? -6.136  4.479   -5.148  1.00 30.97 ? 1965 TRP A CD2 1 
ATOM   900  N  NE1 . TRP A 1 110 ? -8.267  4.487   -4.460  1.00 32.03 ? 1965 TRP A NE1 1 
ATOM   901  C  CE2 . TRP A 1 110 ? -7.323  3.725   -5.095  1.00 35.08 ? 1965 TRP A CE2 1 
ATOM   902  C  CE3 . TRP A 1 110 ? -5.011  3.922   -5.760  1.00 29.17 ? 1965 TRP A CE3 1 
ATOM   903  C  CZ2 . TRP A 1 110 ? -7.411  2.439   -5.615  1.00 33.14 ? 1965 TRP A CZ2 1 
ATOM   904  C  CZ3 . TRP A 1 110 ? -5.099  2.640   -6.276  1.00 36.07 ? 1965 TRP A CZ3 1 
ATOM   905  C  CH2 . TRP A 1 110 ? -6.296  1.915   -6.203  1.00 30.10 ? 1965 TRP A CH2 1 
ATOM   906  N  N   . THR A 1 111 ? -6.692  9.375   -5.468  1.00 39.93 ? 1966 THR A N   1 
ATOM   907  C  CA  . THR A 1 111 ? -7.819  10.213  -5.849  1.00 40.26 ? 1966 THR A CA  1 
ATOM   908  C  C   . THR A 1 111 ? -7.642  10.817  -7.242  1.00 46.14 ? 1966 THR A C   1 
ATOM   909  O  O   . THR A 1 111 ? -8.548  10.742  -8.069  1.00 47.68 ? 1966 THR A O   1 
ATOM   910  C  CB  . THR A 1 111 ? -8.036  11.337  -4.840  1.00 40.66 ? 1966 THR A CB  1 
ATOM   911  O  OG1 . THR A 1 111 ? -8.531  10.777  -3.619  1.00 47.80 ? 1966 THR A OG1 1 
ATOM   912  C  CG2 . THR A 1 111 ? -9.043  12.338  -5.375  1.00 42.90 ? 1966 THR A CG2 1 
ATOM   913  N  N   . ASP A 1 112 ? -6.475  11.396  -7.512  1.00 42.79 ? 1967 ASP A N   1 
ATOM   914  C  CA  . ASP A 1 112 ? -6.235  12.011  -8.812  1.00 39.99 ? 1967 ASP A CA  1 
ATOM   915  C  C   . ASP A 1 112 ? -6.325  11.004  -9.961  1.00 48.95 ? 1967 ASP A C   1 
ATOM   916  O  O   . ASP A 1 112 ? -6.697  11.371  -11.075 1.00 45.57 ? 1967 ASP A O   1 
ATOM   917  C  CB  . ASP A 1 112 ? -4.865  12.700  -8.854  1.00 39.57 ? 1967 ASP A CB  1 
ATOM   918  C  CG  . ASP A 1 112 ? -4.771  13.900  -7.907  1.00 44.03 ? 1967 ASP A CG  1 
ATOM   919  O  OD1 . ASP A 1 112 ? -5.803  14.330  -7.350  1.00 43.51 ? 1967 ASP A OD1 1 
ATOM   920  O  OD2 . ASP A 1 112 ? -3.645  14.409  -7.709  1.00 43.79 ? 1967 ASP A OD2 1 
ATOM   921  N  N   . THR A 1 113 ? -5.989  9.741   -9.699  1.00 44.37 ? 1968 THR A N   1 
ATOM   922  C  CA  . THR A 1 113 ? -5.870  8.755   -10.780 1.00 37.85 ? 1968 THR A CA  1 
ATOM   923  C  C   . THR A 1 113 ? -7.181  8.041   -11.086 1.00 39.16 ? 1968 THR A C   1 
ATOM   924  O  O   . THR A 1 113 ? -7.438  7.685   -12.225 1.00 51.15 ? 1968 THR A O   1 
ATOM   925  C  CB  . THR A 1 113 ? -4.795  7.689   -10.453 1.00 40.21 ? 1968 THR A CB  1 
ATOM   926  O  OG1 . THR A 1 113 ? -3.531  8.332   -10.253 1.00 45.25 ? 1968 THR A OG1 1 
ATOM   927  C  CG2 . THR A 1 113 ? -4.661  6.667   -11.587 1.00 33.55 ? 1968 THR A CG2 1 
ATOM   928  N  N   . PHE A 1 114 ? -8.016  7.841   -10.075 1.00 41.69 ? 1969 PHE A N   1 
ATOM   929  C  CA  . PHE A 1 114 ? -9.171  6.973   -10.236 1.00 45.39 ? 1969 PHE A CA  1 
ATOM   930  C  C   . PHE A 1 114 ? -10.495 7.645   -9.880  1.00 55.31 ? 1969 PHE A C   1 
ATOM   931  O  O   . PHE A 1 114 ? -11.537 7.312   -10.448 1.00 64.95 ? 1969 PHE A O   1 
ATOM   932  C  CB  . PHE A 1 114 ? -8.993  5.710   -9.388  1.00 44.23 ? 1969 PHE A CB  1 
ATOM   933  C  CG  . PHE A 1 114 ? -7.846  4.833   -9.826  1.00 43.35 ? 1969 PHE A CG  1 
ATOM   934  C  CD1 . PHE A 1 114 ? -7.857  4.228   -11.071 1.00 35.15 ? 1969 PHE A CD1 1 
ATOM   935  C  CD2 . PHE A 1 114 ? -6.768  4.600   -8.984  1.00 37.21 ? 1969 PHE A CD2 1 
ATOM   936  C  CE1 . PHE A 1 114 ? -6.809  3.414   -11.472 1.00 36.50 ? 1969 PHE A CE1 1 
ATOM   937  C  CE2 . PHE A 1 114 ? -5.716  3.784   -9.378  1.00 33.81 ? 1969 PHE A CE2 1 
ATOM   938  C  CZ  . PHE A 1 114 ? -5.735  3.192   -10.620 1.00 38.38 ? 1969 PHE A CZ  1 
ATOM   939  N  N   . LYS A 1 115 ? -10.459 8.580   -8.938  1.00 58.55 ? 1970 LYS A N   1 
ATOM   940  C  CA  . LYS A 1 115 ? -11.670 9.282   -8.512  1.00 71.11 ? 1970 LYS A CA  1 
ATOM   941  C  C   . LYS A 1 115 ? -11.807 10.646  -9.203  1.00 68.10 ? 1970 LYS A C   1 
ATOM   942  O  O   . LYS A 1 115 ? -11.655 10.760  -10.424 1.00 70.55 ? 1970 LYS A O   1 
ATOM   943  C  CB  . LYS A 1 115 ? -11.678 9.455   -6.986  1.00 63.29 ? 1970 LYS A CB  1 
HETATM 944  N  N1  . 54T B 2 .   ? 7.931   -0.083  10.890  0.78 28.40 ? 2001 54T A N1  1 
HETATM 945  C  C4  . 54T B 2 .   ? 11.304  -0.273  12.224  0.78 38.33 ? 2001 54T A C4  1 
HETATM 946  C  C5  . 54T B 2 .   ? 11.066  -0.506  13.566  0.78 44.87 ? 2001 54T A C5  1 
HETATM 947  C  C6  . 54T B 2 .   ? 8.391   0.150   9.676   0.78 32.21 ? 2001 54T A C6  1 
HETATM 948  CL CL  . 54T B 2 .   ? 12.407  -0.670  14.669  0.78 50.20 ? 2001 54T A CL  1 
HETATM 949  C  C   . 54T B 2 .   ? 9.759   -0.613  14.041  0.78 37.20 ? 2001 54T A C   1 
HETATM 950  C  C3  . 54T B 2 .   ? 10.217  -0.138  11.376  0.78 36.75 ? 2001 54T A C3  1 
HETATM 951  S  S   . 54T B 2 .   ? 10.084  0.157   9.726   0.78 28.87 ? 2001 54T A S   1 
HETATM 952  N  N   . 54T B 2 .   ? 7.686   0.339   8.567   0.78 30.65 ? 2001 54T A N   1 
HETATM 953  C  C2  . 54T B 2 .   ? 8.874   -0.244  11.848  0.78 29.08 ? 2001 54T A C2  1 
HETATM 954  C  C1  . 54T B 2 .   ? 8.664   -0.493  13.208  0.78 36.26 ? 2001 54T A C1  1 
HETATM 955  N  N1  . 54T C 2 .   ? 13.057  -2.570  8.802   0.71 39.77 ? 2002 54T A N1  1 
HETATM 956  C  C4  . 54T C 2 .   ? 14.544  0.546   9.916   0.71 48.55 ? 2002 54T A C4  1 
HETATM 957  C  C5  . 54T C 2 .   ? 14.821  0.276   11.240  0.71 53.86 ? 2002 54T A C5  1 
HETATM 958  C  C6  . 54T C 2 .   ? 12.895  -2.099  7.590   0.71 39.61 ? 2002 54T A C6  1 
HETATM 959  CL CL  . 54T C 2 .   ? 15.564  1.498   12.236  0.71 63.36 ? 2002 54T A CL  1 
HETATM 960  C  C   . 54T C 2 .   ? 14.506  -0.971  11.793  0.71 49.32 ? 2002 54T A C   1 
HETATM 961  C  C3  . 54T C 2 .   ? 13.953  -0.446  9.151   0.71 51.84 ? 2002 54T A C3  1 
HETATM 962  S  S   . 54T C 2 .   ? 13.479  -0.514  7.545   0.71 45.56 ? 2002 54T A S   1 
HETATM 963  N  N   . 54T C 2 .   ? 12.369  -2.724  6.542   0.71 29.87 ? 2002 54T A N   1 
HETATM 964  C  C2  . 54T C 2 .   ? 13.626  -1.722  9.692   0.71 49.03 ? 2002 54T A C2  1 
HETATM 965  C  C1  . 54T C 2 .   ? 13.914  -1.970  11.040  0.71 51.93 ? 2002 54T A C1  1 
HETATM 966  C  C1  . EDO D 3 .   ? 0.782   8.207   -11.478 1.00 56.95 ? 2003 EDO A C1  1 
HETATM 967  O  O1  . EDO D 3 .   ? 0.357   8.903   -10.293 1.00 52.10 ? 2003 EDO A O1  1 
HETATM 968  C  C2  . EDO D 3 .   ? -0.322  7.290   -11.998 1.00 55.40 ? 2003 EDO A C2  1 
HETATM 969  O  O2  . EDO D 3 .   ? -1.536  8.044   -12.138 1.00 57.41 ? 2003 EDO A O2  1 
HETATM 970  O  O   . HOH E 4 .   ? 2.250   6.791   22.374  1.00 50.25 ? 2101 HOH A O   1 
HETATM 971  O  O   . HOH E 4 .   ? 9.349   -2.498  -4.500  1.00 41.39 ? 2102 HOH A O   1 
HETATM 972  O  O   . HOH E 4 .   ? 10.090  5.700   22.274  1.00 57.96 ? 2103 HOH A O   1 
HETATM 973  O  O   . HOH E 4 .   ? -32.488 -9.430  -11.481 1.00 28.48 ? 2104 HOH A O   1 
HETATM 974  O  O   . HOH E 4 .   ? 13.372  -4.678  9.802   1.00 52.59 ? 2105 HOH A O   1 
HETATM 975  O  O   . HOH E 4 .   ? -10.343 2.861   -2.334  1.00 48.58 ? 2106 HOH A O   1 
HETATM 976  O  O   . HOH E 4 .   ? 10.860  -3.845  19.392  0.50 41.64 ? 2107 HOH A O   1 
HETATM 977  O  O   . HOH E 4 .   ? -11.492 3.794   -4.996  1.00 49.41 ? 2108 HOH A O   1 
HETATM 978  O  O   . HOH E 4 .   ? -5.339  -1.893  7.411   1.00 34.07 ? 2109 HOH A O   1 
HETATM 979  O  O   . HOH E 4 .   ? -1.481  13.296  -8.325  1.00 45.83 ? 2110 HOH A O   1 
HETATM 980  O  O   . HOH E 4 .   ? -5.521  6.114   4.193   1.00 40.94 ? 2111 HOH A O   1 
HETATM 981  O  O   . HOH E 4 .   ? -2.273  -13.795 -2.819  1.00 48.53 ? 2112 HOH A O   1 
HETATM 982  O  O   . HOH E 4 .   ? 7.808   -8.168  8.436   1.00 31.92 ? 2113 HOH A O   1 
HETATM 983  O  O   . HOH E 4 .   ? -13.891 -5.939  -15.254 1.00 61.70 ? 2114 HOH A O   1 
HETATM 984  O  O   . HOH E 4 .   ? 9.187   -9.526  15.998  1.00 47.92 ? 2115 HOH A O   1 
HETATM 985  O  O   . HOH E 4 .   ? 4.249   -4.597  -11.006 1.00 43.64 ? 2116 HOH A O   1 
HETATM 986  O  O   . HOH E 4 .   ? 5.299   -0.884  10.695  1.00 25.02 ? 2117 HOH A O   1 
HETATM 987  O  O   . HOH E 4 .   ? 10.740  -8.520  -0.416  1.00 43.40 ? 2118 HOH A O   1 
HETATM 988  O  O   . HOH E 4 .   ? 9.372   -7.056  -4.999  1.00 36.35 ? 2119 HOH A O   1 
HETATM 989  O  O   . HOH E 4 .   ? -5.641  -12.133 -8.024  1.00 42.09 ? 2120 HOH A O   1 
HETATM 990  O  O   . HOH E 4 .   ? 12.849  5.973   -1.895  1.00 36.07 ? 2121 HOH A O   1 
HETATM 991  O  O   . HOH E 4 .   ? -0.781  7.260   8.796   1.00 35.30 ? 2122 HOH A O   1 
HETATM 992  O  O   . HOH E 4 .   ? -25.881 -0.769  -7.141  1.00 37.79 ? 2123 HOH A O   1 
HETATM 993  O  O   . HOH E 4 .   ? 0.359   12.776  -3.870  1.00 33.47 ? 2124 HOH A O   1 
HETATM 994  O  O   . HOH E 4 .   ? -1.435  11.230  6.430   1.00 37.78 ? 2125 HOH A O   1 
HETATM 995  O  O   . HOH E 4 .   ? 12.909  8.915   15.518  1.00 45.27 ? 2126 HOH A O   1 
HETATM 996  O  O   . HOH E 4 .   ? 0.514   -9.976  5.897   1.00 38.00 ? 2127 HOH A O   1 
HETATM 997  O  O   . HOH E 4 .   ? -7.003  1.894   6.453   1.00 36.31 ? 2128 HOH A O   1 
HETATM 998  O  O   . HOH E 4 .   ? 5.871   -7.157  4.881   1.00 24.75 ? 2129 HOH A O   1 
HETATM 999  O  O   . HOH E 4 .   ? 8.502   -2.185  6.067   1.00 26.52 ? 2130 HOH A O   1 
HETATM 1000 O  O   . HOH E 4 .   ? 3.235   13.793  8.670   1.00 43.07 ? 2131 HOH A O   1 
HETATM 1001 O  O   . HOH E 4 .   ? 13.640  -7.469  5.726   1.00 52.17 ? 2132 HOH A O   1 
HETATM 1002 O  O   . HOH E 4 .   ? -21.259 -1.043  -8.195  1.00 56.11 ? 2133 HOH A O   1 
HETATM 1003 O  O   . HOH E 4 .   ? 6.069   -2.047  6.416   1.00 23.99 ? 2134 HOH A O   1 
HETATM 1004 O  O   . HOH E 4 .   ? -0.776  0.710   18.953  1.00 40.66 ? 2135 HOH A O   1 
HETATM 1005 O  O   . HOH E 4 .   ? 12.581  -0.929  4.498   1.00 24.13 ? 2136 HOH A O   1 
HETATM 1006 O  O   . HOH E 4 .   ? 4.703   -14.114 -6.471  1.00 45.20 ? 2137 HOH A O   1 
HETATM 1007 O  O   . HOH E 4 .   ? -2.769  -8.866  2.122   1.00 32.31 ? 2138 HOH A O   1 
HETATM 1008 O  O   . HOH E 4 .   ? 0.040   12.524  17.819  1.00 46.98 ? 2139 HOH A O   1 
HETATM 1009 O  O   . HOH E 4 .   ? -5.594  -6.597  -0.067  1.00 30.62 ? 2140 HOH A O   1 
HETATM 1010 O  O   . HOH E 4 .   ? -27.824 -3.592  -10.871 1.00 34.95 ? 2141 HOH A O   1 
HETATM 1011 O  O   . HOH E 4 .   ? -7.789  8.763   -1.589  1.00 42.19 ? 2142 HOH A O   1 
HETATM 1012 O  O   . HOH E 4 .   ? 1.972   8.078   18.832  1.00 37.35 ? 2143 HOH A O   1 
HETATM 1013 O  O   . HOH E 4 .   ? -1.348  6.612   15.804  1.00 46.74 ? 2144 HOH A O   1 
HETATM 1014 O  O   . HOH E 4 .   ? 1.473   5.532   9.026   1.00 28.74 ? 2145 HOH A O   1 
HETATM 1015 O  O   . HOH E 4 .   ? 1.384   -13.010 15.447  1.00 47.68 ? 2146 HOH A O   1 
HETATM 1016 O  O   . HOH E 4 .   ? 11.983  -10.720 8.632   1.00 53.61 ? 2147 HOH A O   1 
HETATM 1017 O  O   . HOH E 4 .   ? 9.851   4.598   15.360  1.00 45.81 ? 2148 HOH A O   1 
HETATM 1018 O  O   . HOH E 4 .   ? 8.711   -8.345  -7.721  1.00 41.53 ? 2149 HOH A O   1 
HETATM 1019 O  O   . HOH E 4 .   ? -2.156  -6.468  13.390  1.00 35.45 ? 2150 HOH A O   1 
HETATM 1020 O  O   . HOH E 4 .   ? 8.190   9.901   -5.784  1.00 34.63 ? 2151 HOH A O   1 
HETATM 1021 O  O   . HOH E 4 .   ? -9.668  1.344   2.576   1.00 41.75 ? 2152 HOH A O   1 
HETATM 1022 O  O   . HOH E 4 .   ? 11.467  12.671  16.754  1.00 44.35 ? 2153 HOH A O   1 
HETATM 1023 O  O   . HOH E 4 .   ? -3.199  9.257   12.805  1.00 55.10 ? 2154 HOH A O   1 
HETATM 1024 O  O   . HOH E 4 .   ? 3.888   -8.954  -14.377 1.00 43.54 ? 2155 HOH A O   1 
HETATM 1025 O  O   . HOH E 4 .   ? 4.363   -4.258  8.054   1.00 25.43 ? 2156 HOH A O   1 
HETATM 1026 O  O   . HOH E 4 .   ? -1.740  10.773  -10.352 1.00 53.76 ? 2157 HOH A O   1 
HETATM 1027 O  O   . HOH E 4 .   ? -26.235 -11.543 -14.157 1.00 39.04 ? 2158 HOH A O   1 
HETATM 1028 O  O   . HOH E 4 .   ? -6.224  -2.165  4.776   1.00 27.74 ? 2159 HOH A O   1 
HETATM 1029 O  O   . HOH E 4 .   ? 5.339   11.479  -9.005  1.00 58.55 ? 2160 HOH A O   1 
HETATM 1030 O  O   . HOH E 4 .   ? -9.616  -3.091  -10.945 1.00 34.46 ? 2161 HOH A O   1 
HETATM 1031 O  O   . HOH E 4 .   ? 2.792   6.570   11.325  1.00 27.76 ? 2162 HOH A O   1 
HETATM 1032 O  O   . HOH E 4 .   ? 8.696   -9.705  0.285   1.00 45.04 ? 2163 HOH A O   1 
HETATM 1033 O  O   . HOH E 4 .   ? 6.020   1.707   -13.162 1.00 49.59 ? 2164 HOH A O   1 
HETATM 1034 O  O   . HOH E 4 .   ? 2.926   0.910   -15.502 1.00 44.16 ? 2165 HOH A O   1 
HETATM 1035 O  O   . HOH E 4 .   ? -3.038  -2.378  -17.175 1.00 28.27 ? 2166 HOH A O   1 
HETATM 1036 O  O   . HOH E 4 .   ? 4.149   10.422  19.459  1.00 40.70 ? 2167 HOH A O   1 
HETATM 1037 O  O   . HOH E 4 .   ? -2.771  -2.500  10.960  1.00 41.02 ? 2168 HOH A O   1 
HETATM 1038 O  O   . HOH E 4 .   ? 2.755   6.665   13.936  1.00 32.02 ? 2169 HOH A O   1 
HETATM 1039 O  O   . HOH E 4 .   ? 13.317  2.422   -4.138  1.00 43.79 ? 2170 HOH A O   1 
HETATM 1040 O  O   . HOH E 4 .   ? -5.116  -5.942  2.566   1.00 38.82 ? 2171 HOH A O   1 
HETATM 1041 O  O   . HOH E 4 .   ? 9.168   0.359   -10.868 1.00 47.79 ? 2172 HOH A O   1 
HETATM 1042 O  O   . HOH E 4 .   ? 4.809   -0.298  8.093   1.00 26.87 ? 2173 HOH A O   1 
HETATM 1043 O  O   . HOH E 4 .   ? -26.012 -0.516  -18.067 1.00 38.48 ? 2174 HOH A O   1 
HETATM 1044 O  O   . HOH E 4 .   ? -3.384  13.860  0.419   1.00 38.31 ? 2175 HOH A O   1 
HETATM 1045 O  O   . HOH E 4 .   ? 3.816   -10.174 4.393   1.00 43.42 ? 2176 HOH A O   1 
HETATM 1046 O  O   . HOH E 4 .   ? 0.809   13.551  -6.620  1.00 49.07 ? 2177 HOH A O   1 
HETATM 1047 O  O   . HOH E 4 .   ? -14.732 -2.499  -14.109 1.00 48.14 ? 2178 HOH A O   1 
HETATM 1048 O  O   . HOH E 4 .   ? 11.693  6.448   13.861  1.00 34.43 ? 2179 HOH A O   1 
HETATM 1049 O  O   . HOH E 4 .   ? -8.490  1.312   -16.350 1.00 36.48 ? 2180 HOH A O   1 
HETATM 1050 O  O   . HOH E 4 .   ? 3.077   -11.585 12.099  1.00 48.24 ? 2181 HOH A O   1 
HETATM 1051 O  O   . HOH E 4 .   ? -6.513  17.256  3.274   1.00 55.84 ? 2182 HOH A O   1 
HETATM 1052 O  O   . HOH E 4 .   ? -11.879 4.140   -15.656 1.00 52.78 ? 2183 HOH A O   1 
HETATM 1053 O  O   . HOH E 4 .   ? 3.986   -13.879 -3.670  1.00 39.73 ? 2184 HOH A O   1 
HETATM 1054 O  O   . HOH E 4 .   ? -24.536 -2.784  -9.987  1.00 50.17 ? 2185 HOH A O   1 
HETATM 1055 O  O   . HOH E 4 .   ? 9.375   -9.654  21.581  1.00 43.29 ? 2186 HOH A O   1 
HETATM 1056 O  O   . HOH E 4 .   ? -1.859  -5.956  10.735  1.00 32.77 ? 2187 HOH A O   1 
HETATM 1057 O  O   . HOH E 4 .   ? 10.451  9.044   19.262  1.00 57.71 ? 2188 HOH A O   1 
HETATM 1058 O  O   . HOH E 4 .   ? 15.611  1.306   3.942   1.00 46.52 ? 2189 HOH A O   1 
HETATM 1059 O  O   . HOH E 4 .   ? -3.367  18.157  4.517   1.00 45.24 ? 2190 HOH A O   1 
HETATM 1060 O  O   . HOH E 4 .   ? 10.379  -1.717  -2.432  1.00 32.37 ? 2191 HOH A O   1 
HETATM 1061 O  O   . HOH E 4 .   ? -0.290  -11.184 1.437   1.00 37.31 ? 2192 HOH A O   1 
HETATM 1062 O  O   . HOH E 4 .   ? 6.641   -5.863  7.196   1.00 22.50 ? 2193 HOH A O   1 
HETATM 1063 O  O   . HOH E 4 .   ? -5.302  -9.704  -2.837  1.00 43.29 ? 2194 HOH A O   1 
HETATM 1064 O  O   . HOH E 4 .   ? -14.057 -1.332  -11.933 1.00 54.19 ? 2195 HOH A O   1 
HETATM 1065 O  O   . HOH E 4 .   ? 3.506   12.434  12.600  1.00 42.69 ? 2196 HOH A O   1 
HETATM 1066 O  O   . HOH E 4 .   ? -2.271  -8.098  -9.487  1.00 30.75 ? 2197 HOH A O   1 
HETATM 1067 O  O   . HOH E 4 .   ? 10.590  12.608  -2.342  1.00 32.61 ? 2198 HOH A O   1 
HETATM 1068 O  O   . HOH E 4 .   ? 14.491  7.475   -3.408  1.00 50.90 ? 2199 HOH A O   1 
HETATM 1069 O  O   . HOH E 4 .   ? -13.193 -7.953  -8.543  1.00 51.77 ? 2200 HOH A O   1 
HETATM 1070 O  O   . HOH E 4 .   ? 8.406   4.841   17.724  1.00 41.86 ? 2201 HOH A O   1 
HETATM 1071 O  O   . HOH E 4 .   ? -4.660  -9.064  -0.755  1.00 37.06 ? 2202 HOH A O   1 
HETATM 1072 O  O   . HOH E 4 .   ? -11.191 5.443   -13.384 1.00 52.60 ? 2203 HOH A O   1 
HETATM 1073 O  O   . HOH E 4 .   ? -12.581 -6.085  -3.460  1.00 48.64 ? 2204 HOH A O   1 
HETATM 1074 O  O   . HOH E 4 .   ? -10.882 -10.360 -10.736 1.00 47.76 ? 2205 HOH A O   1 
HETATM 1075 O  O   . HOH E 4 .   ? 3.307   16.310  7.809   1.00 43.04 ? 2206 HOH A O   1 
HETATM 1076 O  O   . HOH E 4 .   ? 10.040  6.697   19.336  1.00 51.31 ? 2207 HOH A O   1 
HETATM 1077 O  O   . HOH E 4 .   ? 8.642   7.842   -9.773  1.00 49.24 ? 2208 HOH A O   1 
HETATM 1078 O  O   . HOH E 4 .   ? -4.893  3.854   11.175  1.00 57.35 ? 2209 HOH A O   1 
HETATM 1079 O  O   . HOH E 4 .   ? -10.848 5.001   -1.662  1.00 51.68 ? 2210 HOH A O   1 
HETATM 1080 O  O   . HOH E 4 .   ? -5.800  16.861  -4.736  1.00 52.16 ? 2211 HOH A O   1 
HETATM 1081 O  O   . HOH E 4 .   ? -3.785  9.142   9.707   1.00 56.61 ? 2212 HOH A O   1 
HETATM 1082 O  O   . HOH E 4 .   ? -0.268  8.539   18.958  1.00 57.92 ? 2213 HOH A O   1 
HETATM 1083 O  O   . HOH E 4 .   ? 14.228  5.625   0.408   1.00 33.82 ? 2214 HOH A O   1 
HETATM 1084 O  O   . HOH E 4 .   ? -4.078  2.014   12.637  1.00 49.00 ? 2215 HOH A O   1 
HETATM 1085 O  O   . HOH E 4 .   ? 7.968   10.108  -8.552  1.00 48.85 ? 2216 HOH A O   1 
HETATM 1086 O  O   . HOH E 4 .   ? -7.326  4.158   5.393   1.00 42.95 ? 2217 HOH A O   1 
HETATM 1087 O  O   . HOH E 4 .   ? -9.043  7.100   2.378   1.00 54.93 ? 2218 HOH A O   1 
HETATM 1088 O  O   . HOH E 4 .   ? -10.652 5.309   1.921   1.00 57.75 ? 2219 HOH A O   1 
HETATM 1089 O  O   . HOH E 4 .   ? -13.168 -2.806  -7.674  1.00 49.46 ? 2220 HOH A O   1 
HETATM 1090 O  O   . HOH E 4 .   ? -10.168 7.736   -1.929  1.00 47.72 ? 2221 HOH A O   1 
HETATM 1091 O  O   . HOH E 4 .   ? 12.933  -2.272  -2.523  1.00 50.46 ? 2222 HOH A O   1 
HETATM 1092 O  O   . HOH E 4 .   ? 15.135  -0.911  3.132   1.00 43.41 ? 2223 HOH A O   1 
HETATM 1093 O  O   . HOH E 4 .   ? 9.926   -11.299 7.469   1.00 56.90 ? 2224 HOH A O   1 
HETATM 1094 O  O   . HOH E 4 .   ? -2.416  19.576  -4.017  1.00 47.73 ? 2225 HOH A O   1 
HETATM 1095 O  O   . HOH E 4 .   ? -8.973  9.680   1.106   1.00 57.85 ? 2226 HOH A O   1 
HETATM 1096 O  O   . HOH E 4 .   ? 4.750   -11.820 -2.115  1.00 46.76 ? 2227 HOH A O   1 
HETATM 1097 O  O   . HOH E 4 .   ? 8.560   13.452  -3.979  1.00 40.22 ? 2228 HOH A O   1 
HETATM 1098 O  O   . HOH E 4 .   ? 6.182   -9.825  4.724   1.00 26.47 ? 2229 HOH A O   1 
HETATM 1099 O  O   . HOH E 4 .   ? 13.515  -9.746  6.724   1.00 49.91 ? 2230 HOH A O   1 
HETATM 1100 O  O   . HOH E 4 .   ? -9.892  3.892   3.908   1.00 44.02 ? 2231 HOH A O   1 
HETATM 1101 O  O   . HOH E 4 .   ? -6.240  -5.131  4.737   1.00 38.09 ? 2232 HOH A O   1 
HETATM 1102 O  O   . HOH E 4 .   ? 15.696  -5.735  5.946   1.00 51.88 ? 2233 HOH A O   1 
HETATM 1103 O  O   . HOH E 4 .   ? -12.087 -2.937  -10.377 1.00 39.08 ? 2234 HOH A O   1 
HETATM 1104 O  O   . HOH E 4 .   ? -6.388  8.644   4.779   1.00 48.98 ? 2235 HOH A O   1 
HETATM 1105 O  O   . HOH E 4 .   ? 2.715   -5.017  -13.324 1.00 46.03 ? 2236 HOH A O   1 
HETATM 1106 O  O   . HOH E 4 .   ? -7.969  0.069   4.755   1.00 39.76 ? 2237 HOH A O   1 
HETATM 1107 O  O   . HOH E 4 .   ? -11.675 -8.923  -2.837  1.00 57.27 ? 2238 HOH A O   1 
HETATM 1108 O  O   . HOH E 4 .   ? -5.746  -6.616  6.792   1.00 46.59 ? 2239 HOH A O   1 
HETATM 1109 O  O   . HOH E 4 .   ? -4.206  -6.200  9.602   1.00 40.05 ? 2240 HOH A O   1 
HETATM 1110 O  O   . HOH E 4 .   ? 10.674  -4.913  -5.587  1.00 41.66 ? 2241 HOH A O   1 
HETATM 1111 O  O   . HOH E 4 .   ? -5.038  -3.518  9.789   1.00 38.03 ? 2242 HOH A O   1 
HETATM 1112 O  O   . HOH E 4 .   ? -7.779  -11.014 -2.789  1.00 49.26 ? 2243 HOH A O   1 
HETATM 1113 O  O   . HOH E 4 .   ? -25.016 3.617   -6.764  1.00 45.94 ? 2244 HOH A O   1 
HETATM 1114 O  O   . HOH E 4 .   ? 7.176   -10.526 7.257   1.00 37.20 ? 2245 HOH A O   1 
HETATM 1115 O  O   . HOH E 4 .   ? -1.567  -10.028 3.900   1.00 45.33 ? 2246 HOH A O   1 
HETATM 1116 O  O   . HOH E 4 .   ? 1.520   -12.537 6.580   1.00 50.81 ? 2247 HOH A O   1 
HETATM 1117 O  O   . HOH E 4 .   ? -4.546  -6.823  13.536  1.00 43.74 ? 2248 HOH A O   1 
HETATM 1118 O  O   . HOH E 4 .   ? 3.739   -12.973 10.380  1.00 47.07 ? 2249 HOH A O   1 
HETATM 1119 O  O   . HOH E 4 .   ? 8.567   -11.656 3.212   1.00 53.96 ? 2250 HOH A O   1 
HETATM 1120 O  O   . HOH E 4 .   ? 2.792   -12.299 -0.473  1.00 46.56 ? 2251 HOH A O   1 
HETATM 1121 O  O   . HOH E 4 .   ? -24.501 4.328   -8.753  1.00 52.13 ? 2252 HOH A O   1 
HETATM 1122 O  O   . HOH E 4 .   ? -5.409  -10.461 1.952   1.00 51.33 ? 2253 HOH A O   1 
HETATM 1123 O  O   . HOH E 4 .   ? 12.855  -4.729  -3.792  1.00 46.79 ? 2254 HOH A O   1 
HETATM 1124 O  O   . HOH E 4 .   ? 3.107   13.972  10.968  1.00 43.02 ? 2255 HOH A O   1 
HETATM 1125 O  O   . HOH E 4 .   ? 1.987   -11.371 1.990   1.00 44.87 ? 2256 HOH A O   1 
HETATM 1126 O  O   . HOH E 4 .   ? -27.624 1.453   -18.720 1.00 33.54 ? 2257 HOH A O   1 
HETATM 1127 O  O   . HOH E 4 .   ? 13.092  -0.502  -4.406  1.00 52.43 ? 2258 HOH A O   1 
HETATM 1128 O  O   . HOH E 4 .   ? 15.296  -2.100  -1.202  1.00 46.25 ? 2259 HOH A O   1 
HETATM 1129 O  O   . HOH E 4 .   ? 4.928   -12.565 8.003   1.00 41.40 ? 2260 HOH A O   1 
HETATM 1130 O  O   . HOH E 4 .   ? 16.084  -1.115  0.625   1.00 44.56 ? 2261 HOH A O   1 
HETATM 1131 O  O   . HOH E 4 .   ? 11.369  -11.331 4.595   1.00 51.62 ? 2262 HOH A O   1 
HETATM 1132 O  O   . HOH E 4 .   ? 16.628  -4.278  -2.089  1.00 51.61 ? 2263 HOH A O   1 
# 
